data_6TNI
#
_entry.id   6TNI
#
_cell.length_a   1.00
_cell.length_b   1.00
_cell.length_c   1.00
_cell.angle_alpha   90.00
_cell.angle_beta   90.00
_cell.angle_gamma   90.00
#
_symmetry.space_group_name_H-M   'P 1'
#
_entity_poly.entity_id   1
_entity_poly.type   'polypeptide(L)'
_entity_poly.pdbx_seq_one_letter_code
;MVSKRKLSKIDAAEESSKTDLQSRCPETKRSRISDKRAPSQGGLENEGVFEELLRTSGIILKVGEGQNEIAVDQTAFQKK
LRVALEKHPSYPGVVNEFISGLESHIKDRSQFKNCLLPCTPARTEGSRTLVHSYCESLIKLLLGIKILQPAVVTLLLEKI
PEFFFDVVGTFGTNFPRLIVNQFKWLDGLLDSQDLVKKLMQMLSVSPVPIQHDIITSLPEILEDSQQNEVARELSCLLKQ
GRRLTVPILDALSRLDLDAELLAKVRQSAMTIVPSVKLEDLPVVIKFILHNVKAADAVEVISDLRKSLDLSSCVLPLQLL
GSQRKLKSQAQASSSMSQVTTSQNCVKLLFDVIKLAVRFQKDVSEAWIKAIENSTSVSDHKVLDLIVLLLIHSTNSKNRK
QTEKVLRSKIRLGCMPEQLMQNAFQNHSMVIKDFFPSILSLAQTFLHSAHPAVVSFGSCMYKQAFAVFDSYCQQEVVCAL
VTHVCSGNETELDISLDVLTDLVILHPSLLLRYATFVKTILDSMQKLNPCQIRKLFYILSTLAFSQRQEGSYIQDDMHMV
IRKWLSSSVPNHKQMGIIGAVTMMGSVALKRNEADGGLLERPELSIECDGQLSTLLDLVGFCCEQTPEVLALYYDELANL
IEKQKGNLDLQLLDKFGKSLVEDFPNDFVVDLSPTVDGSFLFPVKSLYNLDEDETQGAIAINLLPLVSQSEPGRVADEMS
NSRKRVVSPICLSPCFRLLRLYTGEQNNGSLEEIDALLGCPLYLTDLEVEGKLDSLSKQEREFLCSLLFYALNWFREVVN
AFCQQQDAEMKGKVLTRLQNITELQNVLGKCLAATPGYVPPPATFDSEAPEGVPSINAGGPVRKKNGKKRKSDSSKACSA
ERTQADESSDGNQPDTELSELEKSAAEKETGNPLAQLQSYRPYFRELDLEVFSVLHCGLLTKSILDTEMHTEASEVVQLG
PAELCFLLDDMCWKLEHVLTPGSTRRVPFLKERGNKDVGFSHLCQRSPKEVAVCVVKLLKPLCNHMENMHNYFQTVIPNQ
GVVDESGLNIQEYQLMSSCYHQLLLAFRLLFAWSGFSQHENSNLLRSALQVLADRLKPGETEFLPLEELISESFQYLLNF
QASIPSFQCAFILTQVLMAISEKPMTGWKREKMASLAKQFLCQSWMKPGGDREKGSHFNSALHTLLCVYLEHTDNILKAI
EEISSVGVPELINSAKDGCSSTYPTLSRQTFPVFFRVMMAQLESSVKSIPAGKPSDSGEVQLEKLLKWNIAVRNFHILIN
LVKVFDSRPVLSICLKYGRLFVEAFLKLAMPLLDHSFKKHRDDVQSLLKTLQLSTRQLHHMCGHSKIHQDLGLTNHVPLL
KKSLEQFVYRVKAMLAFNHCQEAFWVGVLKNRDLQGEEILSQASAAPEEDSAEGSEEDTEDSAAEEPDGTDSDSGGAGRL
EVLFQGPWSHPQFEKGSAGSAAGSGAGWSHPQFEK
;
_entity_poly.pdbx_strand_id   A,a
#
# COMPACT_ATOMS: atom_id res chain seq x y z
N ALA A 151 10.48 1.64 67.41
CA ALA A 151 10.27 0.67 68.49
C ALA A 151 9.09 -0.25 68.20
N VAL A 152 7.93 0.06 68.78
CA VAL A 152 6.75 -0.77 68.59
C VAL A 152 6.18 -0.55 67.19
N VAL A 153 5.51 -1.60 66.68
CA VAL A 153 5.06 -1.59 65.29
C VAL A 153 3.69 -0.95 65.10
N THR A 154 2.84 -0.97 66.12
CA THR A 154 1.52 -0.33 66.01
C THR A 154 1.42 0.99 66.77
N LEU A 155 2.47 1.38 67.50
CA LEU A 155 2.40 2.54 68.38
C LEU A 155 2.52 3.83 67.58
N LEU A 156 2.68 4.94 68.30
CA LEU A 156 2.69 6.27 67.71
C LEU A 156 3.98 7.05 67.93
N LEU A 157 4.54 6.99 69.15
CA LEU A 157 5.62 7.90 69.55
C LEU A 157 6.89 7.63 68.75
N GLU A 158 7.36 6.39 68.75
CA GLU A 158 8.52 6.04 67.94
C GLU A 158 8.17 5.92 66.46
N LYS A 159 6.88 5.88 66.13
CA LYS A 159 6.43 5.65 64.77
C LYS A 159 6.03 6.95 64.10
N ILE A 160 5.43 6.81 62.90
CA ILE A 160 4.95 7.99 62.18
C ILE A 160 3.78 8.65 62.90
N PRO A 161 3.00 7.95 63.72
CA PRO A 161 1.79 8.57 64.28
C PRO A 161 2.03 9.43 65.51
N GLU A 162 3.28 9.80 65.81
CA GLU A 162 3.51 10.78 66.86
C GLU A 162 3.06 12.17 66.43
N PHE A 163 3.69 12.72 65.38
CA PHE A 163 3.40 14.06 64.90
C PHE A 163 2.31 14.08 63.84
N PHE A 164 1.57 12.99 63.70
CA PHE A 164 0.51 12.91 62.70
C PHE A 164 -0.77 13.58 63.18
N PHE A 165 -0.87 13.87 64.47
CA PHE A 165 -2.03 14.57 65.01
C PHE A 165 -2.07 16.03 64.57
N ASP A 166 -0.93 16.62 64.27
CA ASP A 166 -0.84 18.01 63.83
C ASP A 166 0.10 18.13 62.63
N VAL A 167 0.22 17.06 61.85
CA VAL A 167 1.02 17.08 60.63
C VAL A 167 0.37 18.03 59.64
N VAL A 168 1.19 18.71 58.86
CA VAL A 168 0.73 19.71 57.90
C VAL A 168 1.20 19.28 56.51
N GLY A 169 0.95 20.12 55.50
CA GLY A 169 1.35 19.80 54.14
C GLY A 169 2.85 19.60 53.98
N THR A 170 3.64 20.28 54.82
CA THR A 170 5.06 19.98 54.88
C THR A 170 5.32 18.73 55.72
N PHE A 171 4.61 18.57 56.83
CA PHE A 171 4.77 17.41 57.69
C PHE A 171 3.99 16.20 57.20
N GLY A 172 3.29 16.35 56.07
CA GLY A 172 2.72 15.18 55.41
C GLY A 172 3.78 14.22 54.93
N THR A 173 4.72 14.71 54.14
CA THR A 173 5.79 13.90 53.57
C THR A 173 7.00 13.99 54.48
N ASN A 174 6.73 14.24 55.76
CA ASN A 174 7.76 14.22 56.80
C ASN A 174 7.36 13.22 57.86
N PHE A 175 6.07 13.14 58.15
CA PHE A 175 5.58 12.00 58.90
C PHE A 175 5.69 10.78 58.00
N PRO A 176 5.62 10.98 56.68
CA PRO A 176 5.93 9.87 55.77
C PRO A 176 7.42 9.59 55.60
N ARG A 177 8.29 10.45 56.15
CA ARG A 177 9.73 10.32 55.87
C ARG A 177 10.32 9.06 56.48
N LEU A 178 10.15 8.85 57.78
CA LEU A 178 10.57 7.58 58.38
C LEU A 178 9.67 6.45 57.92
N ILE A 179 8.43 6.77 57.55
CA ILE A 179 7.57 5.78 56.94
C ILE A 179 8.11 5.36 55.59
N VAL A 180 8.63 6.31 54.80
CA VAL A 180 9.24 5.95 53.53
C VAL A 180 10.60 5.27 53.75
N ASN A 181 11.20 5.50 54.92
CA ASN A 181 12.49 4.89 55.21
C ASN A 181 12.33 3.45 55.70
N GLN A 182 11.16 3.10 56.22
CA GLN A 182 10.98 1.81 56.87
C GLN A 182 10.72 0.66 55.89
N PHE A 183 11.04 0.85 54.60
CA PHE A 183 10.91 -0.23 53.63
C PHE A 183 12.19 -0.47 52.84
N LYS A 184 13.04 0.55 52.70
CA LYS A 184 14.36 0.37 52.11
C LYS A 184 15.23 -0.49 53.01
N TRP A 185 16.31 -1.02 52.43
CA TRP A 185 17.07 -2.15 52.98
C TRP A 185 16.17 -3.36 53.25
N LEU A 186 15.11 -3.47 52.44
CA LEU A 186 14.09 -4.52 52.53
C LEU A 186 13.50 -4.63 53.94
N ASP A 187 13.26 -3.47 54.54
CA ASP A 187 12.83 -3.43 55.93
C ASP A 187 11.37 -3.85 56.05
N GLY A 188 11.12 -4.85 56.89
CA GLY A 188 9.78 -5.35 57.12
C GLY A 188 9.01 -4.59 58.18
N LEU A 189 8.56 -3.39 57.85
CA LEU A 189 7.69 -2.64 58.74
C LEU A 189 6.27 -3.17 58.60
N LEU A 190 5.98 -4.29 59.29
CA LEU A 190 4.77 -5.05 59.03
C LEU A 190 3.50 -4.34 59.45
N ASP A 191 3.48 -3.72 60.63
CA ASP A 191 2.29 -2.98 61.04
C ASP A 191 2.33 -1.53 60.61
N SER A 192 3.39 -1.10 59.93
CA SER A 192 3.47 0.26 59.43
C SER A 192 2.96 0.36 58.00
N GLN A 193 1.79 -0.22 57.76
CA GLN A 193 0.94 0.21 56.66
C GLN A 193 -0.50 0.17 57.15
N ASP A 194 -0.75 -0.68 58.15
CA ASP A 194 -2.10 -0.95 58.62
C ASP A 194 -2.62 0.11 59.58
N LEU A 195 -1.85 0.42 60.64
CA LEU A 195 -2.20 1.55 61.48
C LEU A 195 -2.16 2.85 60.71
N VAL A 196 -1.26 2.94 59.71
CA VAL A 196 -1.18 4.12 58.87
C VAL A 196 -2.46 4.30 58.06
N LYS A 197 -2.92 3.23 57.41
CA LYS A 197 -4.14 3.33 56.62
C LYS A 197 -5.37 3.50 57.50
N LYS A 198 -5.34 2.91 58.71
CA LYS A 198 -6.46 3.07 59.63
C LYS A 198 -6.59 4.51 60.10
N LEU A 199 -5.51 5.10 60.60
CA LEU A 199 -5.52 6.51 60.96
C LEU A 199 -5.71 7.42 59.77
N MET A 200 -5.38 6.95 58.56
CA MET A 200 -5.55 7.77 57.36
C MET A 200 -6.99 7.76 56.90
N GLN A 201 -7.72 6.70 57.19
CA GLN A 201 -9.15 6.68 56.95
C GLN A 201 -9.92 7.00 58.22
N MET A 202 -9.35 7.85 59.06
CA MET A 202 -9.95 8.11 60.37
C MET A 202 -10.27 9.57 60.63
N LEU A 203 -9.40 10.49 60.26
CA LEU A 203 -9.47 11.82 60.88
C LEU A 203 -10.35 12.78 60.10
N SER A 204 -9.94 13.14 58.89
CA SER A 204 -10.59 14.20 58.12
C SER A 204 -10.06 14.13 56.69
N VAL A 205 -10.36 15.15 55.90
CA VAL A 205 -9.86 15.25 54.54
C VAL A 205 -8.65 16.19 54.42
N SER A 206 -7.99 16.52 55.53
CA SER A 206 -6.82 17.39 55.44
C SER A 206 -5.65 16.68 54.77
N PRO A 207 -5.00 15.71 55.40
CA PRO A 207 -3.89 15.00 54.74
C PRO A 207 -4.36 13.81 53.94
N VAL A 208 -5.39 13.99 53.11
CA VAL A 208 -5.98 12.89 52.36
C VAL A 208 -5.01 12.46 51.27
N PRO A 209 -4.63 13.36 50.36
CA PRO A 209 -3.69 12.97 49.30
C PRO A 209 -2.30 12.69 49.83
N ILE A 210 -1.91 13.35 50.93
CA ILE A 210 -0.59 13.15 51.51
C ILE A 210 -0.44 11.74 52.05
N GLN A 211 -1.37 11.32 52.90
CA GLN A 211 -1.38 9.94 53.36
C GLN A 211 -1.71 8.96 52.23
N HIS A 212 -2.38 9.43 51.18
CA HIS A 212 -2.80 8.53 50.12
C HIS A 212 -1.65 8.12 49.22
N ASP A 213 -0.96 9.11 48.63
CA ASP A 213 0.11 8.84 47.67
C ASP A 213 1.29 8.11 48.32
N ILE A 214 1.44 8.24 49.63
CA ILE A 214 2.58 7.66 50.33
C ILE A 214 2.43 6.16 50.46
N ILE A 215 1.20 5.64 50.32
CA ILE A 215 0.93 4.24 50.61
C ILE A 215 1.54 3.29 49.59
N THR A 216 2.03 3.81 48.46
CA THR A 216 2.74 2.95 47.51
C THR A 216 4.02 2.40 48.11
N SER A 217 4.87 3.30 48.61
CA SER A 217 6.10 2.89 49.30
C SER A 217 5.90 2.63 50.78
N LEU A 218 4.73 2.97 51.35
CA LEU A 218 4.43 2.58 52.72
C LEU A 218 3.99 1.13 52.82
N PRO A 219 3.21 0.58 51.88
CA PRO A 219 2.96 -0.86 51.87
C PRO A 219 4.03 -1.68 51.16
N GLU A 220 5.18 -1.08 50.87
CA GLU A 220 6.21 -1.77 50.12
C GLU A 220 7.16 -2.57 51.00
N ILE A 221 6.77 -2.84 52.25
CA ILE A 221 7.66 -3.56 53.16
C ILE A 221 7.76 -5.03 52.77
N LEU A 222 6.62 -5.69 52.61
CA LEU A 222 6.56 -7.13 52.41
C LEU A 222 6.32 -7.45 50.94
N GLU A 223 7.08 -8.39 50.41
CA GLU A 223 6.93 -8.83 49.02
C GLU A 223 5.58 -9.50 48.78
N ASP A 224 5.02 -10.18 49.77
CA ASP A 224 3.68 -10.74 49.65
C ASP A 224 2.60 -9.68 49.86
N SER A 225 2.85 -8.68 50.70
CA SER A 225 1.94 -7.57 50.89
C SER A 225 2.14 -6.47 49.86
N GLN A 226 3.03 -6.69 48.89
CA GLN A 226 3.19 -5.76 47.78
C GLN A 226 1.95 -5.68 46.91
N GLN A 227 1.58 -6.76 46.22
CA GLN A 227 0.44 -6.75 45.33
C GLN A 227 -0.82 -7.35 45.93
N ASN A 228 -0.85 -7.68 47.20
CA ASN A 228 -2.01 -8.35 47.76
C ASN A 228 -2.61 -7.65 48.95
N GLU A 229 -1.84 -6.82 49.66
CA GLU A 229 -2.37 -6.14 50.84
C GLU A 229 -3.39 -5.08 50.46
N VAL A 230 -3.00 -4.15 49.58
CA VAL A 230 -3.93 -3.12 49.14
C VAL A 230 -4.74 -3.56 47.93
N ALA A 231 -4.66 -4.84 47.54
CA ALA A 231 -5.45 -5.38 46.45
C ALA A 231 -6.94 -5.27 46.69
N ARG A 232 -7.38 -5.20 47.94
CA ARG A 232 -8.78 -4.98 48.29
C ARG A 232 -8.97 -3.91 49.35
N GLU A 233 -7.89 -3.50 50.04
CA GLU A 233 -7.95 -2.46 51.05
C GLU A 233 -8.20 -1.08 50.45
N LEU A 234 -8.07 -0.94 49.13
CA LEU A 234 -8.41 0.29 48.42
C LEU A 234 -9.26 0.06 47.18
N SER A 235 -9.38 -1.19 46.70
CA SER A 235 -10.19 -1.46 45.52
C SER A 235 -11.66 -1.15 45.76
N CYS A 236 -12.09 -1.14 47.02
CA CYS A 236 -13.43 -0.69 47.38
C CYS A 236 -13.45 0.73 47.93
N LEU A 237 -12.37 1.20 48.55
CA LEU A 237 -12.31 2.57 49.02
C LEU A 237 -12.14 3.57 47.87
N LEU A 238 -11.89 3.08 46.65
CA LEU A 238 -11.75 3.93 45.49
C LEU A 238 -13.10 4.51 45.13
N LYS A 239 -13.37 5.72 45.60
CA LYS A 239 -14.61 6.43 45.31
C LYS A 239 -14.37 7.75 44.58
N GLN A 240 -13.28 8.45 44.88
CA GLN A 240 -12.84 9.59 44.11
C GLN A 240 -11.81 9.14 43.08
N GLY A 241 -11.08 10.10 42.53
CA GLY A 241 -10.03 9.84 41.57
C GLY A 241 -8.61 9.76 42.11
N ARG A 242 -8.37 10.26 43.32
CA ARG A 242 -7.02 10.50 43.82
C ARG A 242 -6.28 9.22 44.18
N ARG A 243 -6.94 8.07 44.17
CA ARG A 243 -6.34 6.82 44.60
C ARG A 243 -5.89 5.96 43.42
N LEU A 244 -5.95 6.50 42.21
CA LEU A 244 -5.72 5.71 41.01
C LEU A 244 -4.26 5.33 40.81
N THR A 245 -3.34 6.27 41.06
CA THR A 245 -1.93 5.98 40.85
C THR A 245 -1.42 4.96 41.87
N VAL A 246 -2.10 4.85 43.01
CA VAL A 246 -1.64 3.95 44.06
C VAL A 246 -1.76 2.49 43.65
N PRO A 247 -2.93 1.99 43.25
CA PRO A 247 -3.03 0.55 42.94
C PRO A 247 -2.28 0.15 41.69
N ILE A 248 -2.02 1.09 40.78
CA ILE A 248 -1.24 0.80 39.58
C ILE A 248 0.15 0.31 39.95
N LEU A 249 0.83 1.07 40.81
CA LEU A 249 2.13 0.63 41.29
C LEU A 249 2.02 -0.47 42.34
N ASP A 250 0.90 -0.53 43.05
CA ASP A 250 0.77 -1.47 44.15
C ASP A 250 0.68 -2.90 43.65
N ALA A 251 -0.13 -3.14 42.62
CA ALA A 251 -0.24 -4.50 42.07
C ALA A 251 1.03 -4.80 41.28
N LEU A 252 2.09 -5.13 42.01
CA LEU A 252 3.43 -5.30 41.45
C LEU A 252 3.67 -6.70 40.89
N SER A 253 3.08 -7.74 41.49
CA SER A 253 3.19 -9.09 40.97
C SER A 253 1.85 -9.62 40.46
N ARG A 254 0.84 -9.66 41.34
CA ARG A 254 -0.58 -9.82 41.01
C ARG A 254 -0.95 -11.18 40.44
N LEU A 255 0.04 -12.04 40.19
CA LEU A 255 -0.12 -13.41 39.66
C LEU A 255 -0.96 -13.48 38.40
N ASP A 256 -0.96 -12.41 37.59
CA ASP A 256 -1.77 -12.27 36.39
C ASP A 256 -3.26 -12.46 36.68
N LEU A 257 -3.71 -12.04 37.85
CA LEU A 257 -5.12 -12.12 38.20
C LEU A 257 -5.68 -10.82 38.75
N ASP A 258 -4.89 -9.99 39.42
CA ASP A 258 -5.33 -8.66 39.81
C ASP A 258 -5.30 -7.68 38.64
N ALA A 259 -4.61 -8.03 37.56
CA ALA A 259 -4.78 -7.32 36.31
C ALA A 259 -6.19 -7.49 35.76
N GLU A 260 -6.80 -8.66 35.95
CA GLU A 260 -8.22 -8.78 35.72
C GLU A 260 -9.00 -7.92 36.71
N LEU A 261 -8.56 -7.89 37.97
CA LEU A 261 -9.17 -6.98 38.93
C LEU A 261 -8.81 -5.53 38.63
N LEU A 262 -7.71 -5.31 37.89
CA LEU A 262 -7.39 -3.95 37.44
C LEU A 262 -8.36 -3.49 36.36
N ALA A 263 -8.66 -4.35 35.38
CA ALA A 263 -9.73 -4.04 34.43
C ALA A 263 -11.09 -3.98 35.13
N LYS A 264 -11.24 -4.68 36.26
CA LYS A 264 -12.50 -4.64 36.98
C LYS A 264 -12.69 -3.32 37.72
N VAL A 265 -11.66 -2.85 38.43
CA VAL A 265 -11.70 -1.53 39.04
C VAL A 265 -11.77 -0.46 37.95
N ARG A 266 -11.22 -0.74 36.77
CA ARG A 266 -11.41 0.14 35.63
C ARG A 266 -12.88 0.19 35.21
N GLN A 267 -13.55 -0.96 35.25
CA GLN A 267 -14.99 -0.97 34.98
C GLN A 267 -15.76 -0.23 36.07
N SER A 268 -15.23 -0.25 37.30
CA SER A 268 -15.83 0.54 38.38
C SER A 268 -15.67 2.03 38.11
N ALA A 269 -14.48 2.44 37.67
CA ALA A 269 -14.23 3.82 37.30
C ALA A 269 -14.85 4.21 35.97
N MET A 270 -15.36 3.24 35.21
CA MET A 270 -16.04 3.56 33.96
C MET A 270 -17.31 4.36 34.22
N THR A 271 -17.93 4.14 35.38
CA THR A 271 -19.03 4.99 35.80
C THR A 271 -18.55 6.31 36.37
N ILE A 272 -17.35 6.33 36.96
CA ILE A 272 -16.79 7.59 37.45
C ILE A 272 -16.32 8.45 36.29
N VAL A 273 -16.16 7.85 35.11
CA VAL A 273 -15.78 8.61 33.92
C VAL A 273 -16.83 9.66 33.57
N PRO A 274 -18.13 9.42 33.77
CA PRO A 274 -19.09 10.52 33.68
C PRO A 274 -19.21 11.30 34.97
N SER A 275 -18.52 10.88 36.02
CA SER A 275 -18.58 11.56 37.31
C SER A 275 -17.30 12.34 37.63
N VAL A 276 -16.17 11.99 37.01
CA VAL A 276 -14.94 12.75 37.24
C VAL A 276 -15.02 14.10 36.55
N LYS A 277 -15.78 14.19 35.44
CA LYS A 277 -16.10 15.42 34.73
C LYS A 277 -14.84 16.15 34.25
N LEU A 278 -14.11 15.47 33.36
CA LEU A 278 -12.98 16.03 32.61
C LEU A 278 -11.85 16.48 33.53
N GLU A 279 -11.77 15.91 34.73
CA GLU A 279 -10.70 16.23 35.66
C GLU A 279 -9.51 15.30 35.50
N ASP A 280 -9.74 14.00 35.66
CA ASP A 280 -8.70 12.99 35.49
C ASP A 280 -9.05 12.04 34.35
N LEU A 281 -9.44 12.62 33.20
CA LEU A 281 -9.89 11.79 32.07
C LEU A 281 -8.78 10.91 31.54
N PRO A 282 -7.70 11.43 30.95
CA PRO A 282 -6.59 10.57 30.54
C PRO A 282 -5.86 9.95 31.71
N VAL A 283 -5.96 10.54 32.90
CA VAL A 283 -5.36 9.94 34.09
C VAL A 283 -6.11 8.68 34.47
N VAL A 284 -7.39 8.58 34.08
CA VAL A 284 -8.13 7.37 34.37
C VAL A 284 -8.01 6.37 33.23
N ILE A 285 -8.14 6.84 31.98
CA ILE A 285 -8.25 5.91 30.86
C ILE A 285 -6.92 5.21 30.60
N LYS A 286 -5.82 5.82 31.03
CA LYS A 286 -4.52 5.17 30.92
C LYS A 286 -4.41 3.95 31.81
N PHE A 287 -5.07 3.97 32.97
CA PHE A 287 -5.05 2.81 33.86
C PHE A 287 -5.75 1.62 33.22
N ILE A 288 -6.90 1.86 32.60
CA ILE A 288 -7.61 0.80 31.91
C ILE A 288 -6.87 0.33 30.66
N LEU A 289 -6.23 1.25 29.92
CA LEU A 289 -5.63 0.88 28.66
C LEU A 289 -4.32 0.11 28.80
N HIS A 290 -3.60 0.28 29.90
CA HIS A 290 -2.42 -0.55 30.17
C HIS A 290 -2.79 -1.87 30.80
N ASN A 291 -4.04 -2.01 31.27
CA ASN A 291 -4.43 -3.18 32.04
C ASN A 291 -4.52 -4.43 31.19
N VAL A 292 -5.06 -4.32 29.99
CA VAL A 292 -5.05 -5.41 29.03
C VAL A 292 -3.90 -5.11 28.08
N LYS A 293 -2.71 -5.57 28.45
CA LYS A 293 -1.49 -5.20 27.73
C LYS A 293 -1.20 -6.11 26.54
N ALA A 294 -1.07 -7.41 26.78
CA ALA A 294 -0.68 -8.32 25.71
C ALA A 294 -1.73 -9.38 25.40
N ALA A 295 -2.77 -9.49 26.22
CA ALA A 295 -3.77 -10.54 26.05
C ALA A 295 -4.89 -10.07 25.14
N ASP A 296 -5.99 -10.82 25.10
CA ASP A 296 -7.15 -10.41 24.33
C ASP A 296 -7.79 -9.18 24.96
N ALA A 297 -8.03 -8.16 24.14
CA ALA A 297 -8.55 -6.89 24.61
C ALA A 297 -9.65 -6.34 23.71
N VAL A 298 -10.21 -7.16 22.82
CA VAL A 298 -11.27 -6.70 21.94
C VAL A 298 -12.53 -6.37 22.73
N GLU A 299 -12.70 -6.99 23.89
CA GLU A 299 -13.75 -6.58 24.82
C GLU A 299 -13.29 -5.45 25.72
N VAL A 300 -11.98 -5.30 25.93
CA VAL A 300 -11.48 -4.20 26.73
C VAL A 300 -11.74 -2.88 26.03
N ILE A 301 -11.36 -2.78 24.74
CA ILE A 301 -11.65 -1.58 23.97
C ILE A 301 -13.15 -1.39 23.80
N SER A 302 -13.89 -2.50 23.77
CA SER A 302 -15.34 -2.43 23.62
C SER A 302 -15.98 -1.82 24.85
N ASP A 303 -15.58 -2.28 26.04
CA ASP A 303 -16.07 -1.67 27.28
C ASP A 303 -15.57 -0.24 27.41
N LEU A 304 -14.38 0.03 26.86
CA LEU A 304 -13.85 1.39 26.87
C LEU A 304 -14.73 2.33 26.06
N ARG A 305 -15.06 1.95 24.83
CA ARG A 305 -15.91 2.79 24.01
C ARG A 305 -17.34 2.82 24.51
N LYS A 306 -17.78 1.75 25.17
CA LYS A 306 -19.12 1.74 25.76
C LYS A 306 -19.21 2.67 26.95
N SER A 307 -18.15 2.76 27.74
CA SER A 307 -18.07 3.77 28.78
C SER A 307 -17.88 5.15 28.17
N LEU A 308 -17.31 5.21 26.96
CA LEU A 308 -17.12 6.49 26.31
C LEU A 308 -18.44 7.11 25.88
N ASP A 309 -19.50 6.30 25.81
CA ASP A 309 -20.84 6.82 25.61
C ASP A 309 -21.31 7.68 26.79
N LEU A 310 -20.66 7.58 27.94
CA LEU A 310 -20.96 8.42 29.10
C LEU A 310 -20.14 9.70 29.10
N SER A 311 -19.13 9.81 28.23
CA SER A 311 -18.29 11.00 28.18
C SER A 311 -18.15 11.60 26.79
N SER A 312 -18.00 10.78 25.75
CA SER A 312 -17.75 11.29 24.40
C SER A 312 -18.09 10.27 23.33
N THR A 341 -21.62 16.42 19.71
CA THR A 341 -21.97 15.22 20.49
C THR A 341 -21.00 15.02 21.64
N SER A 342 -19.70 14.99 21.34
CA SER A 342 -18.67 14.79 22.33
C SER A 342 -18.29 16.12 22.97
N GLN A 343 -17.71 16.03 24.17
CA GLN A 343 -17.34 17.23 24.91
C GLN A 343 -16.12 17.90 24.27
N ASN A 344 -15.93 19.17 24.61
CA ASN A 344 -14.98 20.03 23.92
C ASN A 344 -13.53 19.60 24.13
N CYS A 345 -13.16 19.23 25.34
CA CYS A 345 -11.79 18.77 25.57
C CYS A 345 -11.68 17.27 25.35
N VAL A 346 -12.83 16.60 25.16
CA VAL A 346 -12.91 15.14 25.23
C VAL A 346 -12.16 14.47 24.09
N LYS A 347 -12.13 15.12 22.91
CA LYS A 347 -11.46 14.54 21.76
C LYS A 347 -9.96 14.39 22.01
N LEU A 348 -9.29 15.49 22.36
CA LEU A 348 -7.88 15.40 22.69
C LEU A 348 -7.66 14.64 24.00
N LEU A 349 -8.68 14.59 24.87
CA LEU A 349 -8.56 13.85 26.11
C LEU A 349 -8.40 12.36 25.86
N PHE A 350 -9.35 11.74 25.17
CA PHE A 350 -9.20 10.33 24.86
C PHE A 350 -8.10 10.09 23.83
N ASP A 351 -7.75 11.12 23.05
CA ASP A 351 -6.63 10.99 22.13
C ASP A 351 -5.32 10.89 22.89
N VAL A 352 -5.22 11.57 24.03
CA VAL A 352 -4.03 11.51 24.85
C VAL A 352 -3.83 10.15 25.52
N ILE A 353 -4.74 9.22 25.31
CA ILE A 353 -4.57 7.85 25.74
C ILE A 353 -4.44 6.91 24.55
N LYS A 354 -5.29 7.07 23.53
CA LYS A 354 -5.24 6.14 22.41
C LYS A 354 -4.01 6.39 21.52
N LEU A 355 -3.64 7.66 21.34
CA LEU A 355 -2.44 7.97 20.59
C LEU A 355 -1.22 7.43 21.31
N ALA A 356 -1.18 7.60 22.62
CA ALA A 356 -0.05 7.10 23.40
C ALA A 356 -0.11 5.60 23.61
N VAL A 357 -1.20 4.93 23.23
CA VAL A 357 -1.23 3.47 23.26
C VAL A 357 -1.01 2.86 21.88
N ARG A 358 -0.91 3.70 20.84
CA ARG A 358 -0.56 3.23 19.48
C ARG A 358 0.73 2.42 19.39
N PHE A 359 1.62 2.46 20.40
CA PHE A 359 2.96 1.92 20.23
C PHE A 359 2.96 0.40 20.25
N GLN A 360 2.16 -0.19 21.14
CA GLN A 360 2.26 -1.61 21.46
C GLN A 360 1.97 -2.53 20.28
N LYS A 361 1.31 -2.01 19.25
CA LYS A 361 0.96 -2.71 18.01
C LYS A 361 0.14 -3.98 18.24
N ASP A 362 -0.64 -4.03 19.31
CA ASP A 362 -1.60 -5.10 19.52
C ASP A 362 -2.94 -4.60 20.00
N VAL A 363 -3.02 -3.36 20.47
CA VAL A 363 -4.32 -2.75 20.75
C VAL A 363 -4.74 -1.87 19.59
N SER A 364 -3.83 -1.61 18.65
CA SER A 364 -4.24 -1.05 17.36
C SER A 364 -5.19 -1.99 16.65
N GLU A 365 -4.70 -3.18 16.31
CA GLU A 365 -5.52 -4.17 15.61
C GLU A 365 -6.71 -4.61 16.45
N ALA A 366 -6.58 -4.56 17.78
CA ALA A 366 -7.71 -4.86 18.64
C ALA A 366 -8.82 -3.82 18.50
N TRP A 367 -8.44 -2.54 18.46
CA TRP A 367 -9.45 -1.51 18.29
C TRP A 367 -10.00 -1.51 16.86
N ILE A 368 -9.21 -1.98 15.89
CA ILE A 368 -9.74 -2.19 14.55
C ILE A 368 -10.82 -3.26 14.56
N LYS A 369 -10.47 -4.46 15.05
CA LYS A 369 -11.41 -5.57 15.06
C LYS A 369 -12.54 -5.40 16.07
N ALA A 370 -12.49 -4.37 16.91
CA ALA A 370 -13.61 -4.06 17.78
C ALA A 370 -14.27 -2.74 17.47
N ILE A 371 -13.88 -2.09 16.37
CA ILE A 371 -14.64 -0.94 15.90
C ILE A 371 -15.72 -1.34 14.91
N GLU A 372 -15.64 -2.57 14.36
CA GLU A 372 -16.64 -3.03 13.42
C GLU A 372 -17.92 -3.44 14.13
N ASN A 373 -17.81 -4.00 15.33
CA ASN A 373 -18.95 -4.57 16.05
C ASN A 373 -19.74 -3.51 16.80
N SER A 374 -19.62 -2.25 16.38
CA SER A 374 -20.28 -1.13 17.02
C SER A 374 -21.40 -0.66 16.09
N THR A 375 -22.60 -0.50 16.66
CA THR A 375 -23.73 0.02 15.89
C THR A 375 -24.54 1.06 16.65
N SER A 376 -24.33 1.21 17.96
CA SER A 376 -25.03 2.20 18.76
C SER A 376 -24.27 3.51 18.86
N VAL A 377 -22.94 3.48 18.81
CA VAL A 377 -22.14 4.69 18.96
C VAL A 377 -21.61 5.22 17.64
N SER A 378 -21.69 4.43 16.55
CA SER A 378 -21.08 4.77 15.26
C SER A 378 -21.52 6.11 14.70
N ASP A 379 -22.71 6.60 15.05
CA ASP A 379 -23.15 7.89 14.56
C ASP A 379 -22.59 9.03 15.42
N HIS A 380 -22.20 8.72 16.66
CA HIS A 380 -21.59 9.68 17.56
C HIS A 380 -20.13 9.34 17.74
N LYS A 381 -19.63 8.42 16.92
CA LYS A 381 -18.25 7.96 17.04
C LYS A 381 -17.29 8.86 16.29
N VAL A 382 -17.40 10.16 16.52
CA VAL A 382 -16.35 11.07 16.06
C VAL A 382 -15.02 10.65 16.67
N LEU A 383 -15.01 10.41 17.98
CA LEU A 383 -13.83 9.92 18.68
C LEU A 383 -13.50 8.48 18.37
N ASP A 384 -14.31 7.81 17.56
CA ASP A 384 -13.93 6.56 16.92
C ASP A 384 -13.87 6.69 15.41
N LEU A 385 -14.12 7.88 14.87
CA LEU A 385 -13.68 8.16 13.51
C LEU A 385 -12.19 8.40 13.47
N ILE A 386 -11.68 9.19 14.41
CA ILE A 386 -10.29 9.62 14.45
C ILE A 386 -9.36 8.43 14.55
N VAL A 387 -9.80 7.36 15.21
CA VAL A 387 -8.92 6.23 15.46
C VAL A 387 -8.62 5.48 14.17
N LEU A 388 -9.59 5.43 13.24
CA LEU A 388 -9.30 4.78 11.95
C LEU A 388 -8.27 5.53 11.14
N LEU A 389 -8.37 6.86 11.10
CA LEU A 389 -7.32 7.66 10.47
C LEU A 389 -6.00 7.51 11.20
N LEU A 390 -6.03 7.38 12.53
CA LEU A 390 -4.81 7.24 13.30
C LEU A 390 -4.12 5.92 12.99
N ILE A 391 -4.88 4.83 13.01
CA ILE A 391 -4.33 3.51 12.73
C ILE A 391 -3.82 3.44 11.30
N HIS A 392 -4.51 4.08 10.37
CA HIS A 392 -4.10 4.04 8.97
C HIS A 392 -2.84 4.87 8.76
N SER A 393 -2.75 6.04 9.40
CA SER A 393 -1.57 6.88 9.20
C SER A 393 -0.34 6.25 9.85
N THR A 394 -0.51 5.58 10.99
CA THR A 394 0.64 4.98 11.67
C THR A 394 0.93 3.56 11.20
N ASN A 395 -0.02 2.65 11.39
CA ASN A 395 0.27 1.22 11.28
C ASN A 395 0.26 0.78 9.82
N SER A 396 1.43 0.47 9.28
CA SER A 396 1.57 0.29 7.83
C SER A 396 0.82 -0.94 7.32
N LYS A 397 1.06 -2.10 7.93
CA LYS A 397 0.39 -3.31 7.46
C LYS A 397 -1.07 -3.33 7.90
N ASN A 398 -1.41 -2.55 8.92
CA ASN A 398 -2.78 -2.47 9.40
C ASN A 398 -3.56 -1.35 8.70
N ARG A 399 -3.23 -1.06 7.44
CA ARG A 399 -3.88 0.04 6.75
C ARG A 399 -4.90 -0.46 5.72
N LYS A 400 -4.63 -1.60 5.10
CA LYS A 400 -5.55 -2.12 4.09
C LYS A 400 -6.79 -2.69 4.75
N GLN A 401 -6.66 -3.24 5.96
CA GLN A 401 -7.85 -3.61 6.70
C GLN A 401 -8.55 -2.39 7.26
N THR A 402 -7.80 -1.32 7.51
CA THR A 402 -8.41 -0.09 8.02
C THR A 402 -9.33 0.52 6.99
N GLU A 403 -8.87 0.58 5.74
CA GLU A 403 -9.73 1.09 4.67
C GLU A 403 -10.97 0.23 4.50
N LYS A 404 -10.82 -1.08 4.67
CA LYS A 404 -11.95 -1.99 4.48
C LYS A 404 -13.01 -1.78 5.56
N VAL A 405 -12.60 -1.71 6.82
CA VAL A 405 -13.58 -1.50 7.88
C VAL A 405 -14.19 -0.12 7.76
N LEU A 406 -13.40 0.88 7.34
CA LEU A 406 -13.96 2.22 7.19
C LEU A 406 -15.01 2.27 6.09
N ARG A 407 -14.70 1.67 4.94
CA ARG A 407 -15.64 1.63 3.82
C ARG A 407 -16.92 0.90 4.20
N SER A 408 -16.79 -0.27 4.81
CA SER A 408 -17.97 -1.04 5.18
C SER A 408 -18.75 -0.38 6.29
N LYS A 409 -18.15 0.58 7.00
CA LYS A 409 -18.95 1.37 7.93
C LYS A 409 -19.58 2.57 7.25
N ILE A 410 -18.99 3.04 6.14
CA ILE A 410 -19.62 4.11 5.35
C ILE A 410 -20.89 3.58 4.69
N ARG A 411 -20.77 2.49 3.94
CA ARG A 411 -21.96 1.77 3.51
C ARG A 411 -22.71 1.26 4.73
N LEU A 412 -23.96 0.85 4.49
CA LEU A 412 -24.87 0.41 5.55
C LEU A 412 -25.09 1.50 6.59
N GLY A 413 -25.13 2.75 6.14
CA GLY A 413 -25.42 3.92 6.97
C GLY A 413 -24.39 4.11 8.06
N CYS A 414 -24.80 4.84 9.10
CA CYS A 414 -24.13 5.03 10.39
C CYS A 414 -22.84 5.83 10.33
N MET A 415 -22.36 6.14 9.13
CA MET A 415 -21.19 6.99 8.94
C MET A 415 -21.53 8.05 7.92
N PRO A 416 -22.12 9.15 8.35
CA PRO A 416 -22.54 10.18 7.40
C PRO A 416 -21.43 11.18 7.15
N GLU A 417 -21.62 11.97 6.09
CA GLU A 417 -20.73 13.09 5.86
C GLU A 417 -20.92 14.19 6.91
N GLN A 418 -22.00 14.12 7.69
CA GLN A 418 -22.14 15.04 8.81
C GLN A 418 -21.16 14.71 9.92
N LEU A 419 -20.82 13.42 10.08
CA LEU A 419 -19.80 13.02 11.09
C LEU A 419 -18.44 13.60 10.69
N MET A 420 -18.05 13.37 9.44
CA MET A 420 -16.76 13.89 8.94
C MET A 420 -16.76 15.41 9.00
N GLN A 421 -17.90 16.04 8.76
CA GLN A 421 -17.96 17.52 8.84
C GLN A 421 -17.69 17.99 10.27
N ASN A 422 -18.29 17.34 11.27
CA ASN A 422 -18.01 17.73 12.68
C ASN A 422 -16.54 17.45 13.02
N ALA A 423 -16.03 16.29 12.58
CA ALA A 423 -14.64 15.85 12.87
C ALA A 423 -13.66 16.67 12.07
N PHE A 424 -14.13 17.48 11.13
CA PHE A 424 -13.19 18.37 10.43
C PHE A 424 -13.35 19.81 10.92
N GLN A 425 -14.53 20.16 11.42
CA GLN A 425 -14.73 21.58 11.77
C GLN A 425 -14.39 21.85 13.23
N ASN A 426 -15.07 21.19 14.15
CA ASN A 426 -14.91 21.56 15.58
C ASN A 426 -13.74 20.84 16.25
N HIS A 427 -13.18 19.84 15.59
CA HIS A 427 -12.11 19.01 16.18
C HIS A 427 -11.10 18.79 15.07
N SER A 428 -10.17 19.72 14.94
CA SER A 428 -9.34 19.67 13.71
C SER A 428 -7.85 19.55 13.97
N MET A 429 -7.36 20.11 15.06
CA MET A 429 -5.91 20.06 15.29
C MET A 429 -5.50 18.62 15.61
N VAL A 430 -6.42 17.82 16.12
CA VAL A 430 -6.12 16.39 16.38
C VAL A 430 -6.00 15.60 15.07
N ILE A 431 -6.81 15.96 14.07
CA ILE A 431 -6.83 15.17 12.80
C ILE A 431 -5.88 15.80 11.77
N LYS A 432 -5.35 16.98 12.07
CA LYS A 432 -4.51 17.69 11.05
C LYS A 432 -3.19 16.98 10.98
N ASP A 433 -2.85 16.22 12.01
CA ASP A 433 -1.64 15.39 11.95
C ASP A 433 -1.82 14.19 11.02
N PHE A 434 -3.06 13.77 10.78
CA PHE A 434 -3.28 12.57 9.95
C PHE A 434 -3.58 12.98 8.50
N PHE A 435 -3.37 14.24 8.15
CA PHE A 435 -3.60 14.62 6.74
C PHE A 435 -2.68 13.98 5.72
N PRO A 436 -1.33 14.03 5.82
CA PRO A 436 -0.47 13.72 4.69
C PRO A 436 -0.54 12.28 4.23
N SER A 437 -1.37 11.52 4.92
CA SER A 437 -1.54 10.09 4.62
C SER A 437 -3.03 9.86 4.63
N ILE A 438 -3.47 8.96 5.50
CA ILE A 438 -4.87 8.50 5.58
C ILE A 438 -5.87 9.43 4.93
N LEU A 439 -5.91 10.69 5.32
CA LEU A 439 -7.03 11.54 4.84
C LEU A 439 -7.02 11.78 3.33
N SER A 440 -5.91 12.23 2.77
CA SER A 440 -5.89 12.40 1.29
C SER A 440 -5.76 11.03 0.65
N LEU A 441 -5.02 10.10 1.25
CA LEU A 441 -4.76 8.82 0.57
C LEU A 441 -5.98 7.93 0.66
N ALA A 442 -6.93 8.27 1.53
CA ALA A 442 -8.19 7.50 1.54
C ALA A 442 -9.16 8.19 0.59
N GLN A 443 -9.23 9.52 0.61
CA GLN A 443 -10.22 10.24 -0.21
C GLN A 443 -9.95 9.97 -1.69
N THR A 444 -8.69 9.95 -2.09
CA THR A 444 -8.38 9.54 -3.49
C THR A 444 -8.85 8.09 -3.69
N PHE A 445 -8.67 7.25 -2.68
CA PHE A 445 -9.01 5.81 -2.84
C PHE A 445 -10.49 5.55 -2.55
N LEU A 446 -11.21 6.51 -1.99
CA LEU A 446 -12.67 6.34 -1.78
C LEU A 446 -13.44 6.83 -3.02
N HIS A 447 -12.74 7.27 -4.07
CA HIS A 447 -13.42 7.59 -5.34
C HIS A 447 -13.28 6.39 -6.27
N SER A 448 -14.02 5.32 -5.97
CA SER A 448 -13.97 4.15 -6.88
C SER A 448 -15.37 3.79 -7.36
N ALA A 449 -16.31 3.55 -6.44
CA ALA A 449 -17.63 3.04 -6.77
C ALA A 449 -18.53 3.15 -5.57
N HIS A 450 -19.73 2.56 -5.65
CA HIS A 450 -20.70 2.48 -4.57
C HIS A 450 -21.01 3.86 -4.01
N PRO A 451 -21.80 4.67 -4.70
CA PRO A 451 -21.81 6.11 -4.45
C PRO A 451 -22.47 6.54 -3.16
N ALA A 452 -22.64 5.63 -2.22
CA ALA A 452 -22.82 6.05 -0.84
C ALA A 452 -21.50 6.55 -0.25
N VAL A 453 -20.37 6.01 -0.72
CA VAL A 453 -19.06 6.39 -0.19
C VAL A 453 -18.39 7.50 -0.96
N VAL A 454 -18.85 7.81 -2.18
CA VAL A 454 -18.15 8.81 -2.95
C VAL A 454 -18.60 10.20 -2.53
N SER A 455 -19.83 10.35 -2.05
CA SER A 455 -20.20 11.61 -1.43
C SER A 455 -19.58 11.79 -0.06
N PHE A 456 -18.83 10.78 0.40
CA PHE A 456 -18.06 10.89 1.67
C PHE A 456 -16.65 11.32 1.33
N GLY A 457 -16.03 10.62 0.38
CA GLY A 457 -14.68 10.98 -0.08
C GLY A 457 -14.67 12.38 -0.64
N SER A 458 -15.76 12.83 -1.26
CA SER A 458 -15.84 14.23 -1.72
C SER A 458 -15.91 15.18 -0.54
N CYS A 459 -16.60 14.81 0.53
CA CYS A 459 -16.63 15.69 1.73
C CYS A 459 -15.26 15.70 2.40
N MET A 460 -14.55 14.58 2.31
CA MET A 460 -13.23 14.49 2.96
C MET A 460 -12.32 15.59 2.39
N TYR A 461 -12.17 15.63 1.07
CA TYR A 461 -11.32 16.73 0.59
C TYR A 461 -12.09 17.90 0.06
N LYS A 462 -13.31 18.08 0.52
CA LYS A 462 -13.98 19.38 0.28
C LYS A 462 -13.97 20.10 1.62
N GLN A 463 -13.70 19.37 2.70
CA GLN A 463 -13.57 20.02 4.02
C GLN A 463 -12.10 20.18 4.37
N ALA A 464 -11.23 19.35 3.80
CA ALA A 464 -9.79 19.49 4.01
C ALA A 464 -9.33 20.83 3.45
N PHE A 465 -9.90 21.24 2.32
CA PHE A 465 -9.56 22.57 1.76
C PHE A 465 -10.04 23.66 2.69
N ALA A 466 -11.14 23.44 3.40
CA ALA A 466 -11.73 24.55 4.16
C ALA A 466 -10.96 24.84 5.44
N VAL A 467 -10.61 23.82 6.23
CA VAL A 467 -10.08 24.10 7.59
C VAL A 467 -8.57 24.00 7.69
N PHE A 468 -7.92 23.23 6.83
CA PHE A 468 -6.48 22.96 7.05
C PHE A 468 -5.60 24.14 6.67
N ASP A 469 -4.30 23.90 6.69
CA ASP A 469 -3.32 24.98 6.40
C ASP A 469 -2.94 24.99 4.93
N SER A 470 -2.23 26.03 4.52
CA SER A 470 -1.91 26.27 3.09
C SER A 470 -1.28 25.04 2.42
N TYR A 471 -0.42 24.28 3.08
CA TYR A 471 0.17 23.13 2.36
C TYR A 471 -0.92 22.10 2.06
N CYS A 472 -1.84 21.91 2.99
CA CYS A 472 -2.92 20.94 2.77
C CYS A 472 -3.86 21.42 1.67
N GLN A 473 -4.12 22.72 1.62
CA GLN A 473 -4.97 23.26 0.54
C GLN A 473 -4.29 23.05 -0.81
N GLN A 474 -3.01 23.35 -0.90
CA GLN A 474 -2.30 23.15 -2.18
C GLN A 474 -2.31 21.67 -2.54
N GLU A 475 -2.29 20.81 -1.53
CA GLU A 475 -2.18 19.37 -1.86
C GLU A 475 -3.55 18.83 -2.24
N VAL A 476 -4.64 19.35 -1.66
CA VAL A 476 -5.96 18.89 -2.12
C VAL A 476 -6.24 19.42 -3.54
N VAL A 477 -5.86 20.66 -3.83
CA VAL A 477 -6.08 21.19 -5.20
C VAL A 477 -5.29 20.34 -6.20
N CYS A 478 -4.05 20.02 -5.87
CA CYS A 478 -3.26 19.18 -6.79
C CYS A 478 -3.82 17.77 -6.87
N ALA A 479 -4.42 17.28 -5.79
CA ALA A 479 -5.04 15.94 -5.85
C ALA A 479 -6.21 15.95 -6.82
N LEU A 480 -7.04 16.97 -6.74
CA LEU A 480 -8.17 17.09 -7.69
C LEU A 480 -7.64 17.29 -9.10
N VAL A 481 -6.63 18.13 -9.27
CA VAL A 481 -6.11 18.43 -10.63
C VAL A 481 -5.50 17.19 -11.27
N THR A 482 -4.69 16.42 -10.55
CA THR A 482 -4.17 15.15 -11.12
C THR A 482 -5.34 14.20 -11.35
N HIS A 483 -6.31 14.26 -10.46
CA HIS A 483 -7.45 13.33 -10.55
C HIS A 483 -8.24 13.58 -11.83
N VAL A 484 -8.33 14.84 -12.24
CA VAL A 484 -9.06 15.15 -13.51
C VAL A 484 -8.09 15.09 -14.69
N CYS A 485 -6.77 15.15 -14.42
CA CYS A 485 -5.80 14.95 -15.50
C CYS A 485 -5.59 13.49 -15.83
N SER A 486 -6.09 12.57 -15.00
CA SER A 486 -6.16 11.15 -15.39
C SER A 486 -7.27 10.48 -14.61
N GLY A 487 -8.31 10.05 -15.30
CA GLY A 487 -9.44 9.38 -14.68
C GLY A 487 -10.59 9.20 -15.62
N ASN A 488 -11.37 8.12 -15.44
CA ASN A 488 -12.42 7.77 -16.39
C ASN A 488 -13.80 8.23 -15.93
N GLU A 489 -14.26 7.73 -14.79
CA GLU A 489 -15.53 8.17 -14.24
C GLU A 489 -15.34 9.15 -13.11
N THR A 490 -14.12 9.22 -12.56
CA THR A 490 -13.83 10.10 -11.44
C THR A 490 -13.95 11.56 -11.81
N GLU A 491 -13.69 11.90 -13.09
CA GLU A 491 -13.53 13.29 -13.51
C GLU A 491 -14.79 14.10 -13.28
N LEU A 492 -15.95 13.44 -13.30
CA LEU A 492 -17.19 14.12 -12.93
C LEU A 492 -17.16 14.56 -11.48
N ASP A 493 -16.84 13.63 -10.56
CA ASP A 493 -16.79 13.96 -9.14
C ASP A 493 -15.76 15.03 -8.86
N ILE A 494 -14.63 14.96 -9.56
CA ILE A 494 -13.60 15.97 -9.41
C ILE A 494 -14.10 17.33 -9.89
N SER A 495 -14.68 17.39 -11.09
CA SER A 495 -15.04 18.67 -11.67
C SER A 495 -16.18 19.32 -10.89
N LEU A 496 -17.10 18.49 -10.40
CA LEU A 496 -18.13 19.11 -9.53
C LEU A 496 -17.46 19.51 -8.21
N ASP A 497 -16.42 18.78 -7.82
CA ASP A 497 -15.78 19.11 -6.52
C ASP A 497 -15.04 20.44 -6.61
N VAL A 498 -14.27 20.65 -7.67
CA VAL A 498 -13.61 21.97 -7.78
C VAL A 498 -14.68 23.02 -8.01
N LEU A 499 -15.76 22.65 -8.71
CA LEU A 499 -16.88 23.56 -8.85
C LEU A 499 -17.42 23.99 -7.50
N THR A 500 -17.59 23.04 -6.58
CA THR A 500 -18.03 23.39 -5.23
C THR A 500 -17.00 24.26 -4.55
N ASP A 501 -15.73 24.03 -4.84
CA ASP A 501 -14.68 24.82 -4.20
C ASP A 501 -14.69 26.25 -4.71
N LEU A 502 -14.94 26.44 -6.01
CA LEU A 502 -14.96 27.78 -6.59
C LEU A 502 -16.19 28.53 -6.13
N VAL A 503 -17.34 27.86 -6.03
CA VAL A 503 -18.53 28.57 -5.59
C VAL A 503 -18.51 28.83 -4.10
N ILE A 504 -17.80 28.00 -3.32
CA ILE A 504 -17.83 28.16 -1.87
C ILE A 504 -16.69 29.03 -1.39
N LEU A 505 -15.46 28.57 -1.56
CA LEU A 505 -14.29 29.30 -1.09
C LEU A 505 -13.61 29.88 -2.33
N HIS A 506 -14.09 31.04 -2.76
CA HIS A 506 -13.59 31.62 -4.01
C HIS A 506 -12.26 32.36 -3.87
N PRO A 507 -12.04 33.24 -2.87
CA PRO A 507 -10.73 33.90 -2.82
C PRO A 507 -9.66 32.99 -2.27
N SER A 508 -10.06 31.92 -1.60
CA SER A 508 -9.09 31.00 -1.04
C SER A 508 -8.64 29.93 -2.02
N LEU A 509 -9.19 29.91 -3.23
CA LEU A 509 -8.81 28.93 -4.24
C LEU A 509 -7.88 29.49 -5.30
N LEU A 510 -7.97 30.78 -5.58
CA LEU A 510 -7.15 31.32 -6.66
C LEU A 510 -5.68 31.39 -6.27
N LEU A 511 -5.40 31.46 -4.96
CA LEU A 511 -4.01 31.41 -4.51
C LEU A 511 -3.40 30.07 -4.86
N ARG A 512 -4.14 28.99 -4.63
CA ARG A 512 -3.74 27.62 -4.89
C ARG A 512 -4.08 27.20 -6.32
N TYR A 513 -4.15 28.16 -7.24
CA TYR A 513 -4.60 27.88 -8.60
C TYR A 513 -3.67 28.38 -9.70
N ALA A 514 -2.73 29.27 -9.39
CA ALA A 514 -1.99 30.04 -10.38
C ALA A 514 -1.27 29.19 -11.41
N THR A 515 -0.92 27.96 -11.06
CA THR A 515 -0.48 27.00 -12.04
C THR A 515 -1.20 25.67 -11.91
N PHE A 516 -2.10 25.53 -10.95
CA PHE A 516 -2.63 24.21 -10.67
C PHE A 516 -3.93 23.95 -11.40
N VAL A 517 -4.87 24.89 -11.39
CA VAL A 517 -6.12 24.66 -12.09
C VAL A 517 -5.92 25.06 -13.54
N LYS A 518 -4.95 25.93 -13.80
CA LYS A 518 -4.58 26.27 -15.18
C LYS A 518 -4.07 25.08 -15.97
N THR A 519 -3.63 24.02 -15.28
CA THR A 519 -2.95 22.92 -15.94
C THR A 519 -3.88 22.19 -16.89
N ILE A 520 -5.12 21.94 -16.46
CA ILE A 520 -5.97 20.99 -17.16
C ILE A 520 -6.45 21.51 -18.50
N LEU A 521 -6.23 22.79 -18.80
CA LEU A 521 -6.40 23.26 -20.16
C LEU A 521 -5.52 22.48 -21.12
N ASP A 522 -4.31 22.14 -20.69
CA ASP A 522 -3.37 21.36 -21.49
C ASP A 522 -3.73 19.88 -21.55
N SER A 523 -4.84 19.46 -20.96
CA SER A 523 -5.32 18.10 -21.18
C SER A 523 -6.83 18.08 -21.39
N MET A 524 -7.42 19.22 -21.74
CA MET A 524 -8.83 19.28 -22.12
C MET A 524 -9.14 18.34 -23.28
N GLN A 525 -8.14 18.06 -24.12
CA GLN A 525 -8.32 17.12 -25.22
C GLN A 525 -8.62 15.70 -24.73
N LYS A 526 -8.31 15.40 -23.47
CA LYS A 526 -8.52 14.05 -22.97
C LYS A 526 -10.00 13.72 -22.85
N LEU A 527 -10.71 14.45 -21.99
CA LEU A 527 -12.13 14.17 -21.77
C LEU A 527 -12.78 15.40 -21.14
N ASN A 528 -13.69 16.01 -21.88
CA ASN A 528 -14.65 16.96 -21.35
C ASN A 528 -15.80 17.15 -22.33
N PRO A 529 -16.77 16.21 -22.42
CA PRO A 529 -17.95 16.42 -23.26
C PRO A 529 -18.85 17.53 -22.75
N CYS A 530 -19.26 17.42 -21.49
CA CYS A 530 -19.95 18.48 -20.78
C CYS A 530 -19.12 19.04 -19.64
N GLN A 531 -18.00 18.41 -19.31
CA GLN A 531 -17.12 18.92 -18.27
C GLN A 531 -16.38 20.18 -18.69
N ILE A 532 -16.32 20.46 -19.99
CA ILE A 532 -15.58 21.63 -20.45
C ILE A 532 -16.30 22.90 -20.03
N ARG A 533 -17.62 22.86 -19.97
CA ARG A 533 -18.35 24.05 -19.55
C ARG A 533 -18.14 24.31 -18.06
N LYS A 534 -18.06 23.25 -17.26
CA LYS A 534 -17.75 23.41 -15.84
C LYS A 534 -16.32 23.85 -15.64
N LEU A 535 -15.42 23.35 -16.47
CA LEU A 535 -14.01 23.70 -16.39
C LEU A 535 -13.81 25.17 -16.67
N PHE A 536 -14.48 25.69 -17.68
CA PHE A 536 -14.32 27.11 -17.96
C PHE A 536 -15.17 27.95 -17.04
N TYR A 537 -16.18 27.35 -16.41
CA TYR A 537 -16.82 28.03 -15.29
C TYR A 537 -15.84 28.25 -14.16
N ILE A 538 -15.06 27.23 -13.83
CA ILE A 538 -14.00 27.35 -12.82
C ILE A 538 -13.05 28.48 -13.16
N LEU A 539 -12.45 28.38 -14.34
CA LEU A 539 -11.41 29.33 -14.72
C LEU A 539 -11.97 30.74 -14.83
N SER A 540 -13.21 30.88 -15.29
CA SER A 540 -13.82 32.19 -15.40
C SER A 540 -14.17 32.76 -14.04
N THR A 541 -14.58 31.91 -13.09
CA THR A 541 -14.95 32.44 -11.79
C THR A 541 -13.72 32.92 -11.04
N LEU A 542 -12.60 32.20 -11.18
CA LEU A 542 -11.37 32.68 -10.60
C LEU A 542 -10.87 33.93 -11.31
N ALA A 543 -11.15 34.04 -12.61
CA ALA A 543 -10.78 35.24 -13.34
C ALA A 543 -11.55 36.46 -12.84
N PHE A 544 -12.85 36.31 -12.64
CA PHE A 544 -13.67 37.46 -12.30
C PHE A 544 -13.66 37.74 -10.80
N SER A 545 -13.17 36.80 -10.00
CA SER A 545 -13.12 37.03 -8.56
C SER A 545 -11.81 37.65 -8.10
N GLN A 546 -10.97 38.13 -9.03
CA GLN A 546 -9.70 38.75 -8.68
C GLN A 546 -9.44 39.88 -9.66
N ARG A 547 -9.76 41.11 -9.25
CA ARG A 547 -9.44 42.28 -10.05
C ARG A 547 -7.94 42.52 -10.18
N GLN A 548 -7.15 42.08 -9.20
CA GLN A 548 -5.73 42.36 -9.21
C GLN A 548 -4.99 41.50 -10.23
N GLU A 549 -5.35 40.23 -10.34
CA GLU A 549 -4.64 39.31 -11.24
C GLU A 549 -5.54 38.41 -12.08
N GLY A 550 -6.78 38.14 -11.65
CA GLY A 550 -7.50 36.99 -12.16
C GLY A 550 -7.94 37.10 -13.62
N SER A 551 -8.56 38.21 -14.00
CA SER A 551 -9.13 38.35 -15.34
C SER A 551 -8.09 38.29 -16.44
N TYR A 552 -6.90 38.82 -16.18
CA TYR A 552 -5.81 38.77 -17.16
C TYR A 552 -5.39 37.32 -17.41
N ILE A 553 -5.45 36.48 -16.37
CA ILE A 553 -4.99 35.10 -16.47
C ILE A 553 -5.84 34.34 -17.48
N GLN A 554 -7.16 34.32 -17.28
CA GLN A 554 -8.02 33.55 -18.16
C GLN A 554 -8.23 34.24 -19.50
N ASP A 555 -8.18 35.58 -19.54
CA ASP A 555 -8.24 36.26 -20.83
C ASP A 555 -6.96 35.99 -21.63
N ASP A 556 -5.85 35.70 -20.94
CA ASP A 556 -4.65 35.26 -21.64
C ASP A 556 -4.78 33.80 -22.05
N MET A 557 -5.49 33.01 -21.24
CA MET A 557 -5.82 31.64 -21.65
C MET A 557 -6.64 31.66 -22.92
N HIS A 558 -7.59 32.60 -22.99
CA HIS A 558 -8.36 32.76 -24.25
C HIS A 558 -7.51 33.59 -25.21
N MET A 559 -6.52 34.31 -24.68
CA MET A 559 -5.58 34.92 -25.64
C MET A 559 -4.86 33.70 -26.23
N VAL A 560 -4.55 32.72 -25.38
CA VAL A 560 -3.97 31.47 -25.93
C VAL A 560 -5.05 30.88 -26.82
N ILE A 561 -6.30 30.96 -26.36
CA ILE A 561 -7.44 30.47 -27.18
C ILE A 561 -7.56 31.38 -28.40
N ARG A 562 -6.89 32.54 -28.40
CA ARG A 562 -6.92 33.35 -29.64
C ARG A 562 -6.26 32.45 -30.69
N LYS A 563 -5.21 31.72 -30.31
CA LYS A 563 -4.64 30.72 -31.25
C LYS A 563 -5.68 29.64 -31.49
N TRP A 564 -6.34 29.20 -30.42
CA TRP A 564 -7.37 28.15 -30.56
C TRP A 564 -8.48 28.71 -31.44
N LEU A 565 -8.89 29.95 -31.17
CA LEU A 565 -9.98 30.58 -31.96
C LEU A 565 -9.48 30.71 -33.39
N SER A 566 -8.20 31.05 -33.58
CA SER A 566 -7.62 31.15 -34.94
C SER A 566 -7.71 29.78 -35.60
N SER A 567 -7.46 28.70 -34.84
CA SER A 567 -7.56 27.27 -35.28
C SER A 567 -6.26 26.55 -35.00
N SER A 568 -6.15 25.95 -33.82
CA SER A 568 -4.95 25.13 -33.55
C SER A 568 -5.03 23.87 -34.41
N VAL A 569 -6.16 23.16 -34.39
CA VAL A 569 -6.25 21.86 -35.11
C VAL A 569 -7.65 21.71 -35.69
N PRO A 570 -8.16 20.48 -35.91
CA PRO A 570 -9.56 20.34 -36.31
C PRO A 570 -10.51 20.80 -35.22
N ASN A 571 -10.14 20.61 -33.96
CA ASN A 571 -10.81 21.20 -32.81
C ASN A 571 -10.12 22.49 -32.39
N HIS A 572 -10.36 22.91 -31.15
CA HIS A 572 -9.85 24.07 -30.43
C HIS A 572 -10.47 25.38 -30.88
N LYS A 573 -11.12 25.40 -32.04
CA LYS A 573 -11.93 26.56 -32.38
C LYS A 573 -13.22 26.54 -31.59
N GLN A 574 -13.80 25.35 -31.44
CA GLN A 574 -14.98 25.15 -30.60
C GLN A 574 -14.67 25.55 -29.17
N MET A 575 -13.57 25.00 -28.63
CA MET A 575 -13.15 25.30 -27.27
C MET A 575 -12.86 26.77 -27.11
N GLY A 576 -12.40 27.42 -28.17
CA GLY A 576 -12.24 28.85 -28.13
C GLY A 576 -13.52 29.58 -27.85
N ILE A 577 -14.60 29.20 -28.53
CA ILE A 577 -15.82 29.99 -28.34
C ILE A 577 -16.50 29.63 -27.04
N ILE A 578 -16.39 28.37 -26.61
CA ILE A 578 -16.91 28.02 -25.30
C ILE A 578 -16.21 28.84 -24.23
N GLY A 579 -14.87 28.92 -24.33
CA GLY A 579 -14.14 29.75 -23.38
C GLY A 579 -14.45 31.22 -23.51
N ALA A 580 -14.67 31.67 -24.75
CA ALA A 580 -14.86 33.09 -24.98
C ALA A 580 -16.18 33.57 -24.41
N VAL A 581 -17.24 32.80 -24.65
CA VAL A 581 -18.54 33.17 -24.11
C VAL A 581 -18.54 32.97 -22.59
N THR A 582 -17.78 32.01 -22.09
CA THR A 582 -17.76 31.82 -20.65
C THR A 582 -17.04 32.96 -19.95
N MET A 583 -15.92 33.42 -20.52
CA MET A 583 -15.25 34.59 -19.98
C MET A 583 -16.09 35.84 -20.19
N MET A 584 -16.91 35.85 -21.23
CA MET A 584 -17.83 36.93 -21.49
C MET A 584 -18.94 37.01 -20.45
N GLY A 585 -19.42 35.88 -19.99
CA GLY A 585 -20.51 35.88 -19.04
C GLY A 585 -20.04 36.28 -17.66
N SER A 586 -18.76 36.11 -17.40
CA SER A 586 -18.20 36.60 -16.16
C SER A 586 -18.11 38.12 -16.16
N VAL A 587 -18.13 38.70 -17.37
CA VAL A 587 -18.10 40.19 -17.47
C VAL A 587 -19.53 40.72 -17.40
N ALA A 588 -20.52 39.82 -17.34
CA ALA A 588 -21.93 40.28 -17.38
C ALA A 588 -22.53 40.42 -15.97
N LEU A 589 -21.89 39.82 -14.97
CA LEU A 589 -22.40 39.86 -13.57
C LEU A 589 -23.82 39.29 -13.49
N ILE A 606 -14.48 50.69 -19.43
CA ILE A 606 -13.61 50.24 -18.36
C ILE A 606 -12.27 49.79 -18.94
N GLU A 607 -11.41 49.25 -18.07
CA GLU A 607 -10.09 48.80 -18.52
C GLU A 607 -10.16 47.41 -19.15
N CYS A 608 -10.96 46.51 -18.56
CA CYS A 608 -11.10 45.16 -19.12
C CYS A 608 -12.13 45.13 -20.24
N ASP A 609 -12.80 46.25 -20.50
CA ASP A 609 -13.75 46.30 -21.61
C ASP A 609 -13.03 46.30 -22.96
N GLY A 610 -11.79 46.78 -22.98
CA GLY A 610 -11.04 46.82 -24.23
C GLY A 610 -10.43 45.48 -24.60
N GLN A 611 -9.93 44.74 -23.60
CA GLN A 611 -9.46 43.38 -23.86
C GLN A 611 -10.63 42.47 -24.18
N LEU A 612 -11.83 42.83 -23.70
CA LEU A 612 -13.03 42.07 -24.04
C LEU A 612 -13.33 42.17 -25.53
N SER A 613 -13.37 43.40 -26.06
CA SER A 613 -13.82 43.60 -27.43
C SER A 613 -12.79 43.14 -28.45
N THR A 614 -11.52 43.31 -28.14
CA THR A 614 -10.47 42.85 -29.06
C THR A 614 -10.47 41.34 -29.16
N LEU A 615 -10.61 40.65 -28.04
CA LEU A 615 -10.70 39.20 -28.01
C LEU A 615 -12.12 38.71 -28.29
N LEU A 616 -13.04 39.62 -28.58
CA LEU A 616 -14.36 39.34 -29.12
C LEU A 616 -14.39 39.46 -30.64
N ASP A 617 -13.55 40.33 -31.19
CA ASP A 617 -13.54 40.52 -32.64
C ASP A 617 -13.05 39.27 -33.35
N LEU A 618 -12.20 38.47 -32.71
CA LEU A 618 -11.84 37.19 -33.30
C LEU A 618 -13.02 36.22 -33.27
N VAL A 619 -13.86 36.32 -32.24
CA VAL A 619 -15.06 35.50 -32.20
C VAL A 619 -16.01 35.91 -33.31
N GLY A 620 -16.14 37.22 -33.51
CA GLY A 620 -16.90 37.72 -34.65
C GLY A 620 -16.32 37.31 -35.98
N PHE A 621 -14.99 37.19 -36.03
CA PHE A 621 -14.31 36.77 -37.26
C PHE A 621 -14.61 35.33 -37.61
N CYS A 622 -14.43 34.43 -36.64
CA CYS A 622 -14.78 33.03 -36.87
C CYS A 622 -16.28 32.87 -37.11
N CYS A 623 -17.09 33.71 -36.47
CA CYS A 623 -18.50 33.80 -36.80
C CYS A 623 -18.70 34.33 -38.22
N GLU A 624 -17.96 35.37 -38.59
CA GLU A 624 -18.03 35.86 -39.97
C GLU A 624 -17.51 34.84 -40.96
N GLN A 625 -16.58 33.98 -40.56
CA GLN A 625 -16.26 32.80 -41.35
C GLN A 625 -17.51 31.94 -41.41
N THR A 626 -17.85 31.48 -42.61
CA THR A 626 -19.09 30.80 -43.00
C THR A 626 -19.69 29.74 -42.04
N PRO A 627 -18.93 28.75 -41.52
CA PRO A 627 -19.60 27.54 -41.02
C PRO A 627 -20.35 27.67 -39.71
N GLU A 628 -20.70 26.49 -39.18
CA GLU A 628 -21.41 26.29 -37.92
C GLU A 628 -20.73 26.88 -36.70
N VAL A 629 -19.50 27.38 -36.84
CA VAL A 629 -18.83 28.05 -35.75
C VAL A 629 -19.51 29.36 -35.39
N LEU A 630 -20.38 29.86 -36.28
CA LEU A 630 -21.31 30.91 -35.89
C LEU A 630 -22.45 30.36 -35.07
N ALA A 631 -22.95 29.19 -35.47
CA ALA A 631 -24.06 28.57 -34.76
C ALA A 631 -23.65 28.23 -33.34
N LEU A 632 -22.41 27.81 -33.16
CA LEU A 632 -21.93 27.49 -31.82
C LEU A 632 -21.82 28.74 -30.96
N TYR A 633 -21.45 29.86 -31.57
CA TYR A 633 -21.45 31.13 -30.85
C TYR A 633 -22.86 31.51 -30.42
N TYR A 634 -23.84 31.23 -31.28
CA TYR A 634 -25.24 31.45 -30.94
C TYR A 634 -25.68 30.57 -29.79
N ASP A 635 -25.39 29.27 -29.90
CA ASP A 635 -25.76 28.31 -28.88
C ASP A 635 -25.14 28.66 -27.56
N GLU A 636 -23.89 29.12 -27.59
CA GLU A 636 -23.21 29.44 -26.35
C GLU A 636 -23.79 30.68 -25.71
N LEU A 637 -24.17 31.68 -26.51
CA LEU A 637 -24.81 32.84 -25.91
C LEU A 637 -26.18 32.47 -25.36
N ALA A 638 -26.86 31.52 -26.01
CA ALA A 638 -28.11 31.01 -25.47
C ALA A 638 -27.89 30.33 -24.13
N ASN A 639 -26.85 29.51 -24.04
CA ASN A 639 -26.59 28.77 -22.77
C ASN A 639 -26.23 29.78 -21.68
N LEU A 640 -25.54 30.85 -22.04
CA LEU A 640 -25.17 31.88 -21.04
C LEU A 640 -26.42 32.59 -20.50
N ILE A 641 -27.35 32.95 -21.37
CA ILE A 641 -28.60 33.59 -20.90
C ILE A 641 -29.39 32.60 -20.06
N GLU A 642 -29.41 31.34 -20.48
CA GLU A 642 -30.17 30.31 -19.74
C GLU A 642 -29.58 30.11 -18.36
N LYS A 643 -28.25 29.98 -18.25
CA LYS A 643 -27.65 29.63 -16.95
C LYS A 643 -27.80 30.75 -15.93
N GLN A 644 -27.42 31.97 -16.30
CA GLN A 644 -27.52 33.10 -15.35
C GLN A 644 -28.66 33.98 -15.82
N LYS A 645 -29.81 33.92 -15.16
CA LYS A 645 -30.99 34.67 -15.65
C LYS A 645 -31.24 35.92 -14.82
N GLY A 646 -31.29 35.78 -13.49
CA GLY A 646 -31.52 36.92 -12.59
C GLY A 646 -30.41 37.95 -12.67
N ASN A 647 -29.17 37.47 -12.80
CA ASN A 647 -28.04 38.41 -12.99
C ASN A 647 -27.96 38.74 -14.48
N LEU A 648 -26.81 39.27 -14.94
CA LEU A 648 -26.63 39.55 -16.40
C LEU A 648 -27.65 40.60 -16.82
N ASP A 649 -27.38 41.85 -16.43
CA ASP A 649 -28.34 42.96 -16.70
C ASP A 649 -28.57 43.14 -18.19
N LEU A 650 -29.69 43.76 -18.55
CA LEU A 650 -30.09 43.85 -19.97
C LEU A 650 -29.11 44.65 -20.83
N GLN A 651 -28.49 45.68 -20.25
CA GLN A 651 -27.60 46.55 -21.07
C GLN A 651 -26.35 45.81 -21.52
N LEU A 652 -25.75 45.01 -20.64
CA LEU A 652 -24.49 44.34 -21.01
C LEU A 652 -24.73 43.33 -22.13
N LEU A 653 -25.79 42.52 -22.01
CA LEU A 653 -26.03 41.49 -23.04
C LEU A 653 -26.49 42.13 -24.34
N ASP A 654 -27.16 43.28 -24.24
CA ASP A 654 -27.58 44.00 -25.47
C ASP A 654 -26.32 44.46 -26.21
N LYS A 655 -25.30 44.89 -25.45
CA LYS A 655 -24.04 45.22 -26.11
C LYS A 655 -23.42 43.97 -26.72
N PHE A 656 -23.63 42.82 -26.06
CA PHE A 656 -23.10 41.57 -26.59
C PHE A 656 -23.87 41.13 -27.82
N GLY A 657 -25.17 40.86 -27.65
CA GLY A 657 -25.97 40.50 -28.80
C GLY A 657 -27.21 41.34 -28.98
N LYS A 658 -27.20 42.17 -30.02
CA LYS A 658 -28.41 42.75 -30.57
C LYS A 658 -28.29 42.63 -32.08
N SER A 659 -27.06 42.46 -32.53
CA SER A 659 -26.75 42.19 -33.92
C SER A 659 -26.79 40.70 -34.23
N LEU A 660 -26.85 39.86 -33.21
CA LEU A 660 -27.03 38.43 -33.39
C LEU A 660 -28.49 38.01 -33.29
N VAL A 661 -29.25 38.68 -32.42
CA VAL A 661 -30.69 38.51 -32.37
C VAL A 661 -31.33 38.98 -33.67
N GLU A 662 -31.08 40.23 -34.04
CA GLU A 662 -31.75 40.83 -35.19
C GLU A 662 -31.27 40.29 -36.53
N ASP A 663 -30.46 39.25 -36.55
CA ASP A 663 -30.11 38.59 -37.81
C ASP A 663 -31.14 37.56 -38.23
N PHE A 664 -32.01 37.13 -37.33
CA PHE A 664 -33.06 36.19 -37.70
C PHE A 664 -34.14 36.87 -38.54
N PRO A 665 -34.93 37.85 -38.01
CA PRO A 665 -36.15 38.24 -38.74
C PRO A 665 -35.87 39.09 -39.96
N ASN A 666 -34.61 39.23 -40.32
CA ASN A 666 -34.25 39.81 -41.60
C ASN A 666 -33.20 38.97 -42.31
N ASP A 667 -33.12 37.67 -42.03
CA ASP A 667 -32.23 36.84 -42.82
C ASP A 667 -32.77 36.66 -44.22
N PHE A 668 -34.07 36.41 -44.35
CA PHE A 668 -34.74 36.50 -45.63
C PHE A 668 -36.14 37.09 -45.58
N VAL A 669 -36.76 37.19 -44.41
CA VAL A 669 -38.20 37.49 -44.33
C VAL A 669 -38.36 39.00 -44.29
N VAL A 670 -38.36 39.63 -45.47
CA VAL A 670 -38.66 41.05 -45.62
C VAL A 670 -39.66 41.23 -46.74
N ASP A 671 -40.13 40.13 -47.32
CA ASP A 671 -41.02 40.16 -48.48
C ASP A 671 -42.45 40.49 -48.06
N LEU A 672 -43.37 40.43 -49.02
CA LEU A 672 -44.75 40.87 -48.80
C LEU A 672 -45.78 39.75 -49.01
N SER A 673 -45.71 39.05 -50.13
CA SER A 673 -46.70 38.02 -50.46
C SER A 673 -46.04 36.64 -50.47
N PRO A 674 -46.08 35.91 -49.36
CA PRO A 674 -45.32 34.64 -49.30
C PRO A 674 -45.95 33.51 -50.10
N THR A 675 -47.10 33.74 -50.73
CA THR A 675 -47.73 32.69 -51.53
C THR A 675 -46.96 32.44 -52.82
N VAL A 676 -46.12 33.40 -53.21
CA VAL A 676 -45.26 33.20 -54.37
C VAL A 676 -44.08 32.32 -53.96
N ASP A 677 -43.40 31.77 -54.98
CA ASP A 677 -42.23 30.95 -54.75
C ASP A 677 -40.91 31.68 -54.92
N GLY A 678 -40.88 32.77 -55.70
CA GLY A 678 -39.62 33.33 -56.11
C GLY A 678 -38.92 32.31 -56.99
N SER A 679 -37.81 31.78 -56.51
CA SER A 679 -37.31 30.50 -57.02
C SER A 679 -37.43 29.42 -55.96
N PHE A 680 -37.14 29.77 -54.70
CA PHE A 680 -37.11 28.86 -53.55
C PHE A 680 -36.32 27.60 -53.88
N LEU A 681 -35.02 27.84 -54.18
CA LEU A 681 -34.11 26.94 -54.88
C LEU A 681 -34.24 25.48 -54.48
N PHE A 682 -34.27 24.58 -55.48
CA PHE A 682 -34.79 23.23 -55.35
C PHE A 682 -36.19 23.31 -54.79
N PRO A 683 -37.17 23.73 -55.58
CA PRO A 683 -38.51 24.06 -55.06
C PRO A 683 -39.48 22.89 -55.05
N VAL A 684 -39.28 21.96 -54.12
CA VAL A 684 -40.26 20.90 -53.95
C VAL A 684 -41.53 21.43 -53.32
N LYS A 685 -41.43 22.51 -52.54
CA LYS A 685 -42.58 23.02 -51.82
C LYS A 685 -42.94 24.41 -52.32
N SER A 686 -42.60 24.68 -53.58
CA SER A 686 -43.22 25.80 -54.28
C SER A 686 -44.68 25.55 -54.55
N LEU A 687 -45.08 24.29 -54.72
CA LEU A 687 -46.47 23.92 -54.92
C LEU A 687 -47.22 23.74 -53.62
N TYR A 688 -46.56 23.34 -52.54
CA TYR A 688 -47.17 23.26 -51.22
C TYR A 688 -46.25 24.00 -50.24
N ASN A 689 -46.40 25.31 -50.17
CA ASN A 689 -45.73 26.10 -49.17
C ASN A 689 -46.71 26.32 -48.02
N LEU A 690 -46.29 27.05 -46.99
CA LEU A 690 -47.17 27.65 -45.99
C LEU A 690 -47.89 26.61 -45.12
N ASP A 691 -47.08 25.80 -44.43
CA ASP A 691 -47.53 24.76 -43.50
C ASP A 691 -48.41 25.33 -42.40
N GLU A 692 -49.07 24.43 -41.69
CA GLU A 692 -50.23 24.81 -40.89
C GLU A 692 -49.84 25.49 -39.59
N ASP A 693 -49.92 26.81 -39.56
CA ASP A 693 -50.12 27.48 -38.29
C ASP A 693 -51.24 28.49 -38.35
N GLU A 694 -51.24 29.31 -39.41
CA GLU A 694 -52.24 30.33 -39.75
C GLU A 694 -52.51 31.36 -38.66
N THR A 695 -51.76 31.37 -37.56
CA THR A 695 -52.06 32.23 -36.41
C THR A 695 -51.20 33.49 -36.51
N GLN A 696 -51.32 34.20 -37.63
CA GLN A 696 -50.55 35.42 -37.83
C GLN A 696 -51.30 36.35 -38.79
N GLY A 697 -50.84 37.59 -38.86
CA GLY A 697 -51.48 38.60 -39.67
C GLY A 697 -50.62 39.08 -40.83
N ALA A 698 -49.43 38.51 -40.96
CA ALA A 698 -48.53 38.81 -42.07
C ALA A 698 -47.78 37.55 -42.45
N ILE A 699 -47.37 37.47 -43.72
CA ILE A 699 -46.55 36.37 -44.20
C ILE A 699 -45.53 36.95 -45.16
N ALA A 700 -44.30 37.14 -44.69
CA ALA A 700 -43.26 37.76 -45.50
C ALA A 700 -42.45 36.71 -46.26
N ILE A 701 -41.67 35.88 -45.56
CA ILE A 701 -41.14 34.66 -46.16
C ILE A 701 -41.61 33.49 -45.29
N ASN A 702 -41.74 33.76 -43.98
CA ASN A 702 -42.19 32.79 -42.99
C ASN A 702 -41.38 31.49 -43.05
N LEU A 703 -40.08 31.59 -42.73
CA LEU A 703 -39.18 30.45 -42.50
C LEU A 703 -38.90 29.63 -43.75
N LEU A 704 -39.44 30.05 -44.88
CA LEU A 704 -39.30 29.32 -46.14
C LEU A 704 -38.00 29.64 -46.87
N PRO A 705 -37.68 30.92 -47.03
CA PRO A 705 -36.64 31.28 -48.01
C PRO A 705 -35.22 30.97 -47.56
N LEU A 706 -34.93 31.14 -46.26
CA LEU A 706 -33.63 30.71 -45.74
C LEU A 706 -33.51 29.19 -45.82
N VAL A 707 -34.64 28.49 -45.65
CA VAL A 707 -34.72 27.03 -45.75
C VAL A 707 -34.69 26.56 -47.19
N SER A 708 -34.84 27.47 -48.15
CA SER A 708 -34.91 27.10 -49.56
C SER A 708 -33.60 26.54 -50.13
N GLN A 709 -32.55 27.35 -50.17
CA GLN A 709 -31.37 27.10 -51.00
C GLN A 709 -30.64 25.79 -50.74
N LYS A 724 -32.34 23.72 -46.73
CA LYS A 724 -31.42 24.36 -47.67
C LYS A 724 -30.04 23.71 -47.61
N ARG A 725 -29.08 24.45 -47.07
CA ARG A 725 -27.75 23.91 -46.78
C ARG A 725 -27.25 24.49 -45.45
N VAL A 726 -28.17 25.03 -44.65
CA VAL A 726 -27.81 25.78 -43.46
C VAL A 726 -27.64 24.85 -42.27
N VAL A 727 -26.82 25.29 -41.30
CA VAL A 727 -26.72 24.67 -40.00
C VAL A 727 -27.61 25.38 -39.00
N SER A 728 -28.69 25.96 -39.48
CA SER A 728 -29.83 26.54 -38.81
C SER A 728 -29.44 27.58 -37.77
N PRO A 729 -28.35 28.31 -37.98
CA PRO A 729 -28.20 29.59 -37.31
C PRO A 729 -28.94 30.69 -38.04
N ILE A 730 -29.51 30.36 -39.19
CA ILE A 730 -29.98 31.32 -40.20
C ILE A 730 -31.49 31.48 -40.02
N CYS A 731 -31.88 32.40 -39.15
CA CYS A 731 -33.28 32.65 -38.76
C CYS A 731 -33.97 31.38 -38.23
N LEU A 732 -33.17 30.41 -37.80
CA LEU A 732 -33.60 29.07 -37.42
C LEU A 732 -33.08 28.71 -36.03
N SER A 733 -33.14 27.43 -35.69
CA SER A 733 -33.16 26.94 -34.32
C SER A 733 -32.13 27.56 -33.38
N PRO A 734 -30.83 27.48 -33.64
CA PRO A 734 -29.87 28.09 -32.72
C PRO A 734 -30.02 29.61 -32.61
N CYS A 735 -30.54 30.27 -33.64
CA CYS A 735 -30.78 31.72 -33.55
C CYS A 735 -32.09 32.03 -32.86
N PHE A 736 -33.06 31.14 -32.96
CA PHE A 736 -34.32 31.32 -32.25
C PHE A 736 -34.12 31.09 -30.76
N ARG A 737 -33.17 30.24 -30.40
CA ARG A 737 -32.83 30.04 -29.00
C ARG A 737 -32.24 31.28 -28.36
N LEU A 738 -31.60 32.14 -29.15
CA LEU A 738 -31.12 33.41 -28.63
C LEU A 738 -32.16 34.51 -28.77
N LEU A 739 -33.00 34.44 -29.80
CA LEU A 739 -34.08 35.41 -29.94
C LEU A 739 -35.07 35.30 -28.81
N ARG A 740 -35.47 34.06 -28.47
CA ARG A 740 -36.43 33.81 -27.40
C ARG A 740 -35.87 34.11 -26.02
N LEU A 741 -34.56 34.25 -25.89
CA LEU A 741 -33.97 34.54 -24.60
C LEU A 741 -33.58 35.99 -24.45
N TYR A 742 -33.18 36.65 -25.54
CA TYR A 742 -33.02 38.10 -25.49
C TYR A 742 -34.37 38.78 -25.42
N THR A 743 -35.41 38.17 -26.00
CA THR A 743 -36.75 38.71 -25.83
C THR A 743 -37.27 38.47 -24.42
N GLY A 744 -36.65 37.58 -23.67
CA GLY A 744 -37.10 37.32 -22.32
C GLY A 744 -36.31 38.07 -21.27
N GLU A 745 -35.07 38.43 -21.60
CA GLU A 745 -34.28 39.25 -20.69
C GLU A 745 -34.41 40.73 -21.04
N GLN A 746 -34.09 41.11 -22.27
CA GLN A 746 -34.49 42.41 -22.77
C GLN A 746 -36.01 42.42 -22.98
N ASN A 747 -36.62 43.58 -22.73
CA ASN A 747 -38.06 43.70 -22.49
C ASN A 747 -38.47 42.71 -21.39
N ASN A 748 -37.95 42.97 -20.20
CA ASN A 748 -37.86 41.98 -19.14
C ASN A 748 -39.23 41.55 -18.64
N GLY A 749 -39.23 40.52 -17.81
CA GLY A 749 -40.45 39.93 -17.30
C GLY A 749 -40.79 38.65 -18.00
N SER A 750 -40.60 38.63 -19.33
CA SER A 750 -40.77 37.46 -20.19
C SER A 750 -42.21 36.94 -20.22
N LEU A 751 -43.14 37.71 -19.67
CA LEU A 751 -44.54 37.33 -19.63
C LEU A 751 -45.35 37.80 -20.83
N GLU A 752 -45.49 39.11 -21.00
CA GLU A 752 -45.93 39.67 -22.27
C GLU A 752 -44.78 39.80 -23.27
N GLU A 753 -43.58 39.38 -22.88
CA GLU A 753 -42.44 39.43 -23.78
C GLU A 753 -42.31 38.13 -24.56
N ILE A 754 -42.87 37.05 -24.02
CA ILE A 754 -43.21 35.93 -24.89
C ILE A 754 -44.28 36.38 -25.88
N ASP A 755 -45.19 37.24 -25.44
CA ASP A 755 -46.21 37.77 -26.33
C ASP A 755 -45.65 38.83 -27.27
N ALA A 756 -44.46 39.36 -26.95
CA ALA A 756 -43.78 40.26 -27.88
C ALA A 756 -43.43 39.54 -29.18
N LEU A 757 -42.90 38.32 -29.06
CA LEU A 757 -42.76 37.43 -30.21
C LEU A 757 -43.95 36.47 -30.19
N LEU A 758 -45.08 36.95 -30.68
CA LEU A 758 -46.31 36.16 -30.60
C LEU A 758 -46.34 35.10 -31.69
N GLY A 759 -45.56 35.28 -32.74
CA GLY A 759 -45.13 34.19 -33.59
C GLY A 759 -43.64 34.02 -33.36
N CYS A 760 -42.92 33.66 -34.43
CA CYS A 760 -41.47 33.72 -34.32
C CYS A 760 -40.99 35.14 -34.13
N PRO A 761 -40.97 36.03 -35.18
CA PRO A 761 -40.97 37.50 -35.02
C PRO A 761 -42.35 38.12 -35.21
N LEU A 762 -43.30 37.74 -34.34
CA LEU A 762 -44.73 37.99 -34.50
C LEU A 762 -45.24 37.44 -35.83
N TYR A 763 -44.88 36.19 -36.13
CA TYR A 763 -45.40 35.42 -37.26
C TYR A 763 -45.04 33.95 -37.03
N LEU A 764 -46.01 33.07 -37.26
CA LEU A 764 -45.67 31.65 -37.19
C LEU A 764 -45.53 31.02 -38.56
N THR A 765 -46.66 30.87 -39.24
CA THR A 765 -46.79 30.24 -40.55
C THR A 765 -48.24 30.48 -41.02
N ASP A 766 -48.68 29.72 -42.00
CA ASP A 766 -49.97 29.87 -42.67
C ASP A 766 -50.77 28.57 -42.55
N LEU A 767 -51.67 28.32 -43.52
CA LEU A 767 -52.72 27.32 -43.40
C LEU A 767 -52.71 26.27 -44.53
N GLU A 768 -51.58 25.61 -44.77
CA GLU A 768 -51.52 24.48 -45.71
C GLU A 768 -50.67 23.38 -45.05
N VAL A 769 -50.19 22.43 -45.86
CA VAL A 769 -49.48 21.27 -45.32
C VAL A 769 -47.96 21.45 -45.20
N GLU A 770 -47.28 21.58 -46.33
CA GLU A 770 -45.82 21.75 -46.34
C GLU A 770 -45.49 23.22 -46.41
N GLY A 771 -44.25 23.61 -46.74
CA GLY A 771 -43.79 24.95 -46.39
C GLY A 771 -42.33 25.16 -46.05
N LYS A 772 -41.50 24.22 -46.49
CA LYS A 772 -40.06 24.33 -46.43
C LYS A 772 -39.49 23.51 -47.59
N LEU A 773 -38.67 24.13 -48.43
CA LEU A 773 -38.34 23.57 -49.74
C LEU A 773 -36.86 23.21 -49.86
N ASP A 774 -36.55 21.91 -49.91
CA ASP A 774 -35.16 21.51 -50.16
C ASP A 774 -35.07 20.22 -50.97
N SER A 775 -36.06 19.95 -51.81
CA SER A 775 -36.03 18.75 -52.65
C SER A 775 -36.42 19.13 -54.08
N LEU A 776 -36.72 18.13 -54.90
CA LEU A 776 -37.08 18.20 -56.31
C LEU A 776 -35.92 18.67 -57.19
N SER A 777 -34.74 18.94 -56.63
CA SER A 777 -33.54 19.12 -57.43
C SER A 777 -32.40 18.33 -56.81
N LYS A 778 -32.53 18.01 -55.53
CA LYS A 778 -31.57 17.14 -54.85
C LYS A 778 -31.94 15.69 -55.13
N GLN A 779 -31.28 15.12 -56.15
CA GLN A 779 -31.66 13.82 -56.70
C GLN A 779 -31.45 12.68 -55.72
N GLU A 780 -30.55 12.83 -54.75
CA GLU A 780 -30.46 11.88 -53.65
C GLU A 780 -31.76 11.95 -52.88
N ARG A 781 -32.42 10.82 -52.73
CA ARG A 781 -33.71 10.76 -52.05
C ARG A 781 -33.60 11.10 -50.57
N GLU A 782 -32.41 10.92 -50.00
CA GLU A 782 -32.19 11.17 -48.57
C GLU A 782 -31.87 12.63 -48.27
N PHE A 783 -30.80 13.17 -48.84
CA PHE A 783 -30.29 14.48 -48.43
C PHE A 783 -31.18 15.64 -48.85
N LEU A 784 -32.36 15.36 -49.40
CA LEU A 784 -33.27 16.40 -49.85
C LEU A 784 -34.28 16.79 -48.79
N CYS A 785 -35.07 15.85 -48.31
CA CYS A 785 -36.09 16.13 -47.31
C CYS A 785 -35.71 15.62 -45.91
N SER A 786 -34.73 14.73 -45.80
CA SER A 786 -34.26 14.32 -44.48
C SER A 786 -33.33 15.32 -43.85
N LEU A 787 -33.11 16.46 -44.48
CA LEU A 787 -32.52 17.61 -43.82
C LEU A 787 -33.50 18.75 -43.67
N LEU A 788 -34.39 18.93 -44.65
CA LEU A 788 -35.43 19.94 -44.53
C LEU A 788 -36.38 19.61 -43.39
N PHE A 789 -36.77 18.34 -43.26
CA PHE A 789 -37.65 17.99 -42.17
C PHE A 789 -36.93 17.93 -40.83
N TYR A 790 -35.62 17.66 -40.83
CA TYR A 790 -34.86 17.72 -39.58
C TYR A 790 -34.81 19.16 -39.07
N ALA A 791 -34.55 20.12 -39.98
CA ALA A 791 -34.63 21.52 -39.60
C ALA A 791 -36.05 21.91 -39.22
N LEU A 792 -37.06 21.28 -39.83
CA LEU A 792 -38.44 21.56 -39.48
C LEU A 792 -38.76 21.12 -38.06
N ASN A 793 -38.35 19.90 -37.69
CA ASN A 793 -38.66 19.40 -36.36
C ASN A 793 -37.88 20.16 -35.31
N TRP A 794 -36.62 20.50 -35.61
CA TRP A 794 -35.84 21.33 -34.70
C TRP A 794 -36.50 22.71 -34.55
N PHE A 795 -37.11 23.21 -35.62
CA PHE A 795 -37.81 24.50 -35.55
C PHE A 795 -39.03 24.40 -34.65
N ARG A 796 -39.87 23.40 -34.89
CA ARG A 796 -41.11 23.32 -34.15
C ARG A 796 -40.88 23.02 -32.68
N GLU A 797 -39.89 22.19 -32.36
CA GLU A 797 -39.67 21.89 -30.95
C GLU A 797 -38.64 22.83 -30.35
N VAL A 798 -38.17 23.81 -31.13
CA VAL A 798 -37.65 25.02 -30.49
C VAL A 798 -38.80 25.95 -30.16
N VAL A 799 -39.87 25.92 -30.96
CA VAL A 799 -41.04 26.74 -30.66
C VAL A 799 -41.82 26.16 -29.50
N ASN A 800 -41.82 24.83 -29.36
CA ASN A 800 -42.48 24.18 -28.23
C ASN A 800 -41.68 24.36 -26.94
N ALA A 801 -40.36 24.38 -27.04
CA ALA A 801 -39.48 24.57 -25.89
C ALA A 801 -39.33 26.03 -25.50
N PHE A 802 -39.85 26.96 -26.28
CA PHE A 802 -39.67 28.37 -25.96
C PHE A 802 -40.95 28.99 -25.42
N CYS A 803 -42.06 28.78 -26.11
CA CYS A 803 -43.34 29.37 -25.73
C CYS A 803 -44.07 28.40 -24.81
N GLN A 804 -43.69 28.40 -23.53
CA GLN A 804 -44.35 27.59 -22.54
C GLN A 804 -44.78 28.41 -21.34
N GLN A 805 -45.44 29.56 -21.57
CA GLN A 805 -45.98 30.41 -20.52
C GLN A 805 -47.49 30.23 -20.49
N GLN A 806 -48.13 30.81 -19.47
CA GLN A 806 -49.56 30.61 -19.23
C GLN A 806 -50.37 31.63 -20.01
N ASP A 807 -50.18 31.64 -21.32
CA ASP A 807 -51.03 32.40 -22.24
C ASP A 807 -52.00 31.44 -22.88
N ALA A 808 -53.28 31.51 -22.46
CA ALA A 808 -54.23 30.43 -22.72
C ALA A 808 -54.61 30.30 -24.19
N GLU A 809 -54.16 31.21 -25.05
CA GLU A 809 -54.19 30.96 -26.48
C GLU A 809 -52.86 30.42 -26.98
N MET A 810 -51.76 30.97 -26.49
CA MET A 810 -50.45 30.43 -26.84
C MET A 810 -50.23 29.07 -26.21
N LYS A 811 -50.84 28.80 -25.06
CA LYS A 811 -50.72 27.47 -24.46
C LYS A 811 -51.42 26.43 -25.32
N GLY A 812 -52.60 26.77 -25.85
CA GLY A 812 -53.27 25.87 -26.76
C GLY A 812 -52.52 25.69 -28.05
N LYS A 813 -52.00 26.79 -28.60
CA LYS A 813 -51.21 26.68 -29.82
C LYS A 813 -49.92 25.90 -29.61
N VAL A 814 -49.30 26.00 -28.43
CA VAL A 814 -48.13 25.21 -28.09
C VAL A 814 -48.47 23.74 -27.94
N LEU A 815 -49.62 23.40 -27.36
CA LEU A 815 -50.10 22.03 -27.45
C LEU A 815 -50.42 21.66 -28.88
N THR A 816 -50.97 22.59 -29.65
CA THR A 816 -51.14 22.36 -31.08
C THR A 816 -49.80 22.30 -31.79
N ARG A 817 -48.80 23.01 -31.28
CA ARG A 817 -47.46 22.93 -31.86
C ARG A 817 -46.84 21.57 -31.61
N LEU A 818 -47.02 21.03 -30.41
CA LEU A 818 -46.52 19.69 -30.10
C LEU A 818 -47.27 18.63 -30.91
N GLN A 819 -48.57 18.84 -31.11
CA GLN A 819 -49.33 17.94 -31.98
C GLN A 819 -48.83 17.98 -33.41
N ASN A 820 -48.62 19.16 -33.97
CA ASN A 820 -48.11 19.26 -35.33
C ASN A 820 -46.67 18.77 -35.42
N ILE A 821 -45.91 18.89 -34.33
CA ILE A 821 -44.56 18.36 -34.27
C ILE A 821 -44.58 16.84 -34.27
N THR A 822 -45.59 16.24 -33.63
CA THR A 822 -45.73 14.79 -33.68
C THR A 822 -46.02 14.31 -35.09
N GLU A 823 -46.94 14.97 -35.79
CA GLU A 823 -47.27 14.55 -37.15
C GLU A 823 -46.12 14.82 -38.10
N LEU A 824 -45.45 15.96 -37.92
CA LEU A 824 -44.27 16.27 -38.73
C LEU A 824 -43.15 15.28 -38.45
N GLN A 825 -43.03 14.84 -37.19
CA GLN A 825 -42.02 13.85 -36.84
C GLN A 825 -42.36 12.51 -37.44
N ASN A 826 -43.65 12.18 -37.51
CA ASN A 826 -44.06 10.91 -38.11
C ASN A 826 -43.77 10.91 -39.60
N VAL A 827 -44.17 11.98 -40.30
CA VAL A 827 -43.87 12.07 -41.73
C VAL A 827 -42.37 12.12 -41.97
N LEU A 828 -41.64 12.76 -41.05
CA LEU A 828 -40.19 12.88 -41.21
C LEU A 828 -39.50 11.54 -40.95
N GLY A 829 -39.97 10.79 -39.98
CA GLY A 829 -39.41 9.47 -39.74
C GLY A 829 -39.75 8.53 -40.88
N LYS A 830 -40.95 8.68 -41.46
CA LYS A 830 -41.29 7.88 -42.63
C LYS A 830 -40.38 8.22 -43.80
N CYS A 831 -40.08 9.50 -44.00
CA CYS A 831 -39.19 9.89 -45.08
C CYS A 831 -37.76 9.44 -44.80
N LEU A 832 -37.35 9.45 -43.53
CA LEU A 832 -35.99 9.04 -43.19
C LEU A 832 -35.83 7.54 -43.34
N ALA A 833 -36.87 6.78 -43.00
CA ALA A 833 -36.83 5.34 -43.19
C ALA A 833 -36.84 5.00 -44.68
N ALA A 834 -37.73 5.63 -45.44
CA ALA A 834 -37.76 5.43 -46.88
C ALA A 834 -36.52 5.97 -47.57
N THR A 835 -35.77 6.84 -46.90
CA THR A 835 -34.47 7.23 -47.40
C THR A 835 -33.49 6.07 -47.23
N PRO A 836 -32.74 5.74 -48.27
CA PRO A 836 -31.63 4.80 -48.09
C PRO A 836 -30.49 5.48 -47.36
N GLY A 837 -30.13 4.95 -46.20
CA GLY A 837 -29.30 5.72 -45.30
C GLY A 837 -30.13 6.85 -44.73
N TYR A 838 -29.44 7.90 -44.30
CA TYR A 838 -30.14 9.08 -43.83
C TYR A 838 -29.29 10.33 -44.01
N VAL A 839 -29.91 11.50 -43.97
CA VAL A 839 -29.13 12.74 -43.93
C VAL A 839 -28.56 12.77 -42.53
N PRO A 840 -27.30 12.40 -42.36
CA PRO A 840 -26.73 12.33 -41.02
C PRO A 840 -26.41 13.73 -40.51
N PRO A 841 -26.13 14.65 -41.41
CA PRO A 841 -25.44 15.89 -41.03
C PRO A 841 -26.28 16.75 -40.09
N PRO A 842 -27.45 17.18 -40.51
CA PRO A 842 -28.33 17.84 -39.54
C PRO A 842 -29.29 16.88 -38.87
N ALA A 843 -28.82 15.68 -38.56
CA ALA A 843 -29.57 14.78 -37.67
C ALA A 843 -28.69 14.20 -36.58
N THR A 844 -27.47 13.79 -36.96
CA THR A 844 -26.53 13.15 -36.07
C THR A 844 -25.21 13.90 -35.97
N PHE A 845 -25.08 15.06 -36.65
CA PHE A 845 -23.87 15.86 -36.57
C PHE A 845 -24.11 17.35 -36.36
N ASP A 846 -25.27 17.90 -36.71
CA ASP A 846 -25.55 19.31 -36.50
C ASP A 846 -26.60 19.47 -35.41
N SER A 847 -26.99 20.71 -35.17
CA SER A 847 -28.04 21.18 -34.27
C SER A 847 -27.71 20.95 -32.81
N GLU A 848 -26.65 20.21 -32.49
CA GLU A 848 -26.14 20.10 -31.14
C GLU A 848 -24.69 20.51 -31.01
N ALA A 849 -23.82 19.95 -31.83
CA ALA A 849 -22.41 20.32 -31.90
C ALA A 849 -22.30 21.78 -32.31
N PRO A 850 -23.18 22.22 -33.22
CA PRO A 850 -23.44 23.62 -33.60
C PRO A 850 -24.12 24.35 -32.46
N ALA A 915 -35.43 7.11 -34.09
CA ALA A 915 -35.00 8.12 -33.11
C ALA A 915 -33.50 8.38 -33.24
N GLN A 916 -33.13 9.33 -34.10
CA GLN A 916 -31.70 9.78 -34.26
C GLN A 916 -31.29 10.50 -33.00
N LEU A 917 -32.21 11.28 -32.43
CA LEU A 917 -32.13 11.73 -31.04
C LEU A 917 -30.86 12.43 -30.60
N GLN A 918 -29.75 12.22 -31.28
CA GLN A 918 -28.47 12.74 -30.81
C GLN A 918 -28.26 14.17 -31.30
N SER A 919 -28.66 14.42 -32.53
CA SER A 919 -28.38 15.76 -33.06
C SER A 919 -29.64 16.50 -33.46
N TYR A 920 -30.77 15.81 -33.55
CA TYR A 920 -32.01 16.61 -33.74
C TYR A 920 -32.29 17.04 -32.32
N ARG A 921 -31.39 17.84 -31.80
CA ARG A 921 -31.44 17.95 -30.35
C ARG A 921 -32.55 18.87 -29.89
N PRO A 922 -32.77 19.90 -30.54
CA PRO A 922 -33.82 20.82 -30.09
C PRO A 922 -35.20 20.34 -30.54
N TYR A 923 -35.23 19.27 -31.33
CA TYR A 923 -36.44 18.68 -31.89
C TYR A 923 -37.07 17.66 -30.97
N PHE A 924 -36.76 17.67 -29.68
CA PHE A 924 -37.29 16.66 -28.79
C PHE A 924 -37.58 17.26 -27.41
N ARG A 925 -38.15 18.46 -27.38
CA ARG A 925 -38.22 19.30 -26.17
C ARG A 925 -36.82 19.45 -25.58
N GLU A 926 -35.97 20.11 -26.37
CA GLU A 926 -34.54 20.33 -26.13
C GLU A 926 -33.77 19.03 -25.98
N LEU A 927 -34.42 17.91 -26.31
CA LEU A 927 -34.06 16.52 -26.01
C LEU A 927 -34.12 16.22 -24.51
N ASP A 928 -34.33 17.25 -23.68
CA ASP A 928 -34.53 17.01 -22.24
C ASP A 928 -35.37 18.06 -21.53
N LEU A 929 -35.95 19.09 -22.20
CA LEU A 929 -36.31 20.36 -21.55
C LEU A 929 -37.26 20.19 -20.37
N GLU A 930 -36.73 20.50 -19.19
CA GLU A 930 -37.45 20.20 -17.95
C GLU A 930 -38.70 21.05 -17.83
N VAL A 931 -38.71 22.24 -18.43
CA VAL A 931 -39.90 23.06 -18.43
C VAL A 931 -40.97 22.50 -19.36
N PHE A 932 -40.61 22.13 -20.58
CA PHE A 932 -41.55 21.57 -21.55
C PHE A 932 -42.19 20.29 -21.05
N SER A 933 -41.36 19.32 -20.65
CA SER A 933 -41.85 18.03 -20.17
C SER A 933 -42.63 18.15 -18.88
N VAL A 934 -42.54 19.30 -18.19
CA VAL A 934 -43.40 19.53 -17.04
C VAL A 934 -44.67 20.27 -17.46
N LEU A 935 -44.52 21.32 -18.28
CA LEU A 935 -45.67 22.16 -18.57
C LEU A 935 -46.67 21.45 -19.46
N HIS A 936 -46.22 20.93 -20.60
CA HIS A 936 -47.15 20.30 -21.54
C HIS A 936 -47.77 19.05 -20.94
N CYS A 937 -47.07 18.36 -20.05
CA CYS A 937 -47.65 17.28 -19.28
C CYS A 937 -48.49 17.80 -18.12
N GLY A 938 -48.18 18.97 -17.59
CA GLY A 938 -49.06 19.58 -16.63
C GLY A 938 -50.28 20.22 -17.23
N LEU A 939 -50.37 20.25 -18.56
CA LEU A 939 -51.45 20.92 -19.26
C LEU A 939 -52.73 20.08 -19.25
N LEU A 940 -52.60 18.78 -19.46
CA LEU A 940 -53.79 17.92 -19.41
C LEU A 940 -54.18 17.53 -18.00
N THR A 941 -53.59 18.16 -16.98
CA THR A 941 -53.91 17.87 -15.59
C THR A 941 -55.31 18.34 -15.24
N LEU A 959 -53.11 15.65 -23.45
CA LEU A 959 -54.04 15.82 -24.55
C LEU A 959 -53.46 15.29 -25.85
N GLY A 960 -53.34 13.97 -25.94
CA GLY A 960 -52.82 13.34 -27.12
C GLY A 960 -52.01 12.12 -26.74
N PRO A 961 -52.28 11.00 -27.41
CA PRO A 961 -51.54 9.79 -27.05
C PRO A 961 -50.11 9.81 -27.54
N ALA A 962 -49.87 10.14 -28.81
CA ALA A 962 -48.50 10.12 -29.32
C ALA A 962 -47.71 11.34 -28.89
N GLU A 963 -48.39 12.39 -28.42
CA GLU A 963 -47.71 13.50 -27.78
C GLU A 963 -47.27 13.14 -26.38
N LEU A 964 -48.12 12.46 -25.63
CA LEU A 964 -47.71 11.91 -24.35
C LEU A 964 -46.57 10.92 -24.52
N CYS A 965 -46.58 10.17 -25.63
CA CYS A 965 -45.47 9.25 -25.91
C CYS A 965 -44.15 9.99 -26.04
N PHE A 966 -44.10 11.02 -26.89
CA PHE A 966 -42.84 11.72 -27.14
C PHE A 966 -42.37 12.48 -25.92
N LEU A 967 -43.28 13.21 -25.27
CA LEU A 967 -42.91 13.94 -24.08
C LEU A 967 -42.46 13.01 -22.96
N LEU A 968 -43.08 11.84 -22.83
CA LEU A 968 -42.65 10.91 -21.79
C LEU A 968 -41.33 10.25 -22.17
N ASP A 969 -41.09 10.03 -23.47
CA ASP A 969 -39.81 9.47 -23.87
C ASP A 969 -38.68 10.46 -23.60
N ASP A 970 -38.94 11.76 -23.79
CA ASP A 970 -37.97 12.76 -23.41
C ASP A 970 -37.76 12.76 -21.91
N MET A 971 -38.84 12.66 -21.13
CA MET A 971 -38.73 12.59 -19.67
C MET A 971 -37.86 11.42 -19.24
N CYS A 972 -38.06 10.27 -19.87
CA CYS A 972 -37.31 9.10 -19.46
C CYS A 972 -35.86 9.17 -19.92
N TRP A 973 -35.62 9.51 -21.20
CA TRP A 973 -34.25 9.51 -21.72
C TRP A 973 -33.45 10.72 -21.23
N LYS A 974 -34.10 11.62 -20.49
CA LYS A 974 -33.37 12.65 -19.77
C LYS A 974 -33.19 12.27 -18.31
N LEU A 975 -34.15 11.54 -17.74
CA LEU A 975 -34.02 11.11 -16.37
C LEU A 975 -32.97 10.02 -16.24
N GLU A 976 -32.62 9.35 -17.34
CA GLU A 976 -31.53 8.38 -17.30
C GLU A 976 -30.21 9.04 -16.94
N HIS A 977 -29.71 9.94 -17.79
CA HIS A 977 -28.40 10.55 -17.61
C HIS A 977 -28.33 11.48 -16.42
N VAL A 978 -29.31 12.35 -16.26
CA VAL A 978 -29.28 13.35 -15.19
C VAL A 978 -29.42 12.75 -13.80
N LEU A 979 -30.40 11.86 -13.57
CA LEU A 979 -30.85 11.54 -12.22
C LEU A 979 -30.28 10.24 -11.65
N THR A 980 -29.77 9.35 -12.48
CA THR A 980 -29.14 8.13 -11.98
C THR A 980 -27.88 8.43 -11.19
N PHE A 1000 -26.97 16.25 -24.54
CA PHE A 1000 -27.71 16.54 -23.32
C PHE A 1000 -27.05 17.68 -22.57
N SER A 1001 -26.64 18.71 -23.32
CA SER A 1001 -25.85 19.77 -22.71
C SER A 1001 -26.71 20.86 -22.08
N HIS A 1002 -28.03 20.71 -22.12
CA HIS A 1002 -28.89 21.73 -21.54
C HIS A 1002 -29.70 21.22 -20.36
N LEU A 1003 -29.71 19.91 -20.11
CA LEU A 1003 -30.21 19.36 -18.86
C LEU A 1003 -29.10 19.26 -17.82
N CYS A 1004 -27.93 18.78 -18.22
CA CYS A 1004 -26.74 18.71 -17.40
C CYS A 1004 -26.16 20.07 -17.09
N GLN A 1005 -26.83 21.15 -17.49
CA GLN A 1005 -26.59 22.49 -16.97
C GLN A 1005 -27.42 22.77 -15.72
N ARG A 1006 -27.93 21.74 -15.07
CA ARG A 1006 -28.54 21.83 -13.76
C ARG A 1006 -28.11 20.61 -12.95
N SER A 1007 -27.84 20.82 -11.66
CA SER A 1007 -27.34 19.75 -10.81
C SER A 1007 -28.39 18.66 -10.68
N PRO A 1008 -28.00 17.41 -10.47
CA PRO A 1008 -28.97 16.31 -10.50
C PRO A 1008 -30.01 16.40 -9.41
N LYS A 1009 -29.71 17.07 -8.31
CA LYS A 1009 -30.73 17.34 -7.30
C LYS A 1009 -31.73 18.39 -7.80
N GLU A 1010 -31.27 19.37 -8.59
CA GLU A 1010 -32.19 20.36 -9.12
C GLU A 1010 -33.07 19.78 -10.22
N VAL A 1011 -32.49 18.92 -11.06
CA VAL A 1011 -33.30 18.20 -12.04
C VAL A 1011 -34.27 17.26 -11.32
N ALA A 1012 -33.84 16.67 -10.20
CA ALA A 1012 -34.72 15.78 -9.44
C ALA A 1012 -35.86 16.56 -8.82
N VAL A 1013 -35.56 17.72 -8.23
CA VAL A 1013 -36.59 18.60 -7.69
C VAL A 1013 -37.61 18.95 -8.76
N CYS A 1014 -37.16 19.57 -9.85
CA CYS A 1014 -38.08 19.99 -10.88
C CYS A 1014 -38.69 18.84 -11.66
N VAL A 1015 -38.27 17.59 -11.47
CA VAL A 1015 -38.78 16.46 -12.24
C VAL A 1015 -39.61 15.52 -11.37
N VAL A 1016 -39.52 15.67 -10.04
CA VAL A 1016 -40.30 14.81 -9.17
C VAL A 1016 -41.18 15.62 -8.25
N LYS A 1017 -40.62 16.62 -7.58
CA LYS A 1017 -41.41 17.47 -6.70
C LYS A 1017 -42.43 18.28 -7.48
N LEU A 1018 -41.98 19.10 -8.42
CA LEU A 1018 -42.90 19.90 -9.21
C LEU A 1018 -43.45 19.15 -10.41
N LEU A 1019 -43.35 17.82 -10.45
CA LEU A 1019 -43.92 17.10 -11.56
C LEU A 1019 -44.52 15.77 -11.15
N LYS A 1020 -44.77 15.57 -9.86
CA LYS A 1020 -45.41 14.33 -9.42
C LYS A 1020 -46.89 14.28 -9.77
N PRO A 1021 -47.69 15.31 -9.50
CA PRO A 1021 -49.13 15.19 -9.73
C PRO A 1021 -49.51 15.20 -11.19
N LEU A 1022 -48.77 15.92 -12.02
CA LEU A 1022 -49.06 15.96 -13.44
C LEU A 1022 -48.84 14.61 -14.10
N CYS A 1023 -47.86 13.84 -13.63
CA CYS A 1023 -47.67 12.49 -14.11
C CYS A 1023 -48.62 11.50 -13.47
N ASN A 1024 -48.91 11.67 -12.18
CA ASN A 1024 -49.79 10.73 -11.49
C ASN A 1024 -51.22 10.82 -12.01
N HIS A 1025 -51.65 12.01 -12.46
CA HIS A 1025 -53.00 12.14 -13.00
C HIS A 1025 -53.13 11.41 -14.33
N MET A 1026 -52.12 11.50 -15.19
CA MET A 1026 -52.16 10.74 -16.43
C MET A 1026 -51.96 9.25 -16.17
N GLU A 1027 -51.30 8.90 -15.06
CA GLU A 1027 -51.20 7.50 -14.70
C GLU A 1027 -52.54 6.96 -14.21
N ASN A 1028 -53.31 7.79 -13.50
CA ASN A 1028 -54.64 7.39 -13.09
C ASN A 1028 -55.57 7.28 -14.29
N MET A 1029 -55.42 8.19 -15.26
CA MET A 1029 -56.20 8.08 -16.49
C MET A 1029 -55.82 6.84 -17.29
N HIS A 1030 -54.55 6.46 -17.29
CA HIS A 1030 -54.16 5.22 -17.94
C HIS A 1030 -54.65 4.00 -17.18
N ASN A 1031 -54.71 4.11 -15.85
CA ASN A 1031 -55.30 3.03 -15.05
C ASN A 1031 -56.78 2.85 -15.36
N TYR A 1032 -57.46 3.96 -15.64
CA TYR A 1032 -58.83 3.90 -16.13
C TYR A 1032 -58.91 3.27 -17.52
N PHE A 1033 -58.03 3.66 -18.45
CA PHE A 1033 -58.06 3.13 -19.81
C PHE A 1033 -57.66 1.67 -19.88
N GLN A 1034 -57.01 1.17 -18.83
CA GLN A 1034 -56.71 -0.25 -18.72
C GLN A 1034 -57.84 -1.06 -18.07
N THR A 1035 -58.66 -0.44 -17.20
CA THR A 1035 -59.88 -1.05 -16.72
C THR A 1035 -61.02 -0.93 -17.73
N VAL A 1036 -60.71 -0.48 -18.93
CA VAL A 1036 -61.54 -0.46 -20.13
C VAL A 1036 -60.75 -1.31 -21.10
N ILE A 1037 -61.09 -1.28 -22.38
CA ILE A 1037 -60.25 -2.00 -23.32
C ILE A 1037 -59.55 -1.03 -24.26
N PRO A 1038 -58.90 0.02 -23.75
CA PRO A 1038 -57.98 0.83 -24.58
C PRO A 1038 -56.56 0.27 -24.67
N ASN A 1039 -56.12 -0.52 -23.69
CA ASN A 1039 -54.83 -1.19 -23.72
C ASN A 1039 -55.00 -2.64 -24.14
N GLN A 1040 -56.26 -3.11 -24.14
CA GLN A 1040 -56.61 -4.51 -24.38
C GLN A 1040 -57.63 -4.69 -25.49
N GLY A 1041 -58.02 -3.61 -26.17
CA GLY A 1041 -59.07 -3.72 -27.17
C GLY A 1041 -58.61 -4.42 -28.44
N VAL A 1042 -57.40 -4.11 -28.89
CA VAL A 1042 -56.88 -4.76 -30.09
C VAL A 1042 -56.30 -6.13 -29.75
N VAL A 1043 -56.33 -6.52 -28.48
CA VAL A 1043 -56.11 -7.91 -28.14
C VAL A 1043 -57.42 -8.67 -28.15
N ASP A 1044 -58.43 -8.17 -27.43
CA ASP A 1044 -59.69 -8.90 -27.27
C ASP A 1044 -60.80 -8.46 -28.23
N GLU A 1045 -61.27 -7.21 -28.10
CA GLU A 1045 -62.57 -6.89 -28.69
C GLU A 1045 -62.64 -5.61 -29.52
N SER A 1046 -61.99 -4.54 -29.06
CA SER A 1046 -62.19 -3.22 -29.65
C SER A 1046 -61.18 -2.99 -30.78
N GLY A 1047 -61.29 -3.84 -31.80
CA GLY A 1047 -60.42 -3.77 -32.96
C GLY A 1047 -60.80 -2.66 -33.92
N LEU A 1048 -60.78 -1.41 -33.44
CA LEU A 1048 -60.99 -0.26 -34.30
C LEU A 1048 -59.79 0.69 -34.28
N ASN A 1049 -59.10 0.82 -33.15
CA ASN A 1049 -57.86 1.59 -33.04
C ASN A 1049 -56.80 0.61 -32.54
N ILE A 1050 -56.18 -0.10 -33.48
CA ILE A 1050 -55.16 -1.09 -33.17
C ILE A 1050 -53.88 -0.36 -32.79
N GLN A 1051 -53.52 0.66 -33.57
CA GLN A 1051 -52.33 1.44 -33.32
C GLN A 1051 -52.56 2.55 -32.33
N GLU A 1052 -53.58 2.47 -31.50
CA GLU A 1052 -53.70 3.36 -30.35
C GLU A 1052 -53.37 2.65 -29.06
N TYR A 1053 -53.66 1.35 -28.98
CA TYR A 1053 -53.30 0.58 -27.80
C TYR A 1053 -51.80 0.54 -27.59
N GLN A 1054 -51.03 0.43 -28.68
CA GLN A 1054 -49.57 0.38 -28.54
C GLN A 1054 -49.04 1.66 -27.94
N LEU A 1055 -49.55 2.80 -28.41
CA LEU A 1055 -49.08 4.08 -27.88
C LEU A 1055 -49.59 4.29 -26.46
N MET A 1056 -50.80 3.84 -26.16
CA MET A 1056 -51.30 3.99 -24.80
C MET A 1056 -50.63 3.01 -23.84
N SER A 1057 -49.97 1.99 -24.39
CA SER A 1057 -49.16 1.11 -23.56
C SER A 1057 -47.79 1.71 -23.31
N SER A 1058 -47.16 2.22 -24.36
CA SER A 1058 -45.83 2.80 -24.24
C SER A 1058 -45.86 4.03 -23.35
N CYS A 1059 -46.99 4.75 -23.34
CA CYS A 1059 -47.14 5.87 -22.42
C CYS A 1059 -47.09 5.40 -20.96
N TYR A 1060 -47.85 4.36 -20.62
CA TYR A 1060 -47.84 3.86 -19.25
C TYR A 1060 -46.48 3.29 -18.89
N HIS A 1061 -45.82 2.65 -19.85
CA HIS A 1061 -44.49 2.08 -19.61
C HIS A 1061 -43.48 3.18 -19.31
N GLN A 1062 -43.52 4.26 -20.09
CA GLN A 1062 -42.60 5.35 -19.85
C GLN A 1062 -42.95 6.10 -18.57
N LEU A 1063 -44.23 6.06 -18.17
CA LEU A 1063 -44.60 6.70 -16.92
C LEU A 1063 -44.07 5.91 -15.73
N LEU A 1064 -44.14 4.59 -15.80
CA LEU A 1064 -43.63 3.80 -14.69
C LEU A 1064 -42.10 3.83 -14.65
N LEU A 1065 -41.43 3.87 -15.82
CA LEU A 1065 -39.98 4.03 -15.82
C LEU A 1065 -39.57 5.40 -15.29
N ALA A 1066 -40.42 6.41 -15.51
CA ALA A 1066 -40.19 7.70 -14.86
C ALA A 1066 -40.30 7.57 -13.35
N PHE A 1067 -41.30 6.82 -12.86
CA PHE A 1067 -41.46 6.63 -11.42
C PHE A 1067 -40.28 5.89 -10.83
N ARG A 1068 -39.77 4.87 -11.54
CA ARG A 1068 -38.55 4.20 -11.14
C ARG A 1068 -37.40 5.18 -11.06
N LEU A 1069 -37.03 5.79 -12.20
CA LEU A 1069 -35.80 6.56 -12.31
C LEU A 1069 -35.84 7.81 -11.45
N LEU A 1070 -37.01 8.26 -11.04
CA LEU A 1070 -37.09 9.28 -10.01
C LEU A 1070 -36.94 8.71 -8.61
N PHE A 1071 -37.62 7.62 -8.29
CA PHE A 1071 -37.55 7.01 -6.97
C PHE A 1071 -36.28 6.21 -6.76
N ALA A 1072 -35.80 5.50 -7.77
CA ALA A 1072 -34.64 4.60 -7.65
C ALA A 1072 -33.31 5.33 -7.63
N TRP A 1073 -33.28 6.61 -7.27
CA TRP A 1073 -32.09 7.40 -7.51
C TRP A 1073 -31.31 7.56 -6.22
N SER A 1074 -30.00 7.60 -6.37
CA SER A 1074 -29.17 8.29 -5.41
C SER A 1074 -29.45 9.78 -5.41
N GLY A 1075 -29.99 10.31 -6.52
CA GLY A 1075 -30.31 11.73 -6.64
C GLY A 1075 -31.39 12.20 -5.70
N PHE A 1076 -32.03 11.28 -4.96
CA PHE A 1076 -32.92 11.60 -3.85
C PHE A 1076 -32.59 10.87 -2.55
N SER A 1077 -32.19 9.60 -2.60
CA SER A 1077 -32.14 8.74 -1.40
C SER A 1077 -30.78 8.73 -0.70
N GLN A 1078 -30.27 9.92 -0.40
CA GLN A 1078 -29.08 10.06 0.44
C GLN A 1078 -29.48 10.83 1.70
N HIS A 1079 -28.48 11.27 2.48
CA HIS A 1079 -28.74 11.81 3.81
C HIS A 1079 -29.53 13.12 3.80
N GLU A 1080 -29.51 13.87 2.70
CA GLU A 1080 -30.38 15.04 2.57
C GLU A 1080 -31.73 14.56 2.07
N ASN A 1081 -32.55 14.04 2.99
CA ASN A 1081 -33.76 13.31 2.64
C ASN A 1081 -35.04 14.10 2.87
N SER A 1082 -34.94 15.42 3.07
CA SER A 1082 -36.14 16.23 3.13
C SER A 1082 -36.85 16.25 1.79
N ASN A 1083 -36.08 16.29 0.70
CA ASN A 1083 -36.67 16.17 -0.63
C ASN A 1083 -37.28 14.80 -0.84
N LEU A 1084 -36.76 13.77 -0.17
CA LEU A 1084 -37.39 12.45 -0.23
C LEU A 1084 -38.78 12.49 0.40
N LEU A 1085 -38.93 13.28 1.48
CA LEU A 1085 -40.24 13.44 2.08
C LEU A 1085 -41.16 14.24 1.18
N ARG A 1086 -40.64 15.33 0.57
CA ARG A 1086 -41.45 16.14 -0.33
C ARG A 1086 -41.86 15.35 -1.56
N SER A 1087 -41.06 14.38 -1.95
CA SER A 1087 -41.41 13.52 -3.07
C SER A 1087 -42.35 12.41 -2.67
N ALA A 1088 -42.26 11.93 -1.44
CA ALA A 1088 -43.05 10.79 -1.00
C ALA A 1088 -44.44 11.17 -0.54
N LEU A 1089 -44.58 12.34 0.10
CA LEU A 1089 -45.88 12.77 0.59
C LEU A 1089 -46.87 12.99 -0.55
N GLN A 1090 -46.38 13.42 -1.71
CA GLN A 1090 -47.23 13.58 -2.86
C GLN A 1090 -47.64 12.25 -3.49
N VAL A 1091 -47.08 11.14 -3.03
CA VAL A 1091 -47.39 9.84 -3.61
C VAL A 1091 -48.48 9.16 -2.79
N LEU A 1092 -48.43 9.34 -1.47
CA LEU A 1092 -49.48 8.78 -0.61
C LEU A 1092 -50.81 9.46 -0.85
N ALA A 1093 -50.80 10.77 -0.99
CA ALA A 1093 -52.02 11.53 -1.19
C ALA A 1093 -52.44 11.62 -2.65
N ASP A 1094 -51.98 10.73 -3.52
CA ASP A 1094 -52.37 10.78 -4.93
C ASP A 1094 -53.84 10.46 -5.11
N ARG A 1095 -54.28 9.33 -4.57
CA ARG A 1095 -55.70 9.04 -4.42
C ARG A 1095 -56.03 8.47 -3.06
N LEU A 1096 -55.03 8.17 -2.23
CA LEU A 1096 -55.21 7.51 -0.95
C LEU A 1096 -55.16 8.46 0.22
N LYS A 1097 -56.30 9.07 0.57
CA LYS A 1097 -56.50 9.75 1.85
C LYS A 1097 -55.54 10.92 2.07
N PRO A 1098 -55.74 12.06 1.41
CA PRO A 1098 -54.86 13.22 1.64
C PRO A 1098 -55.04 13.88 3.00
N GLY A 1099 -54.95 13.10 4.08
CA GLY A 1099 -55.02 13.61 5.42
C GLY A 1099 -53.84 13.11 6.22
N GLU A 1100 -53.02 12.29 5.57
CA GLU A 1100 -51.76 11.82 6.13
C GLU A 1100 -50.58 12.64 5.66
N THR A 1101 -50.76 13.96 5.51
CA THR A 1101 -49.69 14.80 4.99
C THR A 1101 -48.52 14.84 5.97
N GLU A 1102 -48.79 15.19 7.22
CA GLU A 1102 -47.72 15.25 8.20
C GLU A 1102 -47.43 13.90 8.85
N PHE A 1103 -47.77 12.80 8.19
CA PHE A 1103 -47.43 11.48 8.70
C PHE A 1103 -45.92 11.33 8.78
N LEU A 1104 -45.45 10.74 9.86
CA LEU A 1104 -44.02 10.71 10.15
C LEU A 1104 -43.31 9.76 9.20
N PRO A 1105 -41.97 9.74 9.20
CA PRO A 1105 -41.22 8.92 8.23
C PRO A 1105 -41.47 7.43 8.40
N LEU A 1106 -41.17 6.67 7.36
CA LEU A 1106 -41.40 5.23 7.21
C LEU A 1106 -42.88 4.87 7.26
N GLU A 1107 -43.79 5.85 7.28
CA GLU A 1107 -45.20 5.60 7.10
C GLU A 1107 -45.69 6.04 5.73
N GLU A 1108 -45.07 7.05 5.14
CA GLU A 1108 -45.45 7.49 3.80
C GLU A 1108 -45.08 6.46 2.74
N LEU A 1109 -43.93 5.81 2.93
CA LEU A 1109 -43.54 4.71 2.04
C LEU A 1109 -44.53 3.56 2.12
N ILE A 1110 -44.87 3.12 3.34
CA ILE A 1110 -45.84 2.06 3.54
C ILE A 1110 -47.23 2.43 3.09
N SER A 1111 -47.57 3.72 3.10
CA SER A 1111 -48.85 4.16 2.59
C SER A 1111 -48.89 4.12 1.07
N GLU A 1112 -47.90 4.73 0.43
CA GLU A 1112 -47.90 4.83 -1.04
C GLU A 1112 -47.76 3.46 -1.67
N SER A 1113 -47.06 2.54 -1.00
CA SER A 1113 -46.90 1.19 -1.54
C SER A 1113 -48.24 0.48 -1.67
N PHE A 1114 -49.22 0.80 -0.82
CA PHE A 1114 -50.52 0.15 -0.91
C PHE A 1114 -51.27 0.55 -2.17
N GLN A 1115 -51.27 1.85 -2.50
CA GLN A 1115 -51.95 2.28 -3.72
C GLN A 1115 -51.18 1.86 -4.95
N TYR A 1116 -49.85 1.83 -4.87
CA TYR A 1116 -49.06 1.38 -6.01
C TYR A 1116 -49.34 -0.09 -6.30
N LEU A 1117 -49.32 -0.94 -5.27
CA LEU A 1117 -49.65 -2.34 -5.46
C LEU A 1117 -51.12 -2.50 -5.85
N LEU A 1118 -51.99 -1.57 -5.46
CA LEU A 1118 -53.37 -1.58 -5.93
C LEU A 1118 -53.45 -1.30 -7.42
N ASN A 1119 -52.58 -0.45 -7.93
CA ASN A 1119 -52.50 -0.25 -9.38
C ASN A 1119 -51.94 -1.49 -10.06
N PHE A 1120 -51.04 -2.20 -9.38
CA PHE A 1120 -50.29 -3.29 -10.01
C PHE A 1120 -51.21 -4.39 -10.49
N GLN A 1121 -52.30 -4.64 -9.77
CA GLN A 1121 -53.26 -5.65 -10.20
C GLN A 1121 -54.01 -5.22 -11.45
N ALA A 1122 -54.06 -3.93 -11.72
CA ALA A 1122 -54.64 -3.43 -12.96
C ALA A 1122 -53.58 -3.14 -14.01
N SER A 1123 -52.31 -3.39 -13.70
CA SER A 1123 -51.26 -3.24 -14.70
C SER A 1123 -51.40 -4.34 -15.74
N ILE A 1124 -52.00 -4.01 -16.88
CA ILE A 1124 -52.23 -4.99 -17.93
C ILE A 1124 -51.57 -4.47 -19.19
N PRO A 1125 -50.38 -3.93 -19.09
CA PRO A 1125 -49.75 -3.28 -20.24
C PRO A 1125 -48.95 -4.25 -21.11
N SER A 1126 -49.25 -5.55 -20.99
CA SER A 1126 -48.49 -6.67 -21.56
C SER A 1126 -47.15 -6.85 -20.84
N PHE A 1127 -47.04 -6.25 -19.66
CA PHE A 1127 -46.03 -6.56 -18.65
C PHE A 1127 -44.57 -6.35 -19.06
N GLN A 1128 -44.35 -5.68 -20.18
CA GLN A 1128 -43.03 -5.11 -20.40
C GLN A 1128 -42.79 -3.98 -19.41
N CYS A 1129 -43.88 -3.35 -18.97
CA CYS A 1129 -43.86 -2.35 -17.90
C CYS A 1129 -44.04 -2.96 -16.51
N ALA A 1130 -44.54 -4.19 -16.41
CA ALA A 1130 -44.70 -4.78 -15.08
C ALA A 1130 -43.37 -5.25 -14.54
N PHE A 1131 -42.40 -5.50 -15.42
CA PHE A 1131 -41.03 -5.66 -14.98
C PHE A 1131 -40.48 -4.36 -14.41
N ILE A 1132 -41.14 -3.24 -14.70
CA ILE A 1132 -40.85 -1.98 -14.02
C ILE A 1132 -41.87 -1.69 -12.93
N LEU A 1133 -43.05 -2.32 -12.97
CA LEU A 1133 -44.02 -2.13 -11.89
C LEU A 1133 -43.62 -2.88 -10.64
N THR A 1134 -42.62 -3.75 -10.74
CA THR A 1134 -42.01 -4.32 -9.55
C THR A 1134 -40.75 -3.55 -9.16
N GLN A 1135 -40.00 -3.09 -10.17
CA GLN A 1135 -38.77 -2.36 -9.90
C GLN A 1135 -39.06 -1.02 -9.23
N VAL A 1136 -40.16 -0.38 -9.61
CA VAL A 1136 -40.57 0.88 -9.00
C VAL A 1136 -40.92 0.68 -7.52
N LEU A 1137 -41.75 -0.32 -7.24
CA LEU A 1137 -42.18 -0.58 -5.87
C LEU A 1137 -41.01 -0.99 -5.00
N MET A 1138 -40.15 -1.88 -5.51
CA MET A 1138 -38.95 -2.28 -4.77
C MET A 1138 -38.04 -1.10 -4.53
N ALA A 1139 -37.99 -0.15 -5.46
CA ALA A 1139 -37.19 1.04 -5.27
C ALA A 1139 -37.84 2.04 -4.34
N ILE A 1140 -39.15 1.96 -4.11
CA ILE A 1140 -39.83 2.91 -3.25
C ILE A 1140 -39.58 2.54 -1.80
N SER A 1141 -39.88 1.30 -1.43
CA SER A 1141 -39.66 0.81 -0.07
C SER A 1141 -38.16 0.61 0.13
N GLU A 1142 -37.72 0.60 1.38
CA GLU A 1142 -36.28 0.58 1.67
C GLU A 1142 -35.69 -0.80 1.47
N LYS A 1143 -36.12 -1.78 2.25
CA LYS A 1143 -35.63 -3.14 2.12
C LYS A 1143 -36.81 -4.11 2.15
N PRO A 1144 -36.57 -5.42 2.09
CA PRO A 1144 -37.69 -6.37 2.10
C PRO A 1144 -38.29 -6.60 3.46
N MET A 1145 -37.84 -5.88 4.49
CA MET A 1145 -38.21 -6.14 5.88
C MET A 1145 -39.65 -5.80 6.20
N THR A 1146 -40.41 -5.23 5.27
CA THR A 1146 -41.78 -4.86 5.56
C THR A 1146 -42.66 -6.10 5.59
N GLY A 1147 -43.68 -6.07 6.46
CA GLY A 1147 -44.68 -7.12 6.43
C GLY A 1147 -45.51 -7.11 5.17
N TRP A 1148 -45.83 -5.93 4.65
CA TRP A 1148 -46.53 -5.82 3.37
C TRP A 1148 -45.65 -6.21 2.19
N LYS A 1149 -44.32 -6.20 2.37
CA LYS A 1149 -43.42 -6.65 1.31
C LYS A 1149 -43.58 -8.13 1.05
N ARG A 1150 -44.03 -8.87 2.06
CA ARG A 1150 -44.43 -10.26 1.83
C ARG A 1150 -45.60 -10.35 0.88
N GLU A 1151 -46.52 -9.38 0.92
CA GLU A 1151 -47.60 -9.35 -0.05
C GLU A 1151 -47.09 -8.89 -1.42
N LYS A 1152 -46.01 -8.11 -1.42
CA LYS A 1152 -45.40 -7.70 -2.69
C LYS A 1152 -44.85 -8.90 -3.43
N MET A 1153 -43.90 -9.60 -2.82
CA MET A 1153 -43.40 -10.86 -3.32
C MET A 1153 -44.51 -11.88 -3.56
N ALA A 1154 -45.56 -11.88 -2.73
CA ALA A 1154 -46.69 -12.76 -2.96
C ALA A 1154 -47.46 -12.33 -4.20
N SER A 1155 -47.38 -11.06 -4.56
CA SER A 1155 -47.90 -10.65 -5.85
C SER A 1155 -46.87 -10.77 -6.96
N LEU A 1156 -45.58 -10.84 -6.62
CA LEU A 1156 -44.56 -11.06 -7.64
C LEU A 1156 -44.73 -12.43 -8.26
N ALA A 1157 -45.13 -13.41 -7.45
CA ALA A 1157 -45.45 -14.73 -7.97
C ALA A 1157 -46.71 -14.67 -8.81
N LYS A 1158 -47.65 -13.79 -8.46
CA LYS A 1158 -48.86 -13.63 -9.28
C LYS A 1158 -48.50 -13.00 -10.62
N GLN A 1159 -47.46 -12.17 -10.63
CA GLN A 1159 -47.00 -11.58 -11.87
C GLN A 1159 -46.27 -12.61 -12.73
N PHE A 1160 -45.38 -13.39 -12.11
CA PHE A 1160 -44.70 -14.45 -12.83
C PHE A 1160 -45.67 -15.51 -13.31
N LEU A 1161 -46.79 -15.69 -12.62
CA LEU A 1161 -47.85 -16.54 -13.14
C LEU A 1161 -48.63 -15.81 -14.22
N CYS A 1162 -48.64 -14.48 -14.17
CA CYS A 1162 -49.47 -13.73 -15.10
C CYS A 1162 -48.65 -13.17 -16.26
N GLN A 1163 -47.62 -12.36 -15.97
CA GLN A 1163 -46.99 -11.45 -16.95
C GLN A 1163 -48.03 -10.73 -17.77
N SER A 1164 -48.89 -9.97 -17.07
CA SER A 1164 -50.12 -9.40 -17.58
C SER A 1164 -51.04 -10.49 -18.15
N TRP A 1165 -51.21 -11.55 -17.34
CA TRP A 1165 -52.14 -12.65 -17.61
C TRP A 1165 -51.81 -13.35 -18.92
N MET A 1166 -50.64 -14.01 -18.94
CA MET A 1166 -50.13 -14.80 -20.05
C MET A 1166 -49.79 -13.97 -21.28
N LYS A 1167 -49.37 -12.69 -21.08
CA LYS A 1167 -48.55 -11.87 -21.99
C LYS A 1167 -49.00 -11.95 -23.44
N PRO A 1168 -50.08 -11.24 -23.83
CA PRO A 1168 -50.80 -11.53 -25.08
C PRO A 1168 -50.03 -11.64 -26.39
N GLY A 1169 -48.72 -11.35 -26.38
CA GLY A 1169 -47.91 -11.56 -27.57
C GLY A 1169 -47.10 -12.84 -27.47
N GLY A 1170 -46.86 -13.50 -28.59
CA GLY A 1170 -46.04 -14.69 -28.61
C GLY A 1170 -44.57 -14.47 -28.94
N ASP A 1171 -44.09 -13.23 -28.89
CA ASP A 1171 -42.73 -12.92 -29.30
C ASP A 1171 -42.01 -11.98 -28.33
N ARG A 1172 -42.73 -11.40 -27.37
CA ARG A 1172 -42.17 -10.45 -26.42
C ARG A 1172 -41.06 -11.07 -25.57
N GLU A 1173 -41.15 -12.37 -25.35
CA GLU A 1173 -40.14 -13.12 -24.61
C GLU A 1173 -38.79 -13.10 -25.29
N LYS A 1174 -38.73 -12.86 -26.59
CA LYS A 1174 -37.47 -12.93 -27.31
C LYS A 1174 -36.53 -11.79 -26.91
N GLY A 1175 -37.05 -10.57 -26.85
CA GLY A 1175 -36.17 -9.46 -26.56
C GLY A 1175 -36.46 -8.72 -25.28
N SER A 1176 -37.73 -8.53 -24.93
CA SER A 1176 -38.01 -7.76 -23.72
C SER A 1176 -37.93 -8.66 -22.49
N HIS A 1177 -38.76 -9.69 -22.44
CA HIS A 1177 -38.80 -10.60 -21.31
C HIS A 1177 -37.54 -11.44 -21.17
N PHE A 1178 -36.70 -11.50 -22.21
CA PHE A 1178 -35.46 -12.28 -22.12
C PHE A 1178 -34.48 -11.67 -21.13
N ASN A 1179 -34.70 -10.41 -20.74
CA ASN A 1179 -34.01 -9.84 -19.60
C ASN A 1179 -34.96 -9.43 -18.49
N SER A 1180 -36.23 -9.23 -18.82
CA SER A 1180 -37.19 -8.82 -17.81
C SER A 1180 -37.53 -9.97 -16.88
N ALA A 1181 -37.92 -11.12 -17.44
CA ALA A 1181 -38.28 -12.28 -16.64
C ALA A 1181 -37.11 -12.79 -15.84
N LEU A 1182 -35.89 -12.62 -16.35
CA LEU A 1182 -34.70 -13.06 -15.64
C LEU A 1182 -34.39 -12.14 -14.46
N HIS A 1183 -35.11 -11.02 -14.34
CA HIS A 1183 -35.01 -10.18 -13.15
C HIS A 1183 -36.25 -10.24 -12.28
N THR A 1184 -37.42 -10.51 -12.86
CA THR A 1184 -38.62 -10.70 -12.06
C THR A 1184 -38.57 -12.03 -11.32
N LEU A 1185 -38.04 -13.06 -11.96
CA LEU A 1185 -37.85 -14.34 -11.28
C LEU A 1185 -36.83 -14.20 -10.17
N LEU A 1186 -35.86 -13.30 -10.34
CA LEU A 1186 -34.91 -13.04 -9.27
C LEU A 1186 -35.60 -12.44 -8.06
N CYS A 1187 -36.63 -11.63 -8.28
CA CYS A 1187 -37.39 -11.09 -7.15
C CYS A 1187 -38.26 -12.17 -6.50
N VAL A 1188 -38.98 -12.95 -7.32
CA VAL A 1188 -39.84 -14.00 -6.79
C VAL A 1188 -39.05 -15.07 -6.06
N TYR A 1189 -37.80 -15.29 -6.46
CA TYR A 1189 -36.96 -16.27 -5.80
C TYR A 1189 -36.14 -15.63 -4.69
N LEU A 1190 -36.05 -14.30 -4.68
CA LEU A 1190 -35.44 -13.62 -3.55
C LEU A 1190 -36.42 -13.51 -2.41
N GLU A 1191 -37.70 -13.62 -2.67
CA GLU A 1191 -38.72 -13.65 -1.62
C GLU A 1191 -39.95 -14.35 -2.18
N HIS A 1192 -40.34 -15.46 -1.56
CA HIS A 1192 -41.64 -16.08 -1.85
C HIS A 1192 -42.10 -16.78 -0.59
N THR A 1193 -42.88 -16.08 0.23
CA THR A 1193 -43.43 -16.61 1.50
C THR A 1193 -42.35 -17.14 2.43
N ASP A 1194 -41.14 -16.58 2.32
CA ASP A 1194 -39.99 -16.91 3.17
C ASP A 1194 -39.56 -18.38 3.07
N ASN A 1195 -39.96 -19.09 2.01
CA ASN A 1195 -39.54 -20.46 1.80
C ASN A 1195 -39.13 -20.66 0.35
N ILE A 1196 -37.88 -20.32 0.05
CA ILE A 1196 -37.37 -20.41 -1.31
C ILE A 1196 -37.26 -21.87 -1.76
N LEU A 1197 -37.06 -22.77 -0.79
CA LEU A 1197 -36.89 -24.19 -1.12
C LEU A 1197 -38.17 -24.79 -1.66
N LYS A 1198 -39.28 -24.64 -0.93
CA LYS A 1198 -40.58 -25.07 -1.45
C LYS A 1198 -40.93 -24.31 -2.71
N ALA A 1199 -40.51 -23.03 -2.78
CA ALA A 1199 -40.73 -22.25 -3.99
C ALA A 1199 -39.98 -22.81 -5.17
N ILE A 1200 -38.66 -23.00 -5.04
CA ILE A 1200 -37.86 -23.52 -6.13
C ILE A 1200 -38.31 -24.91 -6.53
N GLU A 1201 -38.80 -25.70 -5.56
CA GLU A 1201 -39.34 -27.02 -5.86
C GLU A 1201 -40.65 -26.91 -6.60
N GLU A 1202 -41.41 -25.84 -6.36
CA GLU A 1202 -42.64 -25.63 -7.12
C GLU A 1202 -42.32 -25.25 -8.55
N ILE A 1203 -41.28 -24.44 -8.75
CA ILE A 1203 -40.83 -24.11 -10.10
C ILE A 1203 -40.24 -25.32 -10.80
N SER A 1204 -39.64 -26.23 -10.04
CA SER A 1204 -39.21 -27.51 -10.59
C SER A 1204 -40.42 -28.32 -11.05
N SER A 1205 -41.41 -28.46 -10.18
CA SER A 1205 -42.65 -29.14 -10.55
C SER A 1205 -43.44 -28.33 -11.55
N VAL A 1206 -43.11 -27.05 -11.73
CA VAL A 1206 -43.61 -26.32 -12.88
C VAL A 1206 -42.85 -26.71 -14.14
N GLY A 1207 -41.55 -26.91 -14.04
CA GLY A 1207 -40.77 -27.40 -15.17
C GLY A 1207 -41.16 -28.79 -15.61
N VAL A 1208 -41.73 -29.58 -14.71
CA VAL A 1208 -42.30 -30.89 -15.03
C VAL A 1208 -43.44 -30.65 -16.01
N PRO A 1209 -44.43 -29.83 -15.66
CA PRO A 1209 -45.48 -29.49 -16.61
C PRO A 1209 -45.02 -28.64 -17.78
N GLU A 1210 -43.82 -28.07 -17.71
CA GLU A 1210 -43.29 -27.32 -18.85
C GLU A 1210 -42.98 -28.24 -20.02
N LEU A 1211 -42.80 -29.53 -19.75
CA LEU A 1211 -42.61 -30.50 -20.82
C LEU A 1211 -43.96 -30.92 -21.42
N ILE A 1212 -44.85 -31.45 -20.58
CA ILE A 1212 -46.15 -31.92 -21.05
C ILE A 1212 -47.01 -30.72 -21.43
N ASN A 1213 -47.25 -30.56 -22.73
CA ASN A 1213 -48.11 -29.55 -23.36
C ASN A 1213 -47.55 -28.13 -23.24
N SER A 1214 -46.41 -27.97 -22.58
CA SER A 1214 -45.52 -26.82 -22.67
C SER A 1214 -46.06 -25.49 -22.14
N ALA A 1215 -47.29 -25.44 -21.62
CA ALA A 1215 -47.81 -24.17 -21.11
C ALA A 1215 -48.92 -24.31 -20.08
N LYS A 1216 -48.60 -24.10 -18.81
CA LYS A 1216 -49.55 -23.95 -17.70
C LYS A 1216 -48.78 -23.59 -16.44
N ASP A 1217 -49.50 -23.02 -15.47
CA ASP A 1217 -49.04 -22.80 -14.10
C ASP A 1217 -47.77 -21.96 -14.05
N GLY A 1218 -47.89 -20.75 -14.59
CA GLY A 1218 -46.77 -19.84 -14.65
C GLY A 1218 -46.42 -19.50 -16.09
N CYS A 1219 -46.81 -18.29 -16.51
CA CYS A 1219 -46.55 -17.88 -17.87
C CYS A 1219 -45.18 -17.25 -18.04
N SER A 1220 -44.44 -17.05 -16.96
CA SER A 1220 -43.08 -16.52 -17.07
C SER A 1220 -42.13 -17.54 -17.70
N SER A 1221 -42.49 -18.82 -17.71
CA SER A 1221 -41.67 -19.81 -18.40
C SER A 1221 -42.54 -20.82 -19.13
N THR A 1222 -43.62 -20.34 -19.77
CA THR A 1222 -44.60 -21.23 -20.40
C THR A 1222 -44.52 -21.22 -21.91
N TYR A 1223 -43.45 -20.72 -22.51
CA TYR A 1223 -43.28 -20.82 -23.95
C TYR A 1223 -43.05 -22.28 -24.31
N PRO A 1224 -43.39 -22.71 -25.53
CA PRO A 1224 -43.10 -24.10 -25.93
C PRO A 1224 -41.63 -24.47 -25.84
N THR A 1225 -40.72 -23.52 -26.10
CA THR A 1225 -39.31 -23.72 -25.79
C THR A 1225 -39.00 -23.10 -24.42
N LEU A 1226 -39.83 -23.46 -23.44
CA LEU A 1226 -39.63 -23.24 -22.00
C LEU A 1226 -39.20 -21.83 -21.65
N SER A 1227 -39.58 -20.84 -22.47
CA SER A 1227 -39.05 -19.48 -22.40
C SER A 1227 -37.53 -19.46 -22.36
N ARG A 1228 -36.93 -20.34 -23.17
CA ARG A 1228 -35.48 -20.53 -23.27
C ARG A 1228 -34.83 -20.94 -21.94
N GLN A 1229 -35.64 -21.37 -20.98
CA GLN A 1229 -35.21 -21.83 -19.66
C GLN A 1229 -34.30 -20.81 -18.96
N THR A 1230 -34.76 -19.57 -18.96
CA THR A 1230 -34.12 -18.50 -18.19
C THR A 1230 -34.61 -18.51 -16.75
N PHE A 1231 -35.87 -18.88 -16.55
CA PHE A 1231 -36.31 -19.31 -15.21
C PHE A 1231 -35.45 -20.43 -14.68
N PRO A 1232 -34.98 -21.39 -15.49
CA PRO A 1232 -34.01 -22.36 -14.97
C PRO A 1232 -32.69 -21.74 -14.59
N VAL A 1233 -32.14 -20.87 -15.44
CA VAL A 1233 -30.83 -20.27 -15.18
C VAL A 1233 -30.89 -19.38 -13.95
N PHE A 1234 -32.06 -18.85 -13.64
CA PHE A 1234 -32.26 -18.13 -12.40
C PHE A 1234 -32.46 -19.05 -11.20
N PHE A 1235 -33.20 -20.15 -11.37
CA PHE A 1235 -33.42 -21.09 -10.29
C PHE A 1235 -32.14 -21.80 -9.88
N ARG A 1236 -31.21 -22.05 -10.81
CA ARG A 1236 -29.94 -22.67 -10.48
C ARG A 1236 -28.99 -21.73 -9.78
N VAL A 1237 -29.10 -20.42 -10.03
CA VAL A 1237 -28.38 -19.46 -9.21
C VAL A 1237 -29.06 -19.33 -7.85
N MET A 1238 -30.34 -19.68 -7.79
CA MET A 1238 -31.06 -19.57 -6.53
C MET A 1238 -30.75 -20.72 -5.60
N MET A 1239 -30.61 -21.94 -6.12
CA MET A 1239 -30.34 -23.09 -5.27
C MET A 1239 -28.94 -23.00 -4.67
N ALA A 1240 -27.96 -22.59 -5.48
CA ALA A 1240 -26.60 -22.43 -4.97
C ALA A 1240 -26.50 -21.29 -3.97
N GLN A 1241 -27.41 -20.32 -4.06
CA GLN A 1241 -27.45 -19.28 -3.05
C GLN A 1241 -28.13 -19.77 -1.78
N LEU A 1242 -29.16 -20.61 -1.93
CA LEU A 1242 -29.86 -21.15 -0.77
C LEU A 1242 -28.97 -22.10 0.02
N GLU A 1243 -28.11 -22.85 -0.68
CA GLU A 1243 -27.20 -23.76 -0.01
C GLU A 1243 -26.13 -22.98 0.75
N SER A 1244 -25.57 -21.95 0.12
CA SER A 1244 -24.59 -21.12 0.80
C SER A 1244 -25.19 -20.32 1.94
N SER A 1245 -26.50 -20.03 1.87
CA SER A 1245 -27.15 -19.33 2.96
C SER A 1245 -27.32 -20.23 4.18
N VAL A 1246 -27.52 -21.52 3.96
CA VAL A 1246 -27.73 -22.46 5.07
C VAL A 1246 -26.35 -22.89 5.54
N LYS A 1247 -25.76 -22.05 6.36
CA LYS A 1247 -24.47 -22.30 6.98
C LYS A 1247 -24.52 -22.18 8.49
N SER A 1248 -25.28 -21.23 9.02
CA SER A 1248 -25.53 -21.15 10.44
C SER A 1248 -26.64 -22.09 10.88
N ILE A 1249 -27.35 -22.72 9.95
CA ILE A 1249 -28.37 -23.71 10.25
C ILE A 1249 -27.68 -24.94 10.84
N PRO A 1250 -26.58 -25.39 10.24
CA PRO A 1250 -25.76 -26.46 10.87
C PRO A 1250 -24.85 -25.90 11.95
N ALA A 1251 -25.42 -25.74 13.15
CA ALA A 1251 -24.72 -25.10 14.28
C ALA A 1251 -24.06 -26.18 15.13
N GLY A 1252 -22.86 -26.58 14.73
CA GLY A 1252 -22.13 -27.61 15.47
C GLY A 1252 -22.83 -28.95 15.36
N LYS A 1253 -22.75 -29.74 16.43
CA LYS A 1253 -23.49 -30.99 16.54
C LYS A 1253 -24.01 -31.10 17.97
N PRO A 1254 -24.57 -30.01 18.50
CA PRO A 1254 -25.00 -30.00 19.91
C PRO A 1254 -26.20 -30.89 20.20
N SER A 1255 -27.28 -30.72 19.44
CA SER A 1255 -28.54 -31.37 19.78
C SER A 1255 -29.39 -31.46 18.52
N ASP A 1256 -30.69 -31.74 18.70
CA ASP A 1256 -31.65 -31.71 17.60
C ASP A 1256 -31.73 -30.35 16.93
N SER A 1257 -31.43 -29.27 17.67
CA SER A 1257 -31.33 -27.95 17.08
C SER A 1257 -30.21 -27.90 16.04
N GLY A 1258 -29.07 -28.51 16.35
CA GLY A 1258 -28.01 -28.64 15.36
C GLY A 1258 -28.24 -29.77 14.38
N GLU A 1259 -29.27 -30.59 14.60
CA GLU A 1259 -29.50 -31.75 13.75
C GLU A 1259 -30.64 -31.57 12.76
N VAL A 1260 -31.45 -30.51 12.91
CA VAL A 1260 -32.56 -30.29 12.00
C VAL A 1260 -32.07 -29.69 10.68
N GLN A 1261 -30.80 -29.28 10.64
CA GLN A 1261 -30.20 -28.75 9.42
C GLN A 1261 -29.91 -29.84 8.40
N LEU A 1262 -29.78 -31.08 8.85
CA LEU A 1262 -29.57 -32.19 7.94
C LEU A 1262 -30.76 -32.39 7.02
N GLU A 1263 -31.99 -32.24 7.55
CA GLU A 1263 -33.17 -32.35 6.72
C GLU A 1263 -33.22 -31.25 5.68
N LYS A 1264 -32.73 -30.07 6.02
CA LYS A 1264 -32.74 -28.95 5.08
C LYS A 1264 -31.71 -29.15 3.97
N LEU A 1265 -30.51 -29.61 4.34
CA LEU A 1265 -29.51 -29.92 3.32
C LEU A 1265 -29.96 -31.10 2.46
N LEU A 1266 -30.74 -32.02 3.05
CA LEU A 1266 -31.29 -33.13 2.28
C LEU A 1266 -32.34 -32.64 1.29
N LYS A 1267 -33.20 -31.71 1.71
CA LYS A 1267 -34.19 -31.15 0.79
C LYS A 1267 -33.53 -30.34 -0.30
N TRP A 1268 -32.45 -29.63 0.02
CA TRP A 1268 -31.69 -28.92 -1.01
C TRP A 1268 -31.07 -29.90 -2.00
N ASN A 1269 -30.60 -31.04 -1.51
CA ASN A 1269 -30.10 -32.07 -2.42
C ASN A 1269 -31.22 -32.67 -3.25
N ILE A 1270 -32.42 -32.79 -2.67
CA ILE A 1270 -33.56 -33.30 -3.41
C ILE A 1270 -33.93 -32.34 -4.52
N ALA A 1271 -33.85 -31.03 -4.25
CA ALA A 1271 -34.13 -30.04 -5.27
C ALA A 1271 -33.03 -30.04 -6.33
N VAL A 1272 -31.77 -30.23 -5.90
CA VAL A 1272 -30.66 -30.29 -6.84
C VAL A 1272 -30.82 -31.50 -7.76
N ARG A 1273 -31.36 -32.58 -7.22
CA ARG A 1273 -31.66 -33.76 -8.03
C ARG A 1273 -32.79 -33.47 -9.01
N ASN A 1274 -33.90 -32.92 -8.50
CA ASN A 1274 -35.09 -32.72 -9.31
C ASN A 1274 -34.85 -31.74 -10.45
N PHE A 1275 -34.14 -30.65 -10.18
CA PHE A 1275 -33.72 -29.75 -11.24
C PHE A 1275 -32.69 -30.43 -12.12
N HIS A 1276 -31.78 -31.18 -11.51
CA HIS A 1276 -30.78 -31.94 -12.26
C HIS A 1276 -31.38 -33.10 -13.01
N ILE A 1277 -32.52 -33.62 -12.57
CA ILE A 1277 -33.18 -34.71 -13.31
C ILE A 1277 -33.72 -34.20 -14.64
N LEU A 1278 -34.51 -33.12 -14.59
CA LEU A 1278 -35.04 -32.56 -15.82
C LEU A 1278 -33.98 -31.75 -16.57
N ILE A 1279 -32.80 -31.56 -15.98
CA ILE A 1279 -31.70 -30.88 -16.67
C ILE A 1279 -31.30 -31.66 -17.90
N ASN A 1280 -31.26 -32.99 -17.80
CA ASN A 1280 -31.02 -33.81 -18.97
C ASN A 1280 -32.28 -33.94 -19.82
N LEU A 1281 -33.45 -33.95 -19.19
CA LEU A 1281 -34.70 -34.05 -19.94
C LEU A 1281 -34.96 -32.78 -20.74
N VAL A 1282 -34.54 -31.62 -20.21
CA VAL A 1282 -34.60 -30.41 -21.00
C VAL A 1282 -33.42 -30.35 -21.96
N LYS A 1283 -32.31 -31.00 -21.62
CA LYS A 1283 -31.22 -31.15 -22.58
C LYS A 1283 -31.63 -32.07 -23.72
N VAL A 1284 -32.58 -32.97 -23.46
CA VAL A 1284 -33.19 -33.75 -24.53
C VAL A 1284 -33.97 -32.86 -25.47
N PHE A 1285 -34.46 -31.72 -24.96
CA PHE A 1285 -34.98 -30.69 -25.85
C PHE A 1285 -33.83 -29.87 -26.44
N ASP A 1286 -33.04 -29.21 -25.59
CA ASP A 1286 -31.93 -28.38 -26.04
C ASP A 1286 -30.98 -28.12 -24.87
N SER A 1287 -29.68 -28.07 -25.16
CA SER A 1287 -28.71 -27.74 -24.13
C SER A 1287 -27.64 -26.77 -24.63
N ARG A 1288 -28.01 -25.73 -25.36
CA ARG A 1288 -26.99 -24.81 -25.88
C ARG A 1288 -26.35 -24.00 -24.76
N PRO A 1289 -27.03 -23.01 -24.17
CA PRO A 1289 -26.44 -22.33 -23.01
C PRO A 1289 -26.88 -22.98 -21.71
N VAL A 1290 -27.90 -23.85 -21.82
CA VAL A 1290 -28.42 -24.56 -20.65
C VAL A 1290 -27.35 -25.48 -20.08
N LEU A 1291 -26.56 -26.12 -20.95
CA LEU A 1291 -25.45 -26.92 -20.48
C LEU A 1291 -24.39 -26.05 -19.82
N SER A 1292 -23.99 -24.96 -20.47
CA SER A 1292 -22.96 -24.08 -19.96
C SER A 1292 -23.35 -23.42 -18.63
N ILE A 1293 -24.64 -23.27 -18.37
CA ILE A 1293 -25.12 -22.84 -17.07
C ILE A 1293 -25.18 -24.00 -16.08
N CYS A 1294 -25.48 -25.20 -16.58
CA CYS A 1294 -25.53 -26.38 -15.72
C CYS A 1294 -24.16 -26.74 -15.20
N LEU A 1295 -23.09 -26.45 -15.95
CA LEU A 1295 -21.75 -26.70 -15.46
C LEU A 1295 -21.41 -25.80 -14.29
N LYS A 1296 -21.72 -24.51 -14.40
CA LYS A 1296 -21.48 -23.60 -13.29
C LYS A 1296 -22.39 -23.93 -12.11
N TYR A 1297 -23.60 -24.41 -12.40
CA TYR A 1297 -24.53 -24.79 -11.33
C TYR A 1297 -24.01 -26.00 -10.55
N GLY A 1298 -23.50 -27.00 -11.28
CA GLY A 1298 -22.93 -28.15 -10.61
C GLY A 1298 -21.66 -27.82 -9.87
N ARG A 1299 -20.86 -26.89 -10.41
CA ARG A 1299 -19.65 -26.44 -9.72
C ARG A 1299 -20.00 -25.71 -8.44
N LEU A 1300 -21.10 -24.95 -8.44
CA LEU A 1300 -21.47 -24.21 -7.25
C LEU A 1300 -22.13 -25.10 -6.20
N PHE A 1301 -23.04 -25.99 -6.62
CA PHE A 1301 -23.75 -26.81 -5.65
C PHE A 1301 -22.82 -27.83 -4.98
N VAL A 1302 -21.89 -28.40 -5.74
CA VAL A 1302 -20.95 -29.36 -5.15
C VAL A 1302 -19.98 -28.65 -4.21
N GLU A 1303 -19.61 -27.41 -4.56
CA GLU A 1303 -18.75 -26.63 -3.67
C GLU A 1303 -19.49 -26.27 -2.39
N ALA A 1304 -20.78 -26.00 -2.47
CA ALA A 1304 -21.56 -25.73 -1.27
C ALA A 1304 -21.71 -27.00 -0.42
N PHE A 1305 -21.84 -28.15 -1.08
CA PHE A 1305 -21.90 -29.42 -0.36
C PHE A 1305 -20.58 -29.72 0.33
N LEU A 1306 -19.45 -29.39 -0.31
CA LEU A 1306 -18.16 -29.49 0.35
C LEU A 1306 -18.01 -28.49 1.47
N LYS A 1307 -18.65 -27.32 1.36
CA LYS A 1307 -18.65 -26.37 2.45
C LYS A 1307 -19.50 -26.86 3.61
N LEU A 1308 -20.50 -27.69 3.34
CA LEU A 1308 -21.40 -28.18 4.37
C LEU A 1308 -21.07 -29.59 4.84
N ALA A 1309 -20.04 -30.23 4.27
CA ALA A 1309 -19.67 -31.59 4.67
C ALA A 1309 -19.13 -31.65 6.09
N MET A 1310 -18.76 -30.50 6.66
CA MET A 1310 -18.39 -30.40 8.07
C MET A 1310 -19.57 -30.82 8.93
N PRO A 1311 -20.80 -30.51 8.51
CA PRO A 1311 -21.98 -31.08 9.19
C PRO A 1311 -22.32 -32.50 8.74
N LEU A 1312 -21.44 -33.16 8.00
CA LEU A 1312 -21.57 -34.59 7.78
C LEU A 1312 -20.58 -35.37 8.62
N LEU A 1313 -19.38 -34.81 8.83
CA LEU A 1313 -18.37 -35.47 9.65
C LEU A 1313 -18.49 -35.12 11.13
N ASP A 1314 -18.69 -33.83 11.47
CA ASP A 1314 -18.98 -33.48 12.85
C ASP A 1314 -20.33 -34.04 13.29
N HIS A 1315 -21.32 -33.96 12.40
CA HIS A 1315 -22.60 -34.61 12.63
C HIS A 1315 -22.64 -35.96 11.91
N SER A 1316 -21.65 -36.79 12.24
CA SER A 1316 -21.68 -38.21 11.93
C SER A 1316 -22.14 -39.03 13.13
N PHE A 1317 -21.74 -38.63 14.34
CA PHE A 1317 -22.37 -39.14 15.54
C PHE A 1317 -23.75 -38.52 15.73
N LYS A 1318 -23.94 -37.28 15.24
CA LYS A 1318 -25.27 -36.69 15.20
C LYS A 1318 -26.04 -37.15 13.97
N LYS A 1319 -25.40 -37.91 13.08
CA LYS A 1319 -26.10 -38.65 12.05
C LYS A 1319 -26.77 -39.90 12.60
N HIS A 1320 -26.48 -40.25 13.87
CA HIS A 1320 -27.19 -41.28 14.62
C HIS A 1320 -27.07 -42.65 13.95
N ARG A 1321 -25.87 -43.22 14.08
CA ARG A 1321 -25.40 -44.42 13.39
C ARG A 1321 -26.40 -45.57 13.23
N ASP A 1322 -27.37 -45.69 14.13
CA ASP A 1322 -28.48 -46.62 13.87
C ASP A 1322 -29.47 -46.07 12.86
N ASP A 1323 -29.30 -44.84 12.39
CA ASP A 1323 -30.05 -44.27 11.28
C ASP A 1323 -29.20 -43.35 10.41
N VAL A 1324 -27.91 -43.63 10.25
CA VAL A 1324 -27.02 -42.71 9.53
C VAL A 1324 -26.80 -43.09 8.07
N GLN A 1325 -26.98 -44.37 7.71
CA GLN A 1325 -26.71 -44.81 6.35
C GLN A 1325 -27.68 -44.16 5.37
N SER A 1326 -28.99 -44.37 5.57
CA SER A 1326 -30.00 -43.74 4.73
C SER A 1326 -29.98 -42.22 4.84
N LEU A 1327 -29.51 -41.68 5.97
CA LEU A 1327 -29.39 -40.24 6.15
C LEU A 1327 -28.33 -39.64 5.25
N LEU A 1328 -27.07 -40.03 5.44
CA LEU A 1328 -26.01 -39.47 4.62
C LEU A 1328 -26.00 -40.03 3.21
N LYS A 1329 -26.82 -41.05 2.93
CA LYS A 1329 -26.84 -41.63 1.59
C LYS A 1329 -27.53 -40.73 0.60
N THR A 1330 -28.42 -39.85 1.09
CA THR A 1330 -29.19 -38.99 0.20
C THR A 1330 -28.30 -38.07 -0.62
N LEU A 1331 -27.55 -37.19 0.05
CA LEU A 1331 -26.64 -36.28 -0.65
C LEU A 1331 -25.55 -37.03 -1.38
N GLN A 1332 -25.08 -38.15 -0.81
CA GLN A 1332 -23.96 -38.90 -1.40
C GLN A 1332 -24.35 -39.56 -2.72
N LEU A 1333 -25.46 -40.29 -2.74
CA LEU A 1333 -25.95 -40.86 -3.99
C LEU A 1333 -26.51 -39.80 -4.93
N SER A 1334 -27.01 -38.69 -4.40
CA SER A 1334 -27.55 -37.62 -5.22
C SER A 1334 -26.47 -36.90 -6.01
N THR A 1335 -25.42 -36.44 -5.32
CA THR A 1335 -24.33 -35.74 -5.98
C THR A 1335 -23.63 -36.64 -6.99
N ARG A 1336 -23.51 -37.93 -6.67
CA ARG A 1336 -22.85 -38.87 -7.58
C ARG A 1336 -23.69 -39.11 -8.83
N GLN A 1337 -24.99 -39.37 -8.65
CA GLN A 1337 -25.85 -39.60 -9.81
C GLN A 1337 -25.97 -38.35 -10.65
N LEU A 1338 -25.97 -37.18 -10.00
CA LEU A 1338 -26.03 -35.93 -10.73
C LEU A 1338 -24.75 -35.67 -11.51
N HIS A 1339 -23.60 -35.99 -10.90
CA HIS A 1339 -22.33 -35.79 -11.58
C HIS A 1339 -22.16 -36.74 -12.75
N HIS A 1340 -22.66 -37.98 -12.62
CA HIS A 1340 -22.68 -38.90 -13.74
C HIS A 1340 -23.63 -38.42 -14.83
N MET A 1341 -24.73 -37.76 -14.44
CA MET A 1341 -25.61 -37.15 -15.42
C MET A 1341 -25.07 -35.82 -15.94
N CYS A 1342 -23.98 -35.32 -15.38
CA CYS A 1342 -23.43 -34.00 -15.68
C CYS A 1342 -22.36 -34.00 -16.77
N GLY A 1343 -22.03 -35.16 -17.33
CA GLY A 1343 -20.92 -35.22 -18.25
C GLY A 1343 -21.17 -34.83 -19.69
N HIS A 1344 -22.06 -35.56 -20.36
CA HIS A 1344 -22.07 -35.71 -21.82
C HIS A 1344 -22.54 -34.48 -22.59
N SER A 1345 -22.65 -33.31 -21.95
CA SER A 1345 -23.08 -32.13 -22.70
C SER A 1345 -21.90 -31.25 -23.09
N LYS A 1346 -21.08 -30.85 -22.12
CA LYS A 1346 -19.97 -29.94 -22.37
C LYS A 1346 -18.76 -30.74 -22.81
N ILE A 1347 -18.83 -31.35 -24.00
CA ILE A 1347 -17.82 -32.29 -24.46
C ILE A 1347 -17.29 -31.97 -25.85
N HIS A 1348 -17.61 -30.80 -26.41
CA HIS A 1348 -17.15 -30.44 -27.74
C HIS A 1348 -15.70 -29.93 -27.72
N GLN A 1349 -14.77 -30.79 -27.29
CA GLN A 1349 -13.35 -30.45 -27.23
C GLN A 1349 -12.52 -31.63 -27.73
N ASP A 1350 -12.99 -32.24 -28.82
CA ASP A 1350 -12.32 -33.35 -29.50
C ASP A 1350 -12.12 -34.56 -28.58
N LEU A 1351 -13.24 -35.02 -28.02
CA LEU A 1351 -13.32 -36.26 -27.22
C LEU A 1351 -12.39 -36.23 -26.01
N GLY A 1352 -12.25 -35.05 -25.43
CA GLY A 1352 -11.38 -34.87 -24.28
C GLY A 1352 -12.13 -34.51 -23.01
N LEU A 1353 -13.35 -34.00 -23.18
CA LEU A 1353 -14.16 -33.56 -22.05
C LEU A 1353 -15.23 -34.55 -21.66
N THR A 1354 -15.24 -35.75 -22.25
CA THR A 1354 -16.19 -36.78 -21.85
C THR A 1354 -15.93 -37.28 -20.43
N ASN A 1355 -14.68 -37.18 -19.96
CA ASN A 1355 -14.34 -37.51 -18.59
C ASN A 1355 -13.68 -36.35 -17.84
N HIS A 1356 -13.56 -35.18 -18.45
CA HIS A 1356 -13.04 -34.03 -17.73
C HIS A 1356 -14.02 -33.57 -16.65
N VAL A 1357 -15.31 -33.75 -16.92
CA VAL A 1357 -16.31 -33.58 -15.85
C VAL A 1357 -16.22 -34.75 -14.87
N PRO A 1358 -15.87 -35.96 -15.29
CA PRO A 1358 -15.63 -37.02 -14.29
C PRO A 1358 -14.42 -36.76 -13.43
N LEU A 1359 -13.48 -35.93 -13.91
CA LEU A 1359 -12.37 -35.52 -13.05
C LEU A 1359 -12.86 -34.67 -11.88
N LEU A 1360 -13.81 -33.76 -12.12
CA LEU A 1360 -14.42 -33.03 -11.02
C LEU A 1360 -15.30 -33.95 -10.18
N LYS A 1361 -15.96 -34.91 -10.83
CA LYS A 1361 -16.81 -35.85 -10.11
C LYS A 1361 -16.01 -36.71 -9.16
N LYS A 1362 -14.76 -37.00 -9.50
CA LYS A 1362 -13.91 -37.82 -8.64
C LYS A 1362 -13.57 -37.09 -7.35
N SER A 1363 -13.53 -35.75 -7.38
CA SER A 1363 -13.28 -34.99 -6.15
C SER A 1363 -14.43 -35.18 -5.16
N LEU A 1364 -15.66 -35.09 -5.66
CA LEU A 1364 -16.82 -35.33 -4.81
C LEU A 1364 -16.90 -36.78 -4.38
N GLU A 1365 -16.55 -37.71 -5.26
CA GLU A 1365 -16.58 -39.12 -4.89
C GLU A 1365 -15.53 -39.44 -3.84
N GLN A 1366 -14.38 -38.75 -3.89
CA GLN A 1366 -13.35 -38.96 -2.88
C GLN A 1366 -13.75 -38.34 -1.56
N PHE A 1367 -14.39 -37.16 -1.60
CA PHE A 1367 -14.90 -36.56 -0.36
C PHE A 1367 -15.99 -37.44 0.25
N VAL A 1368 -16.80 -38.07 -0.60
CA VAL A 1368 -17.83 -38.99 -0.12
C VAL A 1368 -17.20 -40.25 0.45
N TYR A 1369 -16.08 -40.69 -0.12
CA TYR A 1369 -15.35 -41.82 0.43
C TYR A 1369 -14.79 -41.51 1.82
N ARG A 1370 -14.19 -40.32 1.97
CA ARG A 1370 -13.68 -39.90 3.27
C ARG A 1370 -14.80 -39.77 4.28
N VAL A 1371 -15.95 -39.24 3.86
CA VAL A 1371 -17.07 -39.06 4.79
C VAL A 1371 -17.72 -40.40 5.13
N LYS A 1372 -17.70 -41.34 4.19
CA LYS A 1372 -18.23 -42.67 4.46
C LYS A 1372 -17.33 -43.45 5.41
N ALA A 1373 -16.02 -43.23 5.32
CA ALA A 1373 -15.11 -43.80 6.29
C ALA A 1373 -15.24 -43.12 7.64
N MET A 1374 -15.55 -41.82 7.65
CA MET A 1374 -15.64 -41.08 8.90
C MET A 1374 -16.93 -41.39 9.65
N LEU A 1375 -18.02 -41.60 8.93
CA LEU A 1375 -19.34 -41.76 9.54
C LEU A 1375 -19.48 -43.09 10.27
N ALA B 151 -1.20 51.19 -46.92
CA ALA B 151 -0.47 51.25 -48.18
C ALA B 151 0.13 49.88 -48.55
N VAL B 152 1.42 49.87 -48.87
CA VAL B 152 2.07 48.64 -49.31
C VAL B 152 2.25 47.69 -48.13
N VAL B 153 2.42 46.41 -48.45
CA VAL B 153 2.51 45.36 -47.42
C VAL B 153 3.88 45.27 -46.78
N THR B 154 4.94 45.69 -47.48
CA THR B 154 6.27 45.69 -46.91
C THR B 154 6.79 47.08 -46.58
N LEU B 155 5.99 48.12 -46.79
CA LEU B 155 6.45 49.50 -46.65
C LEU B 155 6.50 49.91 -45.18
N LEU B 156 6.69 51.21 -44.95
CA LEU B 156 6.94 51.74 -43.62
C LEU B 156 5.91 52.76 -43.15
N LEU B 157 5.51 53.70 -44.03
CA LEU B 157 4.79 54.89 -43.60
C LEU B 157 3.42 54.55 -43.03
N GLU B 158 2.59 53.86 -43.80
CA GLU B 158 1.29 53.42 -43.29
C GLU B 158 1.42 52.24 -42.35
N LYS B 159 2.58 51.60 -42.30
CA LYS B 159 2.78 50.40 -41.51
C LYS B 159 3.46 50.71 -40.18
N ILE B 160 3.79 49.64 -39.44
CA ILE B 160 4.49 49.80 -38.17
C ILE B 160 5.89 50.37 -38.39
N PRO B 161 6.52 50.22 -39.55
CA PRO B 161 7.92 50.66 -39.68
C PRO B 161 8.10 52.15 -39.95
N GLU B 162 7.04 52.96 -39.82
CA GLU B 162 7.23 54.40 -39.89
C GLU B 162 7.96 54.92 -38.66
N PHE B 163 7.36 54.75 -37.48
CA PHE B 163 7.92 55.23 -36.22
C PHE B 163 8.81 54.19 -35.56
N PHE B 164 9.17 53.13 -36.28
CA PHE B 164 10.05 52.11 -35.73
C PHE B 164 11.51 52.54 -35.74
N PHE B 165 11.83 53.58 -36.52
CA PHE B 165 13.18 54.14 -36.51
C PHE B 165 13.52 54.82 -35.20
N ASP B 166 12.52 55.29 -34.46
CA ASP B 166 12.71 55.93 -33.16
C ASP B 166 11.74 55.37 -32.13
N VAL B 167 11.35 54.12 -32.30
CA VAL B 167 10.49 53.44 -31.32
C VAL B 167 11.28 53.22 -30.05
N VAL B 168 10.60 53.32 -28.91
CA VAL B 168 11.23 53.22 -27.61
C VAL B 168 10.58 52.08 -26.83
N GLY B 169 10.97 51.91 -25.56
CA GLY B 169 10.35 50.89 -24.74
C GLY B 169 8.86 51.10 -24.53
N THR B 170 8.44 52.37 -24.50
CA THR B 170 7.01 52.67 -24.49
C THR B 170 6.41 52.52 -25.88
N PHE B 171 7.14 52.89 -26.92
CA PHE B 171 6.71 52.70 -28.30
C PHE B 171 7.04 51.32 -28.84
N GLY B 172 7.50 50.42 -27.97
CA GLY B 172 7.65 49.04 -28.36
C GLY B 172 6.32 48.40 -28.70
N THR B 173 5.42 48.34 -27.72
CA THR B 173 4.06 47.82 -27.94
C THR B 173 3.18 48.99 -28.34
N ASN B 174 3.63 49.76 -29.32
CA ASN B 174 2.79 50.76 -29.98
C ASN B 174 2.89 50.55 -31.48
N PHE B 175 4.11 50.34 -31.97
CA PHE B 175 4.30 49.85 -33.33
C PHE B 175 3.84 48.40 -33.33
N PRO B 176 3.96 47.69 -32.20
CA PRO B 176 3.36 46.37 -32.10
C PRO B 176 1.88 46.41 -31.76
N ARG B 177 1.33 47.58 -31.42
CA ARG B 177 -0.11 47.68 -31.23
C ARG B 177 -0.83 47.74 -32.57
N LEU B 178 -0.38 48.62 -33.47
CA LEU B 178 -1.00 48.71 -34.79
C LEU B 178 -0.69 47.47 -35.62
N ILE B 179 0.49 46.87 -35.40
CA ILE B 179 0.76 45.59 -36.03
C ILE B 179 -0.06 44.50 -35.39
N VAL B 180 -0.34 44.63 -34.08
CA VAL B 180 -1.11 43.61 -33.38
C VAL B 180 -2.58 43.70 -33.74
N ASN B 181 -3.00 44.82 -34.33
CA ASN B 181 -4.39 44.94 -34.77
C ASN B 181 -4.63 44.20 -36.08
N GLN B 182 -3.56 43.78 -36.76
CA GLN B 182 -3.70 43.20 -38.09
C GLN B 182 -3.89 41.68 -38.06
N PHE B 183 -4.44 41.14 -36.98
CA PHE B 183 -4.72 39.70 -36.90
C PHE B 183 -6.18 39.43 -36.55
N LYS B 184 -6.84 40.35 -35.85
CA LYS B 184 -8.28 40.25 -35.64
C LYS B 184 -9.01 40.43 -36.97
N TRP B 185 -10.22 39.89 -37.03
CA TRP B 185 -10.98 39.70 -38.27
C TRP B 185 -10.21 38.87 -39.30
N LEU B 186 -9.28 38.04 -38.80
CA LEU B 186 -8.37 37.22 -39.59
C LEU B 186 -7.64 38.06 -40.65
N ASP B 187 -7.12 39.20 -40.21
CA ASP B 187 -6.64 40.22 -41.13
C ASP B 187 -5.34 39.79 -41.79
N GLY B 188 -5.12 40.30 -43.00
CA GLY B 188 -4.00 39.92 -43.82
C GLY B 188 -2.71 40.65 -43.49
N LEU B 189 -2.03 40.20 -42.43
CA LEU B 189 -0.68 40.69 -42.19
C LEU B 189 0.32 39.77 -42.90
N LEU B 190 0.20 39.70 -44.23
CA LEU B 190 0.97 38.72 -45.01
C LEU B 190 2.44 39.08 -45.10
N ASP B 191 2.76 40.34 -45.42
CA ASP B 191 4.13 40.80 -45.34
C ASP B 191 4.38 41.57 -44.05
N SER B 192 3.37 41.69 -43.19
CA SER B 192 3.54 42.33 -41.90
C SER B 192 3.88 41.30 -40.82
N GLN B 193 4.83 40.43 -41.13
CA GLN B 193 5.64 39.76 -40.13
C GLN B 193 7.06 39.66 -40.65
N ASP B 194 7.20 39.66 -41.97
CA ASP B 194 8.46 39.43 -42.65
C ASP B 194 9.35 40.66 -42.69
N LEU B 195 8.79 41.80 -43.09
CA LEU B 195 9.51 43.06 -42.94
C LEU B 195 9.75 43.36 -41.47
N VAL B 196 8.82 42.93 -40.60
CA VAL B 196 8.96 43.16 -39.16
C VAL B 196 10.13 42.36 -38.61
N LYS B 197 10.25 41.10 -39.02
CA LYS B 197 11.37 40.29 -38.54
C LYS B 197 12.67 40.68 -39.23
N LYS B 198 12.58 41.20 -40.46
CA LYS B 198 13.78 41.61 -41.18
C LYS B 198 14.38 42.86 -40.55
N LEU B 199 13.59 43.94 -40.46
CA LEU B 199 14.02 45.12 -39.73
C LEU B 199 14.22 44.86 -38.25
N MET B 200 13.63 43.78 -37.72
CA MET B 200 13.81 43.44 -36.32
C MET B 200 15.16 42.79 -36.09
N GLN B 201 15.59 41.93 -37.00
CA GLN B 201 16.98 41.47 -36.96
C GLN B 201 17.85 42.31 -37.89
N MET B 202 17.70 43.64 -37.80
CA MET B 202 18.54 44.51 -38.61
C MET B 202 19.27 45.56 -37.79
N LEU B 203 18.62 46.15 -36.79
CA LEU B 203 19.20 47.32 -36.14
C LEU B 203 20.18 46.94 -35.04
N SER B 204 19.67 46.38 -33.95
CA SER B 204 20.45 46.11 -32.74
C SER B 204 19.60 45.23 -31.84
N VAL B 205 20.05 45.04 -30.60
CA VAL B 205 19.27 44.32 -29.60
C VAL B 205 18.47 45.23 -28.69
N SER B 206 18.20 46.47 -29.11
CA SER B 206 17.38 47.36 -28.29
C SER B 206 15.93 46.88 -28.23
N PRO B 207 15.14 46.95 -29.30
CA PRO B 207 13.80 46.36 -29.27
C PRO B 207 13.81 44.90 -29.67
N VAL B 208 14.72 44.13 -29.11
CA VAL B 208 14.88 42.72 -29.47
C VAL B 208 13.73 41.94 -28.85
N PRO B 209 13.56 41.99 -27.53
CA PRO B 209 12.41 41.29 -26.92
C PRO B 209 11.09 41.93 -27.28
N ILE B 210 11.09 43.23 -27.54
CA ILE B 210 9.87 43.93 -27.93
C ILE B 210 9.36 43.42 -29.25
N GLN B 211 10.20 43.39 -30.28
CA GLN B 211 9.81 42.77 -31.55
C GLN B 211 9.65 41.27 -31.44
N HIS B 212 10.28 40.64 -30.45
CA HIS B 212 10.27 39.19 -30.35
C HIS B 212 8.95 38.67 -29.80
N ASP B 213 8.58 39.11 -28.59
CA ASP B 213 7.32 38.67 -27.98
C ASP B 213 6.12 39.10 -28.78
N ILE B 214 6.26 40.19 -29.54
CA ILE B 214 5.17 40.66 -30.40
C ILE B 214 4.94 39.72 -31.56
N ILE B 215 5.98 38.96 -31.94
CA ILE B 215 5.88 38.13 -33.14
C ILE B 215 4.96 36.93 -32.95
N THR B 216 4.55 36.65 -31.72
CA THR B 216 3.54 35.62 -31.50
C THR B 216 2.22 36.00 -32.16
N SER B 217 1.74 37.21 -31.87
CA SER B 217 0.52 37.71 -32.49
C SER B 217 0.78 38.44 -33.80
N LEU B 218 2.03 38.77 -34.13
CA LEU B 218 2.35 39.34 -35.43
C LEU B 218 2.41 38.28 -36.52
N PRO B 219 2.93 37.08 -36.28
CA PRO B 219 2.77 36.00 -37.25
C PRO B 219 1.43 35.28 -37.17
N GLU B 220 0.47 35.83 -36.44
CA GLU B 220 -0.81 35.16 -36.23
C GLU B 220 -1.82 35.47 -37.33
N ILE B 221 -1.37 36.03 -38.45
CA ILE B 221 -2.31 36.42 -39.51
C ILE B 221 -2.84 35.18 -40.23
N LEU B 222 -1.93 34.36 -40.75
CA LEU B 222 -2.30 33.25 -41.62
C LEU B 222 -2.31 31.96 -40.81
N GLU B 223 -3.35 31.17 -41.01
CA GLU B 223 -3.48 29.87 -40.35
C GLU B 223 -2.38 28.90 -40.77
N ASP B 224 -1.90 29.00 -42.02
CA ASP B 224 -0.77 28.20 -42.46
C ASP B 224 0.56 28.77 -41.99
N SER B 225 0.67 30.09 -41.86
CA SER B 225 1.85 30.73 -41.31
C SER B 225 1.82 30.79 -39.79
N GLN B 226 0.78 30.24 -39.16
CA GLN B 226 0.75 30.12 -37.71
C GLN B 226 1.82 29.19 -37.18
N GLN B 227 1.79 27.92 -37.56
CA GLN B 227 2.73 26.93 -37.06
C GLN B 227 3.86 26.61 -38.01
N ASN B 228 3.97 27.27 -39.16
CA ASN B 228 4.98 26.87 -40.13
C ASN B 228 5.90 28.01 -40.56
N GLU B 229 5.47 29.26 -40.37
CA GLU B 229 6.31 30.39 -40.79
C GLU B 229 7.53 30.54 -39.89
N VAL B 230 7.31 30.66 -38.59
CA VAL B 230 8.43 30.78 -37.66
C VAL B 230 8.92 29.42 -37.20
N ALA B 231 8.43 28.33 -37.81
CA ALA B 231 8.91 26.98 -37.49
C ALA B 231 10.39 26.80 -37.77
N ARG B 232 10.97 27.61 -38.66
CA ARG B 232 12.40 27.63 -38.91
C ARG B 232 12.99 29.03 -38.98
N GLU B 233 12.15 30.07 -39.06
CA GLU B 233 12.59 31.45 -39.07
C GLU B 233 13.16 31.90 -37.72
N LEU B 234 12.91 31.12 -36.66
CA LEU B 234 13.52 31.35 -35.36
C LEU B 234 14.09 30.09 -34.72
N SER B 235 13.80 28.90 -35.26
CA SER B 235 14.37 27.67 -34.73
C SER B 235 15.88 27.63 -34.92
N CYS B 236 16.38 28.36 -35.92
CA CYS B 236 17.82 28.54 -36.09
C CYS B 236 18.33 29.86 -35.54
N LEU B 237 17.48 30.90 -35.48
CA LEU B 237 17.87 32.14 -34.83
C LEU B 237 17.91 32.02 -33.32
N LEU B 238 17.45 30.91 -32.76
CA LEU B 238 17.45 30.69 -31.32
C LEU B 238 18.88 30.45 -30.87
N LYS B 239 19.53 31.50 -30.41
CA LYS B 239 20.88 31.42 -29.86
C LYS B 239 20.90 31.60 -28.35
N GLN B 240 20.14 32.56 -27.83
CA GLN B 240 19.90 32.69 -26.40
C GLN B 240 18.61 31.97 -26.03
N GLY B 241 18.11 32.26 -24.83
CA GLY B 241 16.85 31.73 -24.35
C GLY B 241 15.66 32.67 -24.43
N ARG B 242 15.85 33.90 -24.90
CA ARG B 242 14.83 34.94 -24.84
C ARG B 242 13.72 34.75 -25.86
N ARG B 243 13.82 33.75 -26.73
CA ARG B 243 12.83 33.53 -27.78
C ARG B 243 12.00 32.28 -27.54
N LEU B 244 12.07 31.72 -26.34
CA LEU B 244 11.42 30.45 -26.06
C LEU B 244 9.90 30.57 -25.99
N THR B 245 9.41 31.65 -25.38
CA THR B 245 7.96 31.84 -25.26
C THR B 245 7.32 32.01 -26.63
N VAL B 246 8.06 32.60 -27.57
CA VAL B 246 7.52 32.81 -28.92
C VAL B 246 7.34 31.48 -29.64
N PRO B 247 8.34 30.61 -29.74
CA PRO B 247 8.11 29.31 -30.40
C PRO B 247 7.29 28.37 -29.56
N ILE B 248 6.95 28.75 -28.33
CA ILE B 248 6.05 27.88 -27.52
C ILE B 248 4.64 27.96 -28.10
N LEU B 249 4.09 29.16 -28.27
CA LEU B 249 2.69 29.26 -28.73
C LEU B 249 2.64 29.27 -30.27
N ASP B 250 3.79 29.45 -30.92
CA ASP B 250 3.79 29.60 -32.40
C ASP B 250 3.30 28.33 -33.09
N ALA B 251 3.72 27.15 -32.64
CA ALA B 251 3.33 25.92 -33.39
C ALA B 251 1.91 25.52 -32.98
N LEU B 252 0.91 26.26 -33.46
CA LEU B 252 -0.51 25.99 -33.10
C LEU B 252 -0.97 24.61 -33.57
N SER B 253 -0.64 24.23 -34.81
CA SER B 253 -1.03 22.90 -35.35
C SER B 253 0.18 21.97 -35.32
N ARG B 254 1.22 22.31 -36.08
CA ARG B 254 2.48 21.57 -36.10
C ARG B 254 2.40 20.16 -36.69
N LEU B 255 1.19 19.70 -37.03
CA LEU B 255 0.92 18.42 -37.69
C LEU B 255 1.55 17.22 -36.98
N ASP B 256 1.73 17.33 -35.65
CA ASP B 256 2.41 16.33 -34.82
C ASP B 256 3.81 16.00 -35.33
N LEU B 257 4.51 17.01 -35.86
CA LEU B 257 5.89 16.82 -36.27
C LEU B 257 6.82 17.92 -35.82
N ASP B 258 6.35 19.15 -35.60
CA ASP B 258 7.17 20.19 -35.02
C ASP B 258 7.29 20.05 -33.52
N ALA B 259 6.43 19.27 -32.89
CA ALA B 259 6.65 18.83 -31.52
C ALA B 259 7.91 17.98 -31.41
N GLU B 260 8.20 17.17 -32.43
CA GLU B 260 9.53 16.56 -32.52
C GLU B 260 10.59 17.63 -32.72
N LEU B 261 10.30 18.64 -33.55
CA LEU B 261 11.23 19.75 -33.67
C LEU B 261 11.24 20.61 -32.41
N LEU B 262 10.18 20.54 -31.60
CA LEU B 262 10.17 21.22 -30.31
C LEU B 262 11.11 20.54 -29.32
N ALA B 263 11.06 19.21 -29.24
CA ALA B 263 12.04 18.48 -28.46
C ALA B 263 13.45 18.63 -29.05
N LYS B 264 13.54 18.87 -30.37
CA LYS B 264 14.83 19.06 -31.01
C LYS B 264 15.46 20.40 -30.64
N VAL B 265 14.69 21.48 -30.72
CA VAL B 265 15.15 22.78 -30.25
C VAL B 265 15.38 22.75 -28.74
N ARG B 266 14.65 21.89 -28.02
CA ARG B 266 14.93 21.65 -26.63
C ARG B 266 16.29 20.99 -26.44
N GLN B 267 16.64 20.06 -27.33
CA GLN B 267 17.97 19.46 -27.30
C GLN B 267 19.03 20.50 -27.65
N SER B 268 18.68 21.46 -28.49
CA SER B 268 19.59 22.56 -28.78
C SER B 268 19.81 23.42 -27.54
N ALA B 269 18.73 23.73 -26.82
CA ALA B 269 18.83 24.48 -25.57
C ALA B 269 19.38 23.65 -24.43
N MET B 270 19.50 22.33 -24.60
CA MET B 270 20.11 21.50 -23.56
C MET B 270 21.58 21.86 -23.36
N THR B 271 22.23 22.34 -24.41
CA THR B 271 23.58 22.89 -24.27
C THR B 271 23.55 24.30 -23.70
N ILE B 272 22.49 25.06 -23.96
CA ILE B 272 22.37 26.38 -23.37
C ILE B 272 22.02 26.27 -21.89
N VAL B 273 21.56 25.11 -21.46
CA VAL B 273 21.27 24.90 -20.04
C VAL B 273 22.52 25.05 -19.19
N PRO B 274 23.71 24.67 -19.64
CA PRO B 274 24.93 25.06 -18.91
C PRO B 274 25.41 26.44 -19.29
N SER B 275 24.76 27.10 -20.26
CA SER B 275 25.16 28.43 -20.69
C SER B 275 24.19 29.51 -20.23
N VAL B 276 22.95 29.16 -19.90
CA VAL B 276 22.01 30.16 -19.37
C VAL B 276 22.39 30.55 -17.96
N LYS B 277 23.03 29.63 -17.21
CA LYS B 277 23.60 29.87 -15.89
C LYS B 277 22.56 30.36 -14.88
N LEU B 278 21.58 29.48 -14.63
CA LEU B 278 20.58 29.64 -13.57
C LEU B 278 19.72 30.88 -13.77
N GLU B 279 19.60 31.36 -15.00
CA GLU B 279 18.77 32.51 -15.30
C GLU B 279 17.36 32.10 -15.72
N ASP B 280 17.25 31.28 -16.75
CA ASP B 280 15.98 30.78 -17.25
C ASP B 280 15.93 29.26 -17.11
N LEU B 281 16.29 28.74 -15.93
CA LEU B 281 16.35 27.29 -15.75
C LEU B 281 14.98 26.65 -15.88
N PRO B 282 14.04 26.90 -14.97
CA PRO B 282 12.68 26.35 -15.16
C PRO B 282 11.95 26.96 -16.34
N VAL B 283 12.36 28.14 -16.78
CA VAL B 283 11.76 28.75 -17.97
C VAL B 283 12.16 27.97 -19.21
N VAL B 284 13.31 27.28 -19.16
CA VAL B 284 13.71 26.47 -20.31
C VAL B 284 13.19 25.05 -20.17
N ILE B 285 13.31 24.46 -18.97
CA ILE B 285 13.03 23.04 -18.81
C ILE B 285 11.53 22.76 -18.98
N LYS B 286 10.70 23.77 -18.73
CA LYS B 286 9.27 23.62 -18.95
C LYS B 286 8.92 23.45 -20.42
N PHE B 287 9.70 24.09 -21.31
CA PHE B 287 9.47 23.94 -22.74
C PHE B 287 9.72 22.51 -23.19
N ILE B 288 10.82 21.92 -22.73
CA ILE B 288 11.12 20.53 -23.04
C ILE B 288 10.13 19.57 -22.40
N LEU B 289 9.71 19.83 -21.16
CA LEU B 289 8.89 18.89 -20.44
C LEU B 289 7.44 18.84 -20.91
N HIS B 290 6.93 19.91 -21.52
CA HIS B 290 5.61 19.86 -22.14
C HIS B 290 5.66 19.30 -23.55
N ASN B 291 6.86 19.21 -24.13
CA ASN B 291 7.00 18.85 -25.54
C ASN B 291 6.65 17.40 -25.80
N VAL B 292 7.06 16.49 -24.92
CA VAL B 292 6.66 15.10 -24.99
C VAL B 292 5.54 14.95 -23.97
N LYS B 293 4.31 15.21 -24.42
CA LYS B 293 3.17 15.29 -23.51
C LYS B 293 2.50 13.95 -23.28
N ALA B 294 2.03 13.29 -24.34
CA ALA B 294 1.28 12.06 -24.18
C ALA B 294 1.95 10.84 -24.81
N ALA B 295 3.01 11.04 -25.58
CA ALA B 295 3.65 9.95 -26.31
C ALA B 295 4.75 9.33 -25.45
N ASP B 296 5.59 8.49 -26.07
CA ASP B 296 6.72 7.92 -25.36
C ASP B 296 7.73 9.01 -25.04
N ALA B 297 8.15 9.04 -23.77
CA ALA B 297 9.05 10.08 -23.29
C ALA B 297 10.16 9.52 -22.40
N VAL B 298 10.37 8.21 -22.40
CA VAL B 298 11.41 7.62 -21.56
C VAL B 298 12.79 8.06 -22.04
N GLU B 299 12.92 8.40 -23.31
CA GLU B 299 14.13 9.02 -23.81
C GLU B 299 14.11 10.53 -23.61
N VAL B 300 12.92 11.12 -23.51
CA VAL B 300 12.84 12.55 -23.26
C VAL B 300 13.37 12.89 -21.88
N ILE B 301 12.89 12.17 -20.85
CA ILE B 301 13.41 12.36 -19.49
C ILE B 301 14.87 11.94 -19.41
N SER B 302 15.27 10.97 -20.24
CA SER B 302 16.66 10.51 -20.27
C SER B 302 17.58 11.60 -20.79
N ASP B 303 17.22 12.23 -21.91
CA ASP B 303 17.98 13.35 -22.42
C ASP B 303 17.91 14.53 -21.47
N LEU B 304 16.80 14.67 -20.76
CA LEU B 304 16.66 15.73 -19.76
C LEU B 304 17.67 15.55 -18.63
N ARG B 305 17.74 14.35 -18.06
CA ARG B 305 18.68 14.12 -16.98
C ARG B 305 20.12 14.08 -17.49
N LYS B 306 20.32 13.71 -18.76
CA LYS B 306 21.66 13.72 -19.32
C LYS B 306 22.14 15.14 -19.53
N SER B 307 21.25 16.05 -19.93
CA SER B 307 21.58 17.46 -19.95
C SER B 307 21.71 18.01 -18.54
N LEU B 308 21.03 17.38 -17.58
CA LEU B 308 21.12 17.82 -16.19
C LEU B 308 22.50 17.56 -15.61
N ASP B 309 23.28 16.68 -16.24
CA ASP B 309 24.67 16.51 -15.89
C ASP B 309 25.50 17.76 -16.15
N LEU B 310 25.00 18.68 -16.95
CA LEU B 310 25.63 19.98 -17.18
C LEU B 310 25.16 21.04 -16.20
N SER B 311 24.12 20.75 -15.42
CA SER B 311 23.60 21.72 -14.46
C SER B 311 23.43 21.19 -13.05
N SER B 312 22.98 19.95 -12.89
CA SER B 312 22.70 19.40 -11.55
C SER B 312 22.72 17.88 -11.54
N THR B 341 27.38 18.62 -5.15
CA THR B 341 27.37 18.20 -6.54
C THR B 341 26.56 19.18 -7.40
N SER B 342 25.28 19.29 -7.10
CA SER B 342 24.39 20.19 -7.82
C SER B 342 24.52 21.61 -7.29
N GLN B 343 24.13 22.58 -8.11
CA GLN B 343 24.25 23.97 -7.75
C GLN B 343 23.25 24.34 -6.66
N ASN B 344 23.50 25.49 -6.02
CA ASN B 344 22.81 25.86 -4.79
C ASN B 344 21.31 26.04 -4.95
N CYS B 345 20.87 26.51 -6.12
CA CYS B 345 19.43 26.64 -6.35
C CYS B 345 18.94 25.56 -7.29
N VAL B 346 19.83 24.67 -7.73
CA VAL B 346 19.57 23.81 -8.88
C VAL B 346 18.51 22.76 -8.58
N LYS B 347 18.53 22.19 -7.38
CA LYS B 347 17.55 21.14 -7.06
C LYS B 347 16.14 21.71 -6.99
N LEU B 348 15.98 22.86 -6.35
CA LEU B 348 14.67 23.50 -6.33
C LEU B 348 14.28 24.03 -7.70
N LEU B 349 15.27 24.39 -8.52
CA LEU B 349 14.99 24.88 -9.86
C LEU B 349 14.40 23.79 -10.73
N PHE B 350 15.05 22.64 -10.83
CA PHE B 350 14.47 21.55 -11.62
C PHE B 350 13.25 20.95 -10.93
N ASP B 351 13.14 21.13 -9.60
CA ASP B 351 11.93 20.71 -8.92
C ASP B 351 10.75 21.58 -9.32
N VAL B 352 11.01 22.86 -9.60
CA VAL B 352 9.98 23.77 -10.05
C VAL B 352 9.46 23.45 -11.45
N ILE B 353 9.99 22.41 -12.08
CA ILE B 353 9.46 21.90 -13.33
C ILE B 353 8.93 20.48 -13.16
N LYS B 354 9.66 19.63 -12.45
CA LYS B 354 9.22 18.23 -12.33
C LYS B 354 8.04 18.11 -11.37
N LEU B 355 8.02 18.90 -10.30
CA LEU B 355 6.87 18.91 -9.41
C LEU B 355 5.64 19.39 -10.16
N ALA B 356 5.79 20.43 -10.96
CA ALA B 356 4.68 20.95 -11.74
C ALA B 356 4.33 20.08 -12.92
N VAL B 357 5.15 19.09 -13.27
CA VAL B 357 4.79 18.13 -14.30
C VAL B 357 4.24 16.83 -13.72
N ARG B 358 4.26 16.68 -12.38
CA ARG B 358 3.65 15.53 -11.71
C ARG B 358 2.18 15.26 -12.05
N PHE B 359 1.46 16.21 -12.63
CA PHE B 359 0.00 16.09 -12.73
C PHE B 359 -0.40 15.10 -13.81
N GLN B 360 0.29 15.10 -14.94
CA GLN B 360 -0.15 14.41 -16.14
C GLN B 360 -0.25 12.90 -15.96
N LYS B 361 0.41 12.34 -14.95
CA LYS B 361 0.41 10.93 -14.58
C LYS B 361 0.85 10.01 -15.71
N ASP B 362 1.71 10.49 -16.60
CA ASP B 362 2.34 9.66 -17.60
C ASP B 362 3.82 9.96 -17.77
N VAL B 363 4.29 11.10 -17.27
CA VAL B 363 5.72 11.34 -17.19
C VAL B 363 6.25 10.97 -15.81
N SER B 364 5.35 10.78 -14.83
CA SER B 364 5.73 10.15 -13.58
C SER B 364 6.29 8.76 -13.83
N GLU B 365 5.46 7.87 -14.40
CA GLU B 365 5.89 6.52 -14.68
C GLU B 365 7.02 6.48 -15.71
N ALA B 366 7.10 7.50 -16.57
CA ALA B 366 8.20 7.58 -17.52
C ALA B 366 9.51 7.86 -16.81
N TRP B 367 9.50 8.80 -15.86
CA TRP B 367 10.73 9.07 -15.11
C TRP B 367 11.06 7.91 -14.16
N ILE B 368 10.04 7.16 -13.74
CA ILE B 368 10.30 5.93 -13.00
C ILE B 368 11.07 4.94 -13.86
N LYS B 369 10.49 4.58 -15.02
CA LYS B 369 11.11 3.59 -15.89
C LYS B 369 12.36 4.10 -16.59
N ALA B 370 12.70 5.38 -16.46
CA ALA B 370 13.94 5.89 -17.00
C ALA B 370 14.89 6.40 -15.94
N ILE B 371 14.59 6.19 -14.66
CA ILE B 371 15.56 6.45 -13.62
C ILE B 371 16.39 5.20 -13.32
N GLU B 372 15.92 4.03 -13.76
CA GLU B 372 16.65 2.79 -13.52
C GLU B 372 17.84 2.67 -14.46
N ASN B 373 17.71 3.12 -15.70
CA ASN B 373 18.72 2.90 -16.73
C ASN B 373 19.86 3.91 -16.65
N SER B 374 20.05 4.52 -15.49
CA SER B 374 21.10 5.51 -15.26
C SER B 374 22.16 4.86 -14.38
N THR B 375 23.42 4.99 -14.77
CA THR B 375 24.53 4.49 -13.97
C THR B 375 25.67 5.49 -13.84
N SER B 376 25.65 6.59 -14.59
CA SER B 376 26.64 7.64 -14.48
C SER B 376 26.20 8.79 -13.59
N VAL B 377 24.90 9.04 -13.50
CA VAL B 377 24.39 10.15 -12.71
C VAL B 377 23.82 9.71 -11.37
N SER B 378 23.57 8.41 -11.18
CA SER B 378 22.94 7.89 -9.96
C SER B 378 23.67 8.27 -8.69
N ASP B 379 24.98 8.53 -8.76
CA ASP B 379 25.70 8.93 -7.55
C ASP B 379 25.74 10.44 -7.39
N HIS B 380 25.38 11.18 -8.44
CA HIS B 380 25.44 12.64 -8.41
C HIS B 380 24.05 13.23 -8.56
N LYS B 381 23.10 12.40 -8.96
CA LYS B 381 21.72 12.86 -9.03
C LYS B 381 21.02 12.63 -7.71
N VAL B 382 21.34 13.48 -6.73
CA VAL B 382 20.41 13.72 -5.63
C VAL B 382 19.03 13.99 -6.18
N LEU B 383 18.96 14.76 -7.28
CA LEU B 383 17.75 15.04 -8.03
C LEU B 383 17.16 13.82 -8.71
N ASP B 384 17.72 12.63 -8.52
CA ASP B 384 16.98 11.39 -8.73
C ASP B 384 16.33 10.87 -7.46
N LEU B 385 16.99 11.04 -6.31
CA LEU B 385 16.38 10.64 -5.05
C LEU B 385 15.18 11.51 -4.74
N ILE B 386 15.33 12.83 -4.94
CA ILE B 386 14.25 13.77 -4.67
C ILE B 386 13.04 13.42 -5.51
N VAL B 387 13.26 13.11 -6.78
CA VAL B 387 12.16 12.76 -7.67
C VAL B 387 11.55 11.42 -7.25
N LEU B 388 12.39 10.47 -6.81
CA LEU B 388 11.87 9.17 -6.39
C LEU B 388 10.96 9.29 -5.17
N LEU B 389 11.37 10.10 -4.20
CA LEU B 389 10.50 10.41 -3.08
C LEU B 389 9.26 11.17 -3.51
N LEU B 390 9.38 12.04 -4.52
CA LEU B 390 8.23 12.79 -5.00
C LEU B 390 7.19 11.86 -5.61
N ILE B 391 7.63 10.97 -6.50
CA ILE B 391 6.72 10.06 -7.17
C ILE B 391 6.11 9.10 -6.17
N HIS B 392 6.88 8.70 -5.15
CA HIS B 392 6.32 7.83 -4.12
C HIS B 392 5.31 8.58 -3.25
N SER B 393 5.59 9.85 -2.96
CA SER B 393 4.69 10.61 -2.11
C SER B 393 3.36 10.88 -2.79
N THR B 394 3.39 11.16 -4.09
CA THR B 394 2.17 11.54 -4.80
C THR B 394 1.44 10.34 -5.41
N ASN B 395 2.08 9.64 -6.33
CA ASN B 395 1.39 8.69 -7.20
C ASN B 395 1.14 7.39 -6.46
N SER B 396 -0.13 7.15 -6.10
CA SER B 396 -0.45 6.06 -5.18
C SER B 396 -0.18 4.68 -5.78
N LYS B 397 -0.59 4.46 -7.02
CA LYS B 397 -0.38 3.14 -7.62
C LYS B 397 1.07 2.93 -8.01
N ASN B 398 1.80 4.01 -8.26
CA ASN B 398 3.21 3.93 -8.63
C ASN B 398 4.11 3.56 -7.46
N ARG B 399 3.61 3.62 -6.23
CA ARG B 399 4.47 3.60 -5.05
C ARG B 399 5.15 2.24 -4.84
N LYS B 400 4.46 1.15 -5.20
CA LYS B 400 5.05 -0.17 -5.00
C LYS B 400 6.18 -0.41 -6.00
N GLN B 401 6.08 0.16 -7.19
CA GLN B 401 7.20 0.08 -8.12
C GLN B 401 8.29 1.07 -7.75
N THR B 402 7.90 2.19 -7.11
CA THR B 402 8.86 3.19 -6.71
C THR B 402 9.80 2.64 -5.65
N GLU B 403 9.24 1.95 -4.66
CA GLU B 403 10.07 1.32 -3.64
C GLU B 403 11.00 0.28 -4.26
N LYS B 404 10.52 -0.44 -5.28
CA LYS B 404 11.32 -1.49 -5.91
C LYS B 404 12.52 -0.90 -6.64
N VAL B 405 12.29 0.15 -7.44
CA VAL B 405 13.40 0.74 -8.17
C VAL B 405 14.37 1.41 -7.21
N LEU B 406 13.86 2.03 -6.14
CA LEU B 406 14.75 2.66 -5.17
C LEU B 406 15.62 1.61 -4.47
N ARG B 407 15.01 0.53 -4.00
CA ARG B 407 15.73 -0.56 -3.36
C ARG B 407 16.79 -1.13 -4.26
N SER B 408 16.43 -1.46 -5.49
CA SER B 408 17.40 -2.05 -6.41
C SER B 408 18.47 -1.06 -6.83
N LYS B 409 18.25 0.23 -6.59
CA LYS B 409 19.34 1.17 -6.81
C LYS B 409 20.21 1.34 -5.57
N ILE B 410 19.69 0.98 -4.39
CA ILE B 410 20.51 1.02 -3.18
C ILE B 410 21.57 -0.07 -3.21
N ARG B 411 21.14 -1.31 -3.36
CA ARG B 411 22.04 -2.39 -3.70
C ARG B 411 22.68 -2.11 -5.06
N LEU B 412 23.72 -2.88 -5.37
CA LEU B 412 24.55 -2.66 -6.56
C LEU B 412 25.15 -1.26 -6.56
N GLY B 413 25.51 -0.77 -5.37
CA GLY B 413 26.17 0.51 -5.18
C GLY B 413 25.32 1.68 -5.65
N CYS B 414 26.03 2.77 -5.98
CA CYS B 414 25.55 3.96 -6.69
C CYS B 414 24.56 4.80 -5.90
N MET B 415 24.12 4.33 -4.74
CA MET B 415 23.21 5.09 -3.88
C MET B 415 23.71 4.97 -2.45
N PRO B 416 24.61 5.84 -2.04
CA PRO B 416 25.16 5.77 -0.70
C PRO B 416 24.37 6.62 0.28
N GLU B 417 24.67 6.41 1.56
CA GLU B 417 24.09 7.27 2.59
C GLU B 417 24.64 8.68 2.51
N GLN B 418 25.75 8.88 1.79
CA GLN B 418 26.22 10.23 1.55
C GLN B 418 25.28 10.99 0.61
N LEU B 419 24.65 10.28 -0.33
CA LEU B 419 23.64 10.94 -1.19
C LEU B 419 22.44 11.36 -0.34
N MET B 420 22.03 10.50 0.59
CA MET B 420 20.92 10.86 1.48
C MET B 420 21.30 12.02 2.38
N GLN B 421 22.56 12.15 2.77
CA GLN B 421 22.96 13.33 3.58
C GLN B 421 22.89 14.59 2.71
N ASN B 422 23.29 14.45 1.45
CA ASN B 422 23.18 15.58 0.50
C ASN B 422 21.70 15.98 0.38
N ALA B 423 20.81 14.98 0.30
CA ALA B 423 19.37 15.35 0.34
C ALA B 423 18.99 15.97 1.69
N PHE B 424 19.16 15.23 2.80
CA PHE B 424 18.99 15.87 4.12
C PHE B 424 20.32 16.51 4.48
N GLN B 425 20.33 17.84 4.60
CA GLN B 425 21.50 18.74 4.82
C GLN B 425 21.90 19.58 3.62
N ASN B 426 21.26 19.45 2.47
CA ASN B 426 21.43 20.48 1.42
C ASN B 426 20.09 20.89 0.82
N HIS B 427 19.15 19.95 0.73
CA HIS B 427 17.83 20.23 0.10
C HIS B 427 16.73 19.89 1.10
N SER B 428 16.83 20.39 2.33
CA SER B 428 15.87 20.01 3.35
C SER B 428 14.50 20.61 3.08
N MET B 429 14.45 21.91 2.74
CA MET B 429 13.17 22.57 2.55
C MET B 429 12.46 22.06 1.30
N VAL B 430 13.22 21.50 0.36
CA VAL B 430 12.60 20.93 -0.86
C VAL B 430 12.08 19.52 -0.55
N ILE B 431 12.66 18.85 0.44
CA ILE B 431 12.30 17.44 0.72
C ILE B 431 11.39 17.39 1.94
N LYS B 432 11.20 18.53 2.60
CA LYS B 432 10.36 18.55 3.83
C LYS B 432 8.92 18.15 3.51
N ASP B 433 8.46 18.42 2.30
CA ASP B 433 7.12 17.98 1.89
C ASP B 433 7.04 16.47 1.71
N PHE B 434 8.17 15.85 1.39
CA PHE B 434 8.19 14.37 1.32
C PHE B 434 8.58 13.84 2.70
N PHE B 435 7.60 13.30 3.39
CA PHE B 435 7.71 12.89 4.78
C PHE B 435 6.68 11.79 4.99
N PRO B 436 5.65 11.87 5.85
CA PRO B 436 4.97 10.66 6.36
C PRO B 436 4.40 9.73 5.33
N SER B 437 4.34 10.24 4.11
CA SER B 437 4.18 9.39 2.93
C SER B 437 5.55 8.73 2.73
N ILE B 438 6.17 8.98 1.58
CA ILE B 438 7.37 8.22 1.14
C ILE B 438 8.48 8.13 2.17
N LEU B 439 8.81 9.20 2.88
CA LEU B 439 10.06 9.11 3.67
C LEU B 439 10.01 8.20 4.88
N SER B 440 9.10 8.45 5.82
CA SER B 440 8.96 7.57 7.00
C SER B 440 8.49 6.18 6.58
N LEU B 441 7.66 6.11 5.55
CA LEU B 441 7.09 4.78 5.20
C LEU B 441 8.15 3.99 4.46
N ALA B 442 8.96 4.65 3.64
CA ALA B 442 10.05 3.93 3.02
C ALA B 442 11.03 3.45 4.08
N GLN B 443 11.40 4.33 5.02
CA GLN B 443 12.40 3.98 6.02
C GLN B 443 11.95 2.82 6.88
N THR B 444 10.68 2.80 7.27
CA THR B 444 10.12 1.60 7.89
C THR B 444 10.15 0.42 6.94
N PHE B 445 9.79 0.64 5.68
CA PHE B 445 9.76 -0.44 4.72
C PHE B 445 11.15 -0.86 4.26
N LEU B 446 12.19 -0.10 4.56
CA LEU B 446 13.55 -0.50 4.21
C LEU B 446 14.30 -1.15 5.36
N HIS B 447 13.61 -1.49 6.46
CA HIS B 447 14.15 -2.34 7.51
C HIS B 447 13.59 -3.74 7.28
N SER B 448 14.10 -4.40 6.25
CA SER B 448 13.70 -5.79 6.03
C SER B 448 14.88 -6.75 6.05
N ALA B 449 15.85 -6.52 5.16
CA ALA B 449 16.94 -7.46 4.90
C ALA B 449 17.97 -6.80 4.02
N HIS B 450 18.94 -7.57 3.53
CA HIS B 450 19.97 -7.15 2.59
C HIS B 450 20.72 -5.92 3.11
N PRO B 451 21.61 -6.08 4.07
CA PRO B 451 22.03 -4.95 4.90
C PRO B 451 22.92 -3.93 4.22
N ALA B 452 22.94 -3.92 2.89
CA ALA B 452 23.38 -2.71 2.20
C ALA B 452 22.31 -1.62 2.28
N VAL B 453 21.03 -2.00 2.39
CA VAL B 453 19.94 -1.03 2.42
C VAL B 453 19.52 -0.65 3.83
N VAL B 454 19.92 -1.40 4.84
CA VAL B 454 19.44 -1.07 6.16
C VAL B 454 20.29 0.03 6.77
N SER B 455 21.54 0.16 6.34
CA SER B 455 22.30 1.35 6.71
C SER B 455 21.89 2.57 5.93
N PHE B 456 20.95 2.43 5.00
CA PHE B 456 20.26 3.55 4.36
C PHE B 456 18.97 3.90 5.06
N GLY B 457 18.13 2.89 5.29
CA GLY B 457 16.95 3.07 6.10
C GLY B 457 17.24 3.63 7.48
N SER B 458 18.40 3.31 8.05
CA SER B 458 18.77 3.90 9.32
C SER B 458 19.24 5.34 9.16
N CYS B 459 19.85 5.67 8.02
CA CYS B 459 20.28 7.06 7.79
C CYS B 459 19.06 7.93 7.54
N MET B 460 18.00 7.35 7.00
CA MET B 460 16.75 8.12 6.80
C MET B 460 16.20 8.55 8.16
N TYR B 461 16.07 7.64 9.12
CA TYR B 461 15.61 8.05 10.46
C TYR B 461 16.64 8.93 11.16
N LYS B 462 17.91 8.72 10.89
CA LYS B 462 18.91 9.47 11.66
C LYS B 462 19.07 10.89 11.15
N GLN B 463 18.65 11.12 9.92
CA GLN B 463 18.76 12.49 9.40
C GLN B 463 17.42 13.22 9.45
N ALA B 464 16.32 12.48 9.37
CA ALA B 464 14.99 13.08 9.52
C ALA B 464 14.87 13.66 10.93
N PHE B 465 15.43 12.96 11.91
CA PHE B 465 15.46 13.54 13.26
C PHE B 465 16.35 14.78 13.26
N ALA B 466 17.44 14.74 12.50
CA ALA B 466 18.41 15.84 12.60
C ALA B 466 17.91 17.15 12.00
N VAL B 467 17.52 17.17 10.72
CA VAL B 467 17.28 18.46 10.00
C VAL B 467 15.84 18.93 10.07
N PHE B 468 14.90 18.02 10.28
CA PHE B 468 13.48 18.42 10.16
C PHE B 468 12.98 19.19 11.36
N ASP B 469 11.67 19.42 11.38
CA ASP B 469 11.00 20.19 12.45
C ASP B 469 10.41 19.29 13.52
N SER B 470 9.85 19.89 14.57
CA SER B 470 9.43 19.19 15.79
C SER B 470 8.42 18.07 15.51
N TYR B 471 7.44 18.27 14.65
CA TYR B 471 6.48 17.16 14.43
C TYR B 471 7.20 15.98 13.79
N CYS B 472 8.14 16.29 12.90
CA CYS B 472 8.85 15.19 12.23
C CYS B 472 9.75 14.46 13.20
N GLN B 473 10.39 15.20 14.12
CA GLN B 473 11.23 14.56 15.14
C GLN B 473 10.39 13.66 16.05
N GLN B 474 9.24 14.15 16.47
CA GLN B 474 8.37 13.32 17.31
C GLN B 474 7.93 12.08 16.53
N GLU B 475 7.68 12.24 15.23
CA GLU B 475 7.19 11.11 14.45
C GLU B 475 8.29 10.08 14.18
N VAL B 476 9.53 10.52 14.00
CA VAL B 476 10.58 9.50 13.80
C VAL B 476 10.85 8.81 15.13
N VAL B 477 10.81 9.56 16.23
CA VAL B 477 10.98 8.92 17.54
C VAL B 477 9.90 7.89 17.77
N CYS B 478 8.64 8.24 17.50
CA CYS B 478 7.58 7.26 17.68
C CYS B 478 7.65 6.13 16.66
N ALA B 479 8.26 6.37 15.50
CA ALA B 479 8.45 5.28 14.56
C ALA B 479 9.45 4.28 15.09
N LEU B 480 10.55 4.77 15.65
CA LEU B 480 11.53 3.91 16.29
C LEU B 480 10.93 3.17 17.48
N VAL B 481 10.16 3.88 18.30
CA VAL B 481 9.62 3.27 19.51
C VAL B 481 8.60 2.18 19.19
N THR B 482 7.65 2.45 18.29
CA THR B 482 6.74 1.39 17.84
C THR B 482 7.49 0.29 17.14
N HIS B 483 8.63 0.64 16.54
CA HIS B 483 9.40 -0.36 15.83
C HIS B 483 10.09 -1.31 16.81
N VAL B 484 10.49 -0.80 17.97
CA VAL B 484 11.15 -1.65 18.96
C VAL B 484 10.14 -2.32 19.88
N CYS B 485 8.92 -1.80 19.97
CA CYS B 485 7.88 -2.44 20.76
C CYS B 485 7.21 -3.59 20.01
N SER B 486 7.62 -3.86 18.77
CA SER B 486 7.20 -5.06 18.04
C SER B 486 8.19 -5.27 16.91
N GLY B 487 8.92 -6.38 16.94
CA GLY B 487 9.88 -6.67 15.90
C GLY B 487 10.91 -7.70 16.33
N ASN B 488 11.40 -8.50 15.40
CA ASN B 488 12.27 -9.63 15.73
C ASN B 488 13.74 -9.31 15.51
N GLU B 489 14.12 -9.01 14.28
CA GLU B 489 15.50 -8.65 14.00
C GLU B 489 15.68 -7.15 13.92
N THR B 490 14.57 -6.42 13.78
CA THR B 490 14.64 -4.97 13.62
C THR B 490 15.12 -4.27 14.88
N GLU B 491 14.83 -4.85 16.05
CA GLU B 491 15.03 -4.18 17.33
C GLU B 491 16.49 -3.84 17.57
N LEU B 492 17.40 -4.61 16.97
CA LEU B 492 18.81 -4.27 17.02
C LEU B 492 19.07 -2.95 16.30
N ASP B 493 18.62 -2.84 15.04
CA ASP B 493 18.82 -1.62 14.26
C ASP B 493 18.17 -0.43 14.93
N ILE B 494 16.99 -0.66 15.52
CA ILE B 494 16.30 0.40 16.23
C ILE B 494 17.10 0.84 17.44
N SER B 495 17.54 -0.10 18.26
CA SER B 495 18.18 0.26 19.52
C SER B 495 19.52 0.92 19.29
N LEU B 496 20.27 0.45 18.29
CA LEU B 496 21.47 1.17 17.87
C LEU B 496 21.12 2.52 17.27
N ASP B 497 19.94 2.63 16.66
CA ASP B 497 19.55 3.90 16.08
C ASP B 497 19.23 4.93 17.16
N VAL B 498 18.42 4.56 18.15
CA VAL B 498 18.12 5.50 19.22
C VAL B 498 19.39 5.74 20.03
N LEU B 499 20.29 4.76 20.09
CA LEU B 499 21.59 4.96 20.70
C LEU B 499 22.38 6.04 19.98
N THR B 500 22.38 6.02 18.65
CA THR B 500 23.07 7.07 17.91
C THR B 500 22.37 8.40 18.10
N ASP B 501 21.07 8.38 18.33
CA ASP B 501 20.34 9.62 18.54
C ASP B 501 20.66 10.21 19.90
N LEU B 502 20.84 9.36 20.90
CA LEU B 502 21.16 9.84 22.25
C LEU B 502 22.59 10.34 22.33
N VAL B 503 23.52 9.64 21.67
CA VAL B 503 24.91 10.09 21.72
C VAL B 503 25.13 11.28 20.80
N ILE B 504 24.30 11.45 19.77
CA ILE B 504 24.54 12.52 18.80
C ILE B 504 23.76 13.76 19.17
N LEU B 505 22.44 13.69 19.14
CA LEU B 505 21.58 14.82 19.44
C LEU B 505 20.95 14.57 20.80
N HIS B 506 21.68 14.91 21.85
CA HIS B 506 21.23 14.58 23.21
C HIS B 506 20.17 15.54 23.75
N PRO B 507 20.31 16.89 23.68
CA PRO B 507 19.25 17.73 24.26
C PRO B 507 18.03 17.79 23.37
N SER B 508 18.19 17.42 22.10
CA SER B 508 17.06 17.45 21.18
C SER B 508 16.24 16.19 21.20
N LEU B 509 16.62 15.17 21.98
CA LEU B 509 15.89 13.93 22.05
C LEU B 509 15.03 13.82 23.30
N LEU B 510 15.43 14.47 24.39
CA LEU B 510 14.67 14.31 25.63
C LEU B 510 13.33 15.03 25.55
N LEU B 511 13.23 16.06 24.71
CA LEU B 511 11.95 16.72 24.52
C LEU B 511 10.95 15.75 23.90
N ARG B 512 11.40 15.00 22.90
CA ARG B 512 10.60 14.00 22.18
C ARG B 512 10.65 12.64 22.87
N TYR B 513 10.87 12.62 24.19
CA TYR B 513 11.07 11.37 24.91
C TYR B 513 10.20 11.20 26.13
N ALA B 514 9.58 12.27 26.65
CA ALA B 514 8.96 12.30 27.97
C ALA B 514 7.92 11.22 28.19
N THR B 515 7.31 10.73 27.13
CA THR B 515 6.52 9.52 27.21
C THR B 515 6.85 8.53 26.11
N PHE B 516 7.77 8.87 25.22
CA PHE B 516 7.96 8.03 24.05
C PHE B 516 9.03 7.00 24.24
N VAL B 517 10.18 7.38 24.79
CA VAL B 517 11.24 6.39 25.00
C VAL B 517 11.01 5.72 26.33
N LYS B 518 10.28 6.38 27.23
CA LYS B 518 9.86 5.75 28.47
C LYS B 518 8.95 4.55 28.26
N THR B 519 8.31 4.46 27.09
CA THR B 519 7.28 3.47 26.88
C THR B 519 7.84 2.07 26.89
N ILE B 520 8.97 1.86 26.21
CA ILE B 520 9.45 0.51 25.94
C ILE B 520 9.86 -0.22 27.22
N LEU B 521 10.15 0.54 28.29
CA LEU B 521 10.34 -0.06 29.61
C LEU B 521 9.14 -0.91 30.02
N ASP B 522 7.93 -0.47 29.66
CA ASP B 522 6.73 -1.24 29.90
C ASP B 522 6.57 -2.42 28.94
N SER B 523 7.56 -2.67 28.07
CA SER B 523 7.59 -3.89 27.29
C SER B 523 8.99 -4.47 27.23
N MET B 524 9.78 -4.32 28.29
CA MET B 524 11.13 -4.88 28.33
C MET B 524 11.10 -6.39 28.31
N GLN B 525 9.99 -6.98 28.74
CA GLN B 525 9.86 -8.43 28.74
C GLN B 525 9.75 -9.01 27.35
N LYS B 526 9.56 -8.16 26.34
CA LYS B 526 9.40 -8.64 24.97
C LYS B 526 10.70 -9.24 24.45
N LEU B 527 11.74 -8.42 24.33
CA LEU B 527 13.03 -8.89 23.85
C LEU B 527 14.08 -7.86 24.24
N ASN B 528 15.01 -8.26 25.09
CA ASN B 528 16.24 -7.53 25.33
C ASN B 528 17.28 -8.41 26.00
N PRO B 529 17.93 -9.35 25.28
CA PRO B 529 19.02 -10.12 25.88
C PRO B 529 20.24 -9.27 26.19
N CYS B 530 20.74 -8.56 25.16
CA CYS B 530 21.76 -7.54 25.33
C CYS B 530 21.24 -6.15 25.01
N GLN B 531 20.03 -6.04 24.46
CA GLN B 531 19.45 -4.74 24.17
C GLN B 531 19.04 -4.00 25.43
N ILE B 532 18.92 -4.69 26.56
CA ILE B 532 18.49 -4.03 27.80
C ILE B 532 19.57 -3.08 28.29
N ARG B 533 20.83 -3.43 28.07
CA ARG B 533 21.91 -2.54 28.49
C ARG B 533 21.95 -1.29 27.63
N LYS B 534 21.67 -1.43 26.32
CA LYS B 534 21.57 -0.25 25.46
C LYS B 534 20.35 0.57 25.80
N LEU B 535 19.25 -0.09 26.15
CA LEU B 535 18.01 0.60 26.47
C LEU B 535 18.18 1.44 27.72
N PHE B 536 18.86 0.89 28.72
CA PHE B 536 19.05 1.68 29.92
C PHE B 536 20.21 2.65 29.77
N TYR B 537 21.09 2.41 28.80
CA TYR B 537 22.01 3.46 28.40
C TYR B 537 21.26 4.66 27.85
N ILE B 538 20.27 4.43 26.99
CA ILE B 538 19.41 5.49 26.48
C ILE B 538 18.78 6.27 27.61
N LEU B 539 18.03 5.56 28.46
CA LEU B 539 17.25 6.21 29.49
C LEU B 539 18.15 6.93 30.47
N SER B 540 19.32 6.36 30.77
CA SER B 540 20.24 7.01 31.68
C SER B 540 20.88 8.24 31.06
N THR B 541 21.19 8.19 29.77
CA THR B 541 21.84 9.34 29.15
C THR B 541 20.89 10.51 29.03
N LEU B 542 19.60 10.22 28.84
CA LEU B 542 18.63 11.30 28.89
C LEU B 542 18.43 11.80 30.31
N ALA B 543 18.54 10.91 31.29
CA ALA B 543 18.40 11.32 32.68
C ALA B 543 19.52 12.25 33.11
N PHE B 544 20.74 11.98 32.67
CA PHE B 544 21.88 12.74 33.18
C PHE B 544 22.10 14.03 32.39
N SER B 545 21.53 14.12 31.20
CA SER B 545 21.70 15.32 30.39
C SER B 545 20.61 16.36 30.62
N GLN B 546 19.77 16.19 31.63
CA GLN B 546 18.69 17.14 31.93
C GLN B 546 18.64 17.31 33.44
N ARG B 547 19.39 18.27 33.96
CA ARG B 547 19.34 18.60 35.38
C ARG B 547 17.99 19.11 35.82
N GLN B 548 17.21 19.72 34.91
CA GLN B 548 15.93 20.29 35.28
C GLN B 548 14.88 19.21 35.54
N GLU B 549 14.86 18.16 34.71
CA GLU B 549 13.84 17.12 34.83
C GLU B 549 14.34 15.69 34.70
N GLY B 550 15.47 15.45 34.03
CA GLY B 550 15.74 14.12 33.50
C GLY B 550 16.04 13.05 34.53
N SER B 551 16.89 13.36 35.52
CA SER B 551 17.39 12.34 36.45
C SER B 551 16.30 11.76 37.33
N TYR B 552 15.34 12.59 37.75
CA TYR B 552 14.25 12.12 38.60
C TYR B 552 13.38 11.11 37.87
N ILE B 553 13.24 11.30 36.55
CA ILE B 553 12.41 10.41 35.74
C ILE B 553 12.94 8.99 35.79
N GLN B 554 14.23 8.81 35.46
CA GLN B 554 14.79 7.46 35.40
C GLN B 554 15.05 6.91 36.80
N ASP B 555 15.35 7.77 37.78
CA ASP B 555 15.48 7.26 39.15
C ASP B 555 14.13 6.77 39.67
N ASP B 556 13.05 7.43 39.24
CA ASP B 556 11.72 6.91 39.54
C ASP B 556 11.46 5.62 38.79
N MET B 557 11.98 5.52 37.56
CA MET B 557 11.81 4.29 36.79
C MET B 557 12.46 3.12 37.48
N HIS B 558 13.74 3.25 37.83
CA HIS B 558 14.49 2.16 38.47
C HIS B 558 14.13 2.06 39.95
N MET B 559 13.38 3.04 40.47
CA MET B 559 12.87 2.93 41.83
C MET B 559 11.57 2.15 41.85
N VAL B 560 10.74 2.43 40.86
CA VAL B 560 9.51 1.60 40.72
C VAL B 560 10.11 0.20 40.57
N ILE B 561 11.32 0.16 40.01
CA ILE B 561 12.01 -1.14 39.87
C ILE B 561 12.49 -1.58 41.25
N ARG B 562 12.38 -0.73 42.28
CA ARG B 562 12.72 -1.17 43.67
C ARG B 562 11.73 -2.25 44.09
N LYS B 563 10.43 -2.05 43.84
CA LYS B 563 9.48 -3.16 44.13
C LYS B 563 9.83 -4.28 43.14
N TRP B 564 10.18 -3.90 41.90
CA TRP B 564 10.61 -4.91 40.93
C TRP B 564 11.87 -5.56 41.51
N LEU B 565 12.77 -4.75 42.06
CA LEU B 565 14.02 -5.28 42.62
C LEU B 565 13.63 -6.25 43.74
N SER B 566 12.58 -5.93 44.48
CA SER B 566 12.15 -6.78 45.61
C SER B 566 11.68 -8.17 45.13
N SER B 567 10.49 -8.27 44.49
CA SER B 567 9.97 -9.56 44.10
C SER B 567 8.95 -9.59 42.97
N SER B 568 8.89 -8.60 42.09
CA SER B 568 7.67 -8.44 41.30
C SER B 568 7.50 -9.48 40.20
N VAL B 569 8.44 -10.40 40.05
CA VAL B 569 8.39 -11.47 39.07
C VAL B 569 9.50 -12.44 39.42
N PRO B 570 9.65 -13.56 38.71
CA PRO B 570 10.94 -14.26 38.73
C PRO B 570 12.07 -13.40 38.20
N ASN B 571 11.80 -12.58 37.19
CA ASN B 571 12.68 -11.52 36.74
C ASN B 571 12.30 -10.21 37.42
N HIS B 572 12.74 -9.09 36.85
CA HIS B 572 12.52 -7.71 37.28
C HIS B 572 13.33 -7.35 38.52
N LYS B 573 14.06 -8.31 39.09
CA LYS B 573 15.15 -7.97 39.97
C LYS B 573 16.45 -7.90 39.18
N GLN B 574 16.63 -8.85 38.25
CA GLN B 574 17.70 -8.77 37.25
C GLN B 574 17.67 -7.41 36.55
N MET B 575 16.53 -7.08 35.93
CA MET B 575 16.38 -5.80 35.25
C MET B 575 16.52 -4.65 36.23
N GLY B 576 16.13 -4.89 37.48
CA GLY B 576 16.30 -3.88 38.50
C GLY B 576 17.75 -3.48 38.68
N ILE B 577 18.64 -4.46 38.82
CA ILE B 577 20.01 -4.09 39.11
C ILE B 577 20.73 -3.65 37.85
N ILE B 578 20.34 -4.17 36.68
CA ILE B 578 20.91 -3.64 35.45
C ILE B 578 20.59 -2.16 35.32
N GLY B 579 19.33 -1.80 35.55
CA GLY B 579 18.96 -0.40 35.53
C GLY B 579 19.61 0.39 36.64
N ALA B 580 19.76 -0.22 37.81
CA ALA B 580 20.26 0.50 38.96
C ALA B 580 21.72 0.87 38.78
N VAL B 581 22.51 -0.09 38.31
CA VAL B 581 23.92 0.19 38.06
C VAL B 581 24.08 1.10 36.86
N THR B 582 23.17 1.02 35.88
CA THR B 582 23.31 1.88 34.72
C THR B 582 23.02 3.34 35.09
N MET B 583 21.97 3.57 35.86
CA MET B 583 21.71 4.92 36.35
C MET B 583 22.77 5.34 37.36
N MET B 584 23.37 4.37 38.03
CA MET B 584 24.38 4.60 39.03
C MET B 584 25.74 4.94 38.43
N GLY B 585 25.97 4.56 37.20
CA GLY B 585 27.21 4.89 36.55
C GLY B 585 27.10 6.18 35.78
N SER B 586 25.86 6.59 35.52
CA SER B 586 25.67 7.88 34.88
C SER B 586 25.98 9.02 35.84
N VAL B 587 25.99 8.70 37.14
CA VAL B 587 26.32 9.72 38.17
C VAL B 587 27.84 9.77 38.32
N ALA B 588 28.57 8.92 37.61
CA ALA B 588 30.05 8.86 37.81
C ALA B 588 30.81 9.73 36.81
N LEU B 589 30.15 10.18 35.75
CA LEU B 589 30.78 11.01 34.70
C LEU B 589 32.01 10.31 34.09
N ILE B 606 25.08 16.24 48.02
CA ILE B 606 24.18 16.78 47.01
C ILE B 606 22.81 16.11 47.12
N GLU B 607 21.83 16.66 46.39
CA GLU B 607 20.48 16.09 46.41
C GLU B 607 20.40 14.82 45.58
N CYS B 608 21.07 14.81 44.41
CA CYS B 608 21.13 13.61 43.60
C CYS B 608 21.90 12.49 44.29
N ASP B 609 22.90 12.84 45.10
CA ASP B 609 23.60 11.84 45.90
C ASP B 609 22.67 11.19 46.91
N GLY B 610 21.79 11.98 47.53
CA GLY B 610 20.84 11.43 48.48
C GLY B 610 19.75 10.60 47.82
N GLN B 611 19.30 11.00 46.63
CA GLN B 611 18.35 10.18 45.89
C GLN B 611 19.03 8.90 45.40
N LEU B 612 20.34 8.97 45.16
CA LEU B 612 21.09 7.80 44.71
C LEU B 612 21.24 6.79 45.83
N SER B 613 21.64 7.26 47.02
CA SER B 613 22.02 6.34 48.09
C SER B 613 20.83 5.55 48.64
N THR B 614 19.65 6.18 48.68
CA THR B 614 18.47 5.48 49.18
C THR B 614 18.07 4.36 48.23
N LEU B 615 18.08 4.63 46.92
CA LEU B 615 17.79 3.62 45.93
C LEU B 615 18.96 2.70 45.66
N LEU B 616 20.11 2.98 46.26
CA LEU B 616 21.23 2.07 46.36
C LEU B 616 21.11 1.11 47.51
N ASP B 617 20.49 1.55 48.61
CA ASP B 617 20.37 0.70 49.79
C ASP B 617 19.49 -0.51 49.51
N LEU B 618 18.52 -0.38 48.62
CA LEU B 618 17.73 -1.54 48.24
C LEU B 618 18.54 -2.49 47.38
N VAL B 619 19.45 -1.95 46.58
CA VAL B 619 20.38 -2.78 45.82
C VAL B 619 21.28 -3.54 46.78
N GLY B 620 21.76 -2.85 47.82
CA GLY B 620 22.53 -3.51 48.85
C GLY B 620 21.75 -4.58 49.59
N PHE B 621 20.45 -4.33 49.79
CA PHE B 621 19.60 -5.30 50.47
C PHE B 621 19.39 -6.56 49.65
N CYS B 622 19.07 -6.39 48.36
CA CYS B 622 18.96 -7.56 47.49
C CYS B 622 20.31 -8.26 47.36
N CYS B 623 21.40 -7.49 47.38
CA CYS B 623 22.73 -8.06 47.50
C CYS B 623 22.91 -8.74 48.85
N GLU B 624 22.45 -8.10 49.93
CA GLU B 624 22.50 -8.73 51.23
C GLU B 624 21.61 -9.96 51.31
N GLN B 625 20.52 -10.00 50.55
CA GLN B 625 19.81 -11.25 50.33
C GLN B 625 20.75 -12.20 49.63
N THR B 626 20.81 -13.44 50.12
CA THR B 626 21.78 -14.50 49.79
C THR B 626 22.18 -14.71 48.32
N PRO B 627 21.24 -14.79 47.33
CA PRO B 627 21.61 -15.43 46.06
C PRO B 627 22.52 -14.64 45.14
N GLU B 628 22.61 -15.16 43.91
CA GLU B 628 23.39 -14.61 42.81
C GLU B 628 23.06 -13.18 42.44
N VAL B 629 21.97 -12.62 42.98
CA VAL B 629 21.62 -11.24 42.74
C VAL B 629 22.68 -10.29 43.32
N LEU B 630 23.52 -10.80 44.23
CA LEU B 630 24.75 -10.08 44.58
C LEU B 630 25.77 -10.20 43.46
N ALA B 631 25.89 -11.40 42.88
CA ALA B 631 26.86 -11.61 41.82
C ALA B 631 26.53 -10.77 40.60
N LEU B 632 25.24 -10.60 40.32
CA LEU B 632 24.85 -9.76 39.20
C LEU B 632 25.18 -8.31 39.47
N TYR B 633 25.07 -7.87 40.72
CA TYR B 633 25.50 -6.52 41.09
C TYR B 633 26.99 -6.35 40.88
N TYR B 634 27.75 -7.40 41.19
CA TYR B 634 29.19 -7.40 40.94
C TYR B 634 29.50 -7.32 39.45
N ASP B 635 28.87 -8.19 38.67
CA ASP B 635 29.08 -8.23 37.23
C ASP B 635 28.73 -6.90 36.61
N GLU B 636 27.65 -6.27 37.08
CA GLU B 636 27.22 -5.01 36.51
C GLU B 636 28.20 -3.91 36.84
N LEU B 637 28.73 -3.89 38.06
CA LEU B 637 29.73 -2.88 38.37
C LEU B 637 31.00 -3.11 37.57
N ALA B 638 31.33 -4.36 37.30
CA ALA B 638 32.44 -4.68 36.42
C ALA B 638 32.20 -4.15 35.02
N ASN B 639 31.00 -4.36 34.49
CA ASN B 639 30.69 -3.90 33.12
C ASN B 639 30.74 -2.38 33.07
N LEU B 640 30.33 -1.72 34.15
CA LEU B 640 30.39 -0.24 34.19
C LEU B 640 31.83 0.26 34.16
N ILE B 641 32.71 -0.37 34.92
CA ILE B 641 34.15 0.04 34.88
C ILE B 641 34.72 -0.25 33.50
N GLU B 642 34.33 -1.40 32.93
CA GLU B 642 34.86 -1.78 31.60
C GLU B 642 34.41 -0.78 30.54
N LYS B 643 33.12 -0.43 30.53
CA LYS B 643 32.60 0.41 29.43
C LYS B 643 33.18 1.82 29.47
N GLN B 644 33.08 2.47 30.62
CA GLN B 644 33.61 3.85 30.74
C GLN B 644 34.90 3.76 31.55
N LYS B 645 36.03 3.93 30.89
CA LYS B 645 37.32 3.77 31.60
C LYS B 645 38.03 5.10 31.85
N GLY B 646 38.17 5.92 30.81
CA GLY B 646 38.84 7.22 30.96
C GLY B 646 38.08 8.16 31.85
N ASN B 647 36.75 8.12 31.77
CA ASN B 647 35.91 8.91 32.69
C ASN B 647 35.77 8.12 33.99
N LEU B 648 34.78 8.48 34.83
CA LEU B 648 34.50 7.72 36.07
C LEU B 648 35.73 7.79 36.99
N ASP B 649 35.91 8.96 37.59
CA ASP B 649 37.12 9.20 38.42
C ASP B 649 37.16 8.27 39.62
N LEU B 650 38.35 8.12 40.21
CA LEU B 650 38.56 7.10 41.26
C LEU B 650 37.71 7.33 42.51
N GLN B 651 37.47 8.59 42.87
CA GLN B 651 36.74 8.85 44.13
C GLN B 651 35.28 8.39 44.05
N LEU B 652 34.64 8.64 42.90
CA LEU B 652 33.21 8.27 42.78
C LEU B 652 33.05 6.75 42.86
N LEU B 653 33.85 6.01 42.08
CA LEU B 653 33.73 4.55 42.10
C LEU B 653 34.26 3.98 43.42
N ASP B 654 35.19 4.68 44.05
CA ASP B 654 35.69 4.22 45.36
C ASP B 654 34.56 4.35 46.38
N LYS B 655 33.79 5.44 46.28
CA LYS B 655 32.62 5.55 47.13
C LYS B 655 31.60 4.47 46.79
N PHE B 656 31.55 4.12 45.50
CA PHE B 656 30.65 3.05 45.07
C PHE B 656 31.08 1.71 45.63
N GLY B 657 32.25 1.23 45.21
CA GLY B 657 32.74 -0.04 45.70
C GLY B 657 34.13 0.03 46.29
N LYS B 658 34.21 -0.18 47.60
CA LYS B 658 35.46 -0.54 48.27
C LYS B 658 35.08 -1.64 49.24
N SER B 659 33.80 -1.71 49.55
CA SER B 659 33.22 -2.76 50.36
C SER B 659 32.81 -3.97 49.54
N LEU B 660 32.79 -3.83 48.22
CA LEU B 660 32.55 -4.94 47.33
C LEU B 660 33.85 -5.55 46.81
N VAL B 661 34.85 -4.71 46.57
CA VAL B 661 36.19 -5.20 46.25
C VAL B 661 36.78 -5.95 47.42
N GLU B 662 36.89 -5.30 48.58
CA GLU B 662 37.57 -5.89 49.73
C GLU B 662 36.80 -7.03 50.38
N ASP B 663 35.70 -7.48 49.79
CA ASP B 663 35.04 -8.68 50.28
C ASP B 663 35.67 -9.95 49.70
N PHE B 664 36.49 -9.83 48.67
CA PHE B 664 37.19 -11.00 48.16
C PHE B 664 38.32 -11.46 49.08
N PRO B 665 39.40 -10.64 49.31
CA PRO B 665 40.59 -11.23 49.94
C PRO B 665 40.43 -11.45 51.43
N ASN B 666 39.22 -11.31 51.93
CA ASN B 666 38.89 -11.72 53.29
C ASN B 666 37.58 -12.49 53.34
N ASP B 667 37.19 -13.14 52.24
CA ASP B 667 36.01 -14.01 52.34
C ASP B 667 36.33 -15.25 53.15
N PHE B 668 37.49 -15.85 52.90
CA PHE B 668 38.02 -16.87 53.80
C PHE B 668 39.52 -16.81 54.01
N VAL B 669 40.28 -16.10 53.17
CA VAL B 669 41.74 -16.22 53.17
C VAL B 669 42.30 -15.23 54.18
N VAL B 670 42.31 -15.63 55.45
CA VAL B 670 42.96 -14.87 56.52
C VAL B 670 43.83 -15.82 57.34
N ASP B 671 43.92 -17.07 56.92
CA ASP B 671 44.65 -18.09 57.66
C ASP B 671 46.16 -17.97 57.43
N LEU B 672 46.90 -18.93 57.97
CA LEU B 672 48.36 -18.88 57.95
C LEU B 672 49.01 -20.05 57.22
N SER B 673 48.61 -21.28 57.53
CA SER B 673 49.23 -22.47 56.94
C SER B 673 48.22 -23.20 56.07
N PRO B 674 48.18 -22.96 54.76
CA PRO B 674 47.13 -23.55 53.92
C PRO B 674 47.35 -25.03 53.64
N THR B 675 48.42 -25.63 54.15
CA THR B 675 48.65 -27.06 53.92
C THR B 675 47.69 -27.90 54.75
N VAL B 676 47.10 -27.30 55.79
CA VAL B 676 46.09 -28.01 56.57
C VAL B 676 44.77 -27.98 55.81
N ASP B 677 43.85 -28.84 56.24
CA ASP B 677 42.53 -28.91 55.63
C ASP B 677 41.46 -28.17 56.40
N GLY B 678 41.63 -27.97 57.71
CA GLY B 678 40.53 -27.51 58.53
C GLY B 678 39.48 -28.60 58.54
N SER B 679 38.34 -28.33 57.93
CA SER B 679 37.47 -29.40 57.47
C SER B 679 37.42 -29.42 55.95
N PHE B 680 37.37 -28.24 55.32
CA PHE B 680 37.22 -28.06 53.88
C PHE B 680 36.08 -28.92 53.34
N LEU B 681 34.88 -28.62 53.87
CA LEU B 681 33.69 -29.46 53.86
C LEU B 681 33.46 -30.18 52.55
N PHE B 682 33.10 -31.47 52.61
CA PHE B 682 33.24 -32.43 51.53
C PHE B 682 34.68 -32.36 51.04
N PRO B 683 35.62 -32.91 51.79
CA PRO B 683 37.05 -32.72 51.50
C PRO B 683 37.65 -33.77 50.58
N VAL B 684 37.32 -33.69 49.29
CA VAL B 684 38.00 -34.56 48.34
C VAL B 684 39.43 -34.10 48.13
N LYS B 685 39.72 -32.82 48.35
CA LYS B 685 41.04 -32.29 48.08
C LYS B 685 41.69 -31.82 49.37
N SER B 686 41.30 -32.43 50.48
CA SER B 686 42.12 -32.35 51.68
C SER B 686 43.40 -33.15 51.52
N LEU B 687 43.39 -34.19 50.70
CA LEU B 687 44.57 -34.99 50.43
C LEU B 687 45.43 -34.41 49.32
N TYR B 688 44.83 -33.70 48.36
CA TYR B 688 45.58 -33.00 47.32
C TYR B 688 45.00 -31.58 47.21
N ASN B 689 45.50 -30.69 48.04
CA ASN B 689 45.18 -29.30 47.93
C ASN B 689 46.31 -28.61 47.15
N LEU B 690 46.20 -27.29 46.98
CA LEU B 690 47.31 -26.42 46.60
C LEU B 690 47.82 -26.71 45.17
N ASP B 691 46.92 -26.53 44.21
CA ASP B 691 47.16 -26.71 42.77
C ASP B 691 48.30 -25.83 42.28
N GLU B 692 48.74 -26.11 41.07
CA GLU B 692 50.04 -25.64 40.61
C GLU B 692 50.02 -24.18 40.19
N ASP B 693 50.48 -23.30 41.06
CA ASP B 693 51.00 -22.04 40.57
C ASP B 693 52.34 -21.70 41.19
N GLU B 694 52.45 -21.90 42.50
CA GLU B 694 53.64 -21.75 43.34
C GLU B 694 54.31 -20.38 43.26
N THR B 695 53.73 -19.40 42.56
CA THR B 695 54.40 -18.11 42.33
C THR B 695 53.87 -17.11 43.36
N GLN B 696 54.12 -17.38 44.64
CA GLN B 696 53.65 -16.50 45.71
C GLN B 696 54.54 -16.69 46.93
N GLY B 697 54.37 -15.81 47.90
CA GLY B 697 55.16 -15.83 49.11
C GLY B 697 54.36 -16.09 50.37
N ALA B 698 53.06 -16.29 50.21
CA ALA B 698 52.16 -16.63 51.31
C ALA B 698 51.06 -17.52 50.80
N ILE B 699 50.51 -18.35 51.69
CA ILE B 699 49.36 -19.19 51.36
C ILE B 699 48.44 -19.19 52.56
N ALA B 700 47.36 -18.40 52.50
CA ALA B 700 46.44 -18.27 53.62
C ALA B 700 45.29 -19.27 53.51
N ILE B 701 44.41 -19.11 52.52
CA ILE B 701 43.50 -20.19 52.15
C ILE B 701 43.73 -20.49 50.67
N ASN B 702 44.10 -19.45 49.92
CA ASN B 702 44.39 -19.52 48.49
C ASN B 702 43.26 -20.19 47.71
N LEU B 703 42.08 -19.53 47.70
CA LEU B 703 40.94 -19.85 46.82
C LEU B 703 40.29 -21.19 47.15
N LEU B 704 40.77 -21.87 48.17
CA LEU B 704 40.26 -23.19 48.53
C LEU B 704 39.03 -23.12 49.42
N PRO B 705 39.09 -22.31 50.50
CA PRO B 705 38.12 -22.50 51.58
C PRO B 705 36.73 -21.96 51.27
N LEU B 706 36.63 -20.86 50.51
CA LEU B 706 35.32 -20.42 50.01
C LEU B 706 34.75 -21.45 49.06
N VAL B 707 35.61 -22.17 48.35
CA VAL B 707 35.23 -23.24 47.43
C VAL B 707 34.98 -24.56 48.14
N SER B 708 35.05 -24.58 49.47
CA SER B 708 34.92 -25.84 50.20
C SER B 708 33.48 -26.31 50.34
N GLN B 709 32.65 -25.55 51.05
CA GLN B 709 31.35 -26.03 51.55
C GLN B 709 30.36 -26.42 50.46
N LYS B 724 32.27 -25.35 46.15
CA LYS B 724 31.34 -25.36 47.28
C LYS B 724 29.89 -25.39 46.82
N ARG B 725 29.20 -24.27 47.04
CA ARG B 725 27.87 -24.05 46.50
C ARG B 725 27.74 -22.59 46.05
N VAL B 726 28.88 -21.96 45.74
CA VAL B 726 28.94 -20.52 45.51
C VAL B 726 28.61 -20.18 44.07
N VAL B 727 28.13 -18.96 43.87
CA VAL B 727 27.96 -18.37 42.56
C VAL B 727 29.11 -17.43 42.25
N SER B 728 30.26 -17.69 42.82
CA SER B 728 31.58 -17.12 42.61
C SER B 728 31.60 -15.60 42.69
N PRO B 729 30.81 -15.03 43.56
CA PRO B 729 31.14 -13.68 44.03
C PRO B 729 31.98 -13.82 45.29
N ILE B 730 32.16 -15.07 45.72
CA ILE B 730 32.80 -15.41 46.98
C ILE B 730 34.30 -15.49 46.73
N CYS B 731 34.95 -14.33 46.73
CA CYS B 731 36.40 -14.18 46.48
C CYS B 731 36.81 -14.73 45.12
N LEU B 732 35.84 -14.87 44.22
CA LEU B 732 35.96 -15.62 42.96
C LEU B 732 35.52 -14.78 41.77
N SER B 733 35.24 -15.48 40.66
CA SER B 733 35.17 -14.89 39.31
C SER B 733 34.44 -13.57 39.19
N PRO B 734 33.13 -13.48 39.46
CA PRO B 734 32.46 -12.18 39.34
C PRO B 734 33.01 -11.13 40.29
N CYS B 735 33.55 -11.54 41.45
CA CYS B 735 34.19 -10.58 42.35
C CYS B 735 35.61 -10.27 41.93
N PHE B 736 36.27 -11.23 41.26
CA PHE B 736 37.61 -10.98 40.74
C PHE B 736 37.57 -10.00 39.58
N ARG B 737 36.48 -10.01 38.82
CA ARG B 737 36.32 -9.06 37.72
C ARG B 737 36.16 -7.63 38.21
N LEU B 738 35.64 -7.44 39.43
CA LEU B 738 35.59 -6.10 40.00
C LEU B 738 36.88 -5.77 40.75
N LEU B 739 37.53 -6.77 41.35
CA LEU B 739 38.80 -6.54 42.00
C LEU B 739 39.86 -6.09 41.00
N ARG B 740 39.93 -6.78 39.86
CA ARG B 740 40.91 -6.48 38.82
C ARG B 740 40.63 -5.17 38.10
N LEU B 741 39.43 -4.60 38.26
CA LEU B 741 39.12 -3.35 37.60
C LEU B 741 39.13 -2.17 38.54
N TYR B 742 38.82 -2.37 39.82
CA TYR B 742 39.07 -1.32 40.80
C TYR B 742 40.56 -1.20 41.08
N THR B 743 41.29 -2.31 41.00
CA THR B 743 42.74 -2.23 41.09
C THR B 743 43.34 -1.57 39.86
N GLY B 744 42.61 -1.48 38.76
CA GLY B 744 43.11 -0.85 37.57
C GLY B 744 42.69 0.59 37.42
N GLU B 745 41.59 0.97 38.09
CA GLU B 745 41.20 2.37 38.08
C GLU B 745 41.74 3.10 39.31
N GLN B 746 41.44 2.60 40.51
CA GLN B 746 42.17 3.06 41.68
C GLN B 746 43.56 2.45 41.65
N ASN B 747 44.53 3.17 42.22
CA ASN B 747 45.96 2.98 41.96
C ASN B 747 46.19 2.98 40.44
N ASN B 748 45.89 4.14 39.85
CA ASN B 748 45.67 4.25 38.42
C ASN B 748 46.95 4.01 37.62
N GLY B 749 46.80 4.07 36.30
CA GLY B 749 47.89 3.78 35.40
C GLY B 749 47.81 2.38 34.86
N SER B 750 47.33 1.46 35.72
CA SER B 750 47.03 0.06 35.38
C SER B 750 48.27 -0.74 35.01
N LEU B 751 49.45 -0.13 35.10
CA LEU B 751 50.70 -0.78 34.73
C LEU B 751 51.38 -1.51 35.87
N GLU B 752 51.76 -0.81 36.94
CA GLU B 752 52.13 -1.44 38.19
C GLU B 752 50.92 -1.80 39.03
N GLU B 753 49.72 -1.54 38.52
CA GLU B 753 48.49 -1.84 39.24
C GLU B 753 48.08 -3.28 39.00
N ILE B 754 48.41 -3.82 37.83
CA ILE B 754 48.42 -5.27 37.69
C ILE B 754 49.50 -5.86 38.61
N ASP B 755 50.60 -5.14 38.79
CA ASP B 755 51.64 -5.60 39.71
C ASP B 755 51.23 -5.40 41.16
N ALA B 756 50.23 -4.56 41.42
CA ALA B 756 49.69 -4.44 42.76
C ALA B 756 49.02 -5.73 43.21
N LEU B 757 48.22 -6.33 42.34
CA LEU B 757 47.71 -7.68 42.57
C LEU B 757 48.56 -8.62 41.73
N LEU B 758 49.73 -8.97 42.27
CA LEU B 758 50.67 -9.79 41.50
C LEU B 758 50.28 -11.26 41.55
N GLY B 759 49.46 -11.64 42.52
CA GLY B 759 48.66 -12.83 42.45
C GLY B 759 47.22 -12.39 42.34
N CYS B 760 46.31 -13.17 42.92
CA CYS B 760 44.95 -12.65 43.05
C CYS B 760 44.90 -11.43 43.97
N PRO B 761 45.02 -11.58 45.33
CA PRO B 761 45.43 -10.50 46.24
C PRO B 761 46.91 -10.60 46.64
N LEU B 762 47.80 -10.54 45.65
CA LEU B 762 49.21 -10.89 45.77
C LEU B 762 49.37 -12.32 46.28
N TYR B 763 48.66 -13.26 45.66
CA TYR B 763 48.82 -14.70 45.86
C TYR B 763 48.09 -15.41 44.72
N LEU B 764 48.76 -16.44 44.17
CA LEU B 764 48.06 -17.24 43.17
C LEU B 764 47.59 -18.57 43.73
N THR B 765 48.54 -19.45 44.00
CA THR B 765 48.34 -20.82 44.47
C THR B 765 49.72 -21.38 44.82
N ASP B 766 49.81 -22.70 44.93
CA ASP B 766 50.99 -23.42 45.39
C ASP B 766 51.44 -24.42 44.31
N LEU B 767 52.12 -25.50 44.74
CA LEU B 767 52.86 -26.39 43.86
C LEU B 767 52.43 -27.86 43.94
N GLU B 768 51.14 -28.15 43.79
CA GLU B 768 50.65 -29.52 43.68
C GLU B 768 49.62 -29.56 42.55
N VAL B 769 48.80 -30.62 42.49
CA VAL B 769 47.87 -30.79 41.38
C VAL B 769 46.48 -30.18 41.61
N GLU B 770 45.74 -30.70 42.59
CA GLU B 770 44.39 -30.23 42.89
C GLU B 770 44.45 -29.21 44.01
N GLY B 771 43.33 -28.88 44.67
CA GLY B 771 43.28 -27.64 45.43
C GLY B 771 42.00 -26.83 45.41
N LYS B 772 40.90 -27.53 45.20
CA LYS B 772 39.55 -27.01 45.36
C LYS B 772 38.65 -28.18 45.73
N LEU B 773 37.94 -28.08 46.85
CA LEU B 773 37.32 -29.25 47.48
C LEU B 773 35.80 -29.16 47.46
N ASP B 774 35.16 -29.98 46.62
CA ASP B 774 33.70 -30.04 46.63
C ASP B 774 33.18 -31.44 46.32
N SER B 775 33.96 -32.48 46.62
CA SER B 775 33.53 -33.86 46.37
C SER B 775 33.84 -34.70 47.59
N LEU B 776 33.76 -36.01 47.44
CA LEU B 776 33.94 -37.06 48.46
C LEU B 776 32.85 -37.03 49.54
N SER B 777 31.88 -36.13 49.46
CA SER B 777 30.68 -36.23 50.29
C SER B 777 29.46 -36.00 49.41
N LYS B 778 29.66 -35.37 48.25
CA LYS B 778 28.60 -35.22 47.26
C LYS B 778 28.51 -36.49 46.43
N GLN B 779 27.62 -37.40 46.83
CA GLN B 779 27.56 -38.76 46.29
C GLN B 779 27.18 -38.79 44.82
N GLU B 780 26.46 -37.79 44.34
CA GLU B 780 26.25 -37.63 42.90
C GLU B 780 27.60 -37.37 42.28
N ARG B 781 27.98 -38.19 41.30
CA ARG B 781 29.27 -38.05 40.66
C ARG B 781 29.40 -36.76 39.87
N GLU B 782 28.28 -36.19 39.44
CA GLU B 782 28.24 -34.98 38.63
C GLU B 782 28.37 -33.71 39.47
N PHE B 783 27.45 -33.47 40.40
CA PHE B 783 27.38 -32.21 41.10
C PHE B 783 28.52 -31.98 42.08
N LEU B 784 29.53 -32.83 42.09
CA LEU B 784 30.63 -32.72 43.03
C LEU B 784 31.83 -31.99 42.45
N CYS B 785 32.40 -32.51 41.37
CA CYS B 785 33.55 -31.88 40.73
C CYS B 785 33.20 -31.15 39.43
N SER B 786 32.11 -31.54 38.77
CA SER B 786 31.68 -30.82 37.58
C SER B 786 31.00 -29.50 37.90
N LEU B 787 30.82 -29.19 39.17
CA LEU B 787 30.49 -27.84 39.59
C LEU B 787 31.63 -27.19 40.33
N LEU B 788 32.66 -27.94 40.69
CA LEU B 788 33.85 -27.36 41.29
C LEU B 788 34.85 -26.97 40.21
N PHE B 789 35.03 -27.83 39.23
CA PHE B 789 35.98 -27.52 38.18
C PHE B 789 35.47 -26.44 37.23
N TYR B 790 34.15 -26.26 37.15
CA TYR B 790 33.61 -25.13 36.40
C TYR B 790 34.03 -23.82 37.04
N ALA B 791 33.93 -23.74 38.37
CA ALA B 791 34.45 -22.58 39.09
C ALA B 791 35.96 -22.48 38.96
N LEU B 792 36.65 -23.61 38.85
CA LEU B 792 38.10 -23.59 38.64
C LEU B 792 38.46 -22.96 37.30
N ASN B 793 37.80 -23.39 36.23
CA ASN B 793 38.12 -22.87 34.92
C ASN B 793 37.71 -21.42 34.78
N TRP B 794 36.57 -21.05 35.37
CA TRP B 794 36.16 -19.65 35.39
C TRP B 794 37.17 -18.81 36.17
N PHE B 795 37.76 -19.39 37.21
CA PHE B 795 38.78 -18.68 37.97
C PHE B 795 40.04 -18.47 37.16
N ARG B 796 40.55 -19.54 36.57
CA ARG B 796 41.80 -19.43 35.84
C ARG B 796 41.67 -18.56 34.61
N GLU B 797 40.51 -18.56 33.95
CA GLU B 797 40.40 -17.76 32.75
C GLU B 797 39.92 -16.35 33.05
N VAL B 798 39.41 -16.11 34.25
CA VAL B 798 39.34 -14.72 34.72
C VAL B 798 40.75 -14.22 34.98
N VAL B 799 41.64 -15.10 35.45
CA VAL B 799 43.03 -14.70 35.65
C VAL B 799 43.74 -14.52 34.31
N ASN B 800 43.31 -15.26 33.29
CA ASN B 800 43.89 -15.12 31.95
C ASN B 800 43.38 -13.88 31.23
N ALA B 801 42.09 -13.59 31.34
CA ALA B 801 41.49 -12.37 30.82
C ALA B 801 41.79 -11.16 31.68
N PHE B 802 42.43 -11.34 32.83
CA PHE B 802 42.64 -10.22 33.73
C PHE B 802 44.05 -9.67 33.62
N CYS B 803 45.05 -10.53 33.77
CA CYS B 803 46.45 -10.11 33.75
C CYS B 803 47.02 -10.34 32.35
N GLN B 804 46.78 -9.38 31.47
CA GLN B 804 47.34 -9.44 30.11
C GLN B 804 48.09 -8.17 29.77
N GLN B 805 49.00 -7.72 30.64
CA GLN B 805 49.85 -6.56 30.40
C GLN B 805 51.26 -7.05 30.07
N GLN B 806 52.13 -6.12 29.69
CA GLN B 806 53.46 -6.43 29.21
C GLN B 806 54.43 -6.55 30.38
N ASP B 807 54.07 -7.35 31.37
CA ASP B 807 54.96 -7.73 32.46
C ASP B 807 55.59 -9.06 32.08
N ALA B 808 56.86 -9.02 31.65
CA ALA B 808 57.47 -10.18 31.02
C ALA B 808 57.70 -11.34 31.99
N GLU B 809 57.54 -11.11 33.28
CA GLU B 809 57.45 -12.20 34.23
C GLU B 809 56.02 -12.70 34.40
N MET B 810 55.04 -11.80 34.30
CA MET B 810 53.65 -12.20 34.39
C MET B 810 53.10 -12.62 33.03
N LYS B 811 53.76 -12.21 31.94
CA LYS B 811 53.31 -12.62 30.61
C LYS B 811 53.51 -14.11 30.41
N GLY B 812 54.65 -14.63 30.86
CA GLY B 812 54.88 -16.07 30.79
C GLY B 812 53.94 -16.84 31.70
N LYS B 813 53.75 -16.35 32.92
CA LYS B 813 52.83 -17.01 33.84
C LYS B 813 51.40 -16.99 33.33
N VAL B 814 50.97 -15.90 32.68
CA VAL B 814 49.67 -15.85 32.02
C VAL B 814 49.60 -16.82 30.85
N LEU B 815 50.66 -16.98 30.07
CA LEU B 815 50.71 -18.08 29.11
C LEU B 815 50.77 -19.42 29.84
N THR B 816 51.46 -19.48 30.98
CA THR B 816 51.40 -20.68 31.80
C THR B 816 50.03 -20.85 32.42
N ARG B 817 49.33 -19.75 32.67
CA ARG B 817 47.97 -19.83 33.18
C ARG B 817 47.03 -20.39 32.12
N LEU B 818 47.19 -19.96 30.88
CA LEU B 818 46.39 -20.50 29.77
C LEU B 818 46.71 -21.96 29.53
N GLN B 819 47.98 -22.33 29.67
CA GLN B 819 48.35 -23.73 29.58
C GLN B 819 47.73 -24.58 30.67
N ASN B 820 47.79 -24.12 31.92
CA ASN B 820 47.18 -24.86 33.01
C ASN B 820 45.66 -24.85 32.91
N ILE B 821 45.10 -23.80 32.29
CA ILE B 821 43.66 -23.74 32.04
C ILE B 821 43.27 -24.75 30.99
N THR B 822 44.15 -24.99 30.00
CA THR B 822 43.87 -26.02 29.01
C THR B 822 43.86 -27.40 29.64
N GLU B 823 44.84 -27.70 30.50
CA GLU B 823 44.89 -29.01 31.12
C GLU B 823 43.76 -29.18 32.12
N LEU B 824 43.44 -28.11 32.87
CA LEU B 824 42.32 -28.15 33.79
C LEU B 824 41.02 -28.31 33.03
N GLN B 825 40.91 -27.69 31.85
CA GLN B 825 39.73 -27.83 31.03
C GLN B 825 39.61 -29.24 30.48
N ASN B 826 40.75 -29.86 30.16
CA ASN B 826 40.72 -31.23 29.66
C ASN B 826 40.28 -32.19 30.75
N VAL B 827 40.87 -32.07 31.94
CA VAL B 827 40.46 -32.92 33.07
C VAL B 827 39.01 -32.64 33.44
N LEU B 828 38.58 -31.38 33.31
CA LEU B 828 37.22 -31.01 33.68
C LEU B 828 36.21 -31.52 32.65
N GLY B 829 36.57 -31.48 31.37
CA GLY B 829 35.70 -32.04 30.37
C GLY B 829 35.63 -33.54 30.47
N LYS B 830 36.74 -34.18 30.86
CA LYS B 830 36.72 -35.61 31.10
C LYS B 830 35.80 -35.96 32.27
N CYS B 831 35.87 -35.15 33.33
CA CYS B 831 35.00 -35.40 34.47
C CYS B 831 33.54 -35.11 34.13
N LEU B 832 33.30 -34.11 33.28
CA LEU B 832 31.93 -33.76 32.92
C LEU B 832 31.33 -34.82 32.00
N ALA B 833 32.15 -35.39 31.12
CA ALA B 833 31.69 -36.47 30.27
C ALA B 833 31.44 -37.72 31.09
N ALA B 834 32.37 -38.07 31.98
CA ALA B 834 32.17 -39.20 32.88
C ALA B 834 31.05 -38.95 33.88
N THR B 835 30.68 -37.69 34.09
CA THR B 835 29.49 -37.40 34.86
C THR B 835 28.24 -37.79 34.07
N PRO B 836 27.33 -38.52 34.69
CA PRO B 836 26.02 -38.73 34.07
C PRO B 836 25.23 -37.43 34.08
N GLY B 837 24.83 -36.95 32.91
CA GLY B 837 24.36 -35.60 32.83
C GLY B 837 25.53 -34.66 33.07
N TYR B 838 25.21 -33.49 33.61
CA TYR B 838 26.27 -32.55 34.00
C TYR B 838 25.78 -31.65 35.11
N VAL B 839 26.72 -31.01 35.82
CA VAL B 839 26.34 -29.95 36.75
C VAL B 839 25.93 -28.79 35.85
N PRO B 840 24.64 -28.59 35.63
CA PRO B 840 24.21 -27.57 34.70
C PRO B 840 24.31 -26.19 35.33
N PRO B 841 24.20 -26.12 36.65
CA PRO B 841 23.93 -24.86 37.33
C PRO B 841 25.06 -23.86 37.16
N PRO B 842 26.26 -24.17 37.61
CA PRO B 842 27.37 -23.29 37.27
C PRO B 842 28.09 -23.71 36.01
N ALA B 843 27.36 -24.17 34.99
CA ALA B 843 27.93 -24.34 33.66
C ALA B 843 27.04 -23.72 32.59
N THR B 844 25.74 -23.94 32.71
CA THR B 844 24.75 -23.49 31.75
C THR B 844 23.70 -22.58 32.36
N PHE B 845 23.83 -22.24 33.66
CA PHE B 845 22.92 -21.31 34.31
C PHE B 845 23.59 -20.24 35.16
N ASP B 846 24.82 -20.44 35.64
CA ASP B 846 25.50 -19.43 36.43
C ASP B 846 26.67 -18.87 35.64
N SER B 847 27.43 -17.99 36.29
CA SER B 847 28.67 -17.35 35.85
C SER B 847 28.46 -16.38 34.70
N GLU B 848 27.29 -16.34 34.08
CA GLU B 848 26.93 -15.31 33.12
C GLU B 848 25.65 -14.58 33.47
N ALA B 849 24.58 -15.29 33.78
CA ALA B 849 23.33 -14.70 34.25
C ALA B 849 23.59 -14.00 35.57
N PRO B 850 24.45 -14.56 36.42
CA PRO B 850 25.05 -13.98 37.61
C PRO B 850 26.04 -12.89 37.24
N ALA B 915 32.00 -28.70 25.21
CA ALA B 915 32.00 -27.23 25.34
C ALA B 915 30.61 -26.74 25.66
N GLN B 916 30.39 -26.53 26.93
CA GLN B 916 29.10 -25.97 27.47
C GLN B 916 29.00 -24.50 27.19
N LEU B 917 30.16 -23.84 27.21
CA LEU B 917 30.35 -22.56 26.54
C LEU B 917 29.37 -21.44 26.81
N GLN B 918 28.20 -21.76 27.33
CA GLN B 918 27.15 -20.73 27.47
C GLN B 918 27.27 -20.01 28.80
N SER B 919 27.42 -20.79 29.86
CA SER B 919 27.44 -20.11 31.17
C SER B 919 28.80 -20.25 31.84
N TYR B 920 29.65 -21.14 31.37
CA TYR B 920 31.02 -21.09 31.94
C TYR B 920 31.67 -19.95 31.17
N ARG B 921 31.13 -18.76 31.41
CA ARG B 921 31.43 -17.74 30.43
C ARG B 921 32.81 -17.14 30.63
N PRO B 922 33.20 -16.91 31.78
CA PRO B 922 34.51 -16.27 31.99
C PRO B 922 35.65 -17.27 31.84
N TYR B 923 35.30 -18.54 31.67
CA TYR B 923 36.24 -19.65 31.53
C TYR B 923 36.70 -19.87 30.10
N PHE B 924 36.52 -18.91 29.22
CA PHE B 924 36.85 -19.11 27.82
C PHE B 924 37.42 -17.83 27.22
N ARG B 925 38.29 -17.15 27.95
CA ARG B 925 38.68 -15.76 27.67
C ARG B 925 37.43 -14.90 27.52
N GLU B 926 36.66 -14.85 28.61
CA GLU B 926 35.35 -14.22 28.75
C GLU B 926 34.33 -14.73 27.74
N LEU B 927 34.66 -15.86 27.09
CA LEU B 927 34.01 -16.47 25.93
C LEU B 927 34.16 -15.61 24.67
N ASP B 928 34.72 -14.39 24.82
CA ASP B 928 35.03 -13.59 23.63
C ASP B 928 36.18 -12.60 23.81
N LEU B 929 36.88 -12.51 24.95
CA LEU B 929 37.58 -11.29 25.37
C LEU B 929 38.68 -10.89 24.40
N GLU B 930 38.44 -9.81 23.67
CA GLU B 930 39.25 -9.46 22.51
C GLU B 930 40.68 -9.11 22.92
N VAL B 931 40.87 -8.67 24.16
CA VAL B 931 42.21 -8.36 24.62
C VAL B 931 42.99 -9.59 25.04
N PHE B 932 42.31 -10.68 25.38
CA PHE B 932 43.01 -11.92 25.73
C PHE B 932 43.70 -12.53 24.52
N SER B 933 42.99 -12.58 23.40
CA SER B 933 43.59 -13.04 22.15
C SER B 933 44.67 -12.08 21.67
N VAL B 934 44.58 -10.81 22.05
CA VAL B 934 45.63 -9.86 21.70
C VAL B 934 46.95 -10.27 22.32
N LEU B 935 46.94 -10.59 23.61
CA LEU B 935 48.15 -11.06 24.24
C LEU B 935 48.53 -12.44 23.73
N HIS B 936 47.68 -13.43 23.99
CA HIS B 936 48.10 -14.82 23.84
C HIS B 936 48.35 -15.20 22.38
N CYS B 937 47.61 -14.59 21.45
CA CYS B 937 47.91 -14.80 20.03
C CYS B 937 49.04 -13.90 19.56
N GLY B 938 49.19 -12.72 20.14
CA GLY B 938 50.34 -11.91 19.85
C GLY B 938 51.59 -12.35 20.59
N LEU B 939 51.49 -13.38 21.42
CA LEU B 939 52.60 -13.83 22.27
C LEU B 939 53.65 -14.58 21.47
N LEU B 940 53.23 -15.56 20.68
CA LEU B 940 54.19 -16.30 19.88
C LEU B 940 54.56 -15.58 18.58
N THR B 941 54.24 -14.30 18.46
CA THR B 941 54.55 -13.53 17.27
C THR B 941 56.05 -13.30 17.13
N LEU B 959 52.35 -20.38 21.46
CA LEU B 959 53.15 -21.30 22.26
C LEU B 959 52.28 -22.38 22.88
N GLY B 960 51.80 -23.30 22.05
CA GLY B 960 50.99 -24.38 22.51
C GLY B 960 49.93 -24.72 21.48
N PRO B 961 49.80 -26.00 21.16
CA PRO B 961 48.80 -26.37 20.15
C PRO B 961 47.39 -26.29 20.68
N ALA B 962 47.11 -26.88 21.84
CA ALA B 962 45.74 -26.88 22.34
C ALA B 962 45.38 -25.54 22.98
N GLU B 963 46.36 -24.71 23.28
CA GLU B 963 46.09 -23.34 23.67
C GLU B 963 45.72 -22.49 22.48
N LEU B 964 46.44 -22.67 21.37
CA LEU B 964 46.03 -22.02 20.13
C LEU B 964 44.65 -22.50 19.69
N CYS B 965 44.33 -23.76 19.96
CA CYS B 965 42.99 -24.27 19.66
C CYS B 965 41.92 -23.51 20.41
N PHE B 966 42.06 -23.39 21.74
CA PHE B 966 41.02 -22.75 22.55
C PHE B 966 40.92 -21.27 22.26
N LEU B 967 42.06 -20.59 22.19
CA LEU B 967 42.04 -19.17 21.89
C LEU B 967 41.48 -18.89 20.50
N LEU B 968 41.77 -19.75 19.52
CA LEU B 968 41.22 -19.53 18.19
C LEU B 968 39.73 -19.87 18.15
N ASP B 969 39.29 -20.86 18.95
CA ASP B 969 37.87 -21.16 19.01
C ASP B 969 37.09 -20.01 19.63
N ASP B 970 37.68 -19.35 20.63
CA ASP B 970 37.06 -18.15 21.18
C ASP B 970 37.03 -17.05 20.15
N MET B 971 38.11 -16.87 19.39
CA MET B 971 38.14 -15.86 18.33
C MET B 971 37.05 -16.12 17.32
N CYS B 972 36.85 -17.37 16.93
CA CYS B 972 35.86 -17.66 15.91
C CYS B 972 34.45 -17.56 16.45
N TRP B 973 34.18 -18.10 17.64
CA TRP B 973 32.82 -18.10 18.19
C TRP B 973 32.44 -16.72 18.73
N LYS B 974 33.39 -15.79 18.75
CA LYS B 974 33.04 -14.40 19.01
C LYS B 974 32.87 -13.62 17.72
N LEU B 975 33.72 -13.90 16.73
CA LEU B 975 33.62 -13.22 15.46
C LEU B 975 32.35 -13.61 14.71
N GLU B 976 31.76 -14.75 15.06
CA GLU B 976 30.45 -15.11 14.51
C GLU B 976 29.41 -14.07 14.87
N HIS B 977 29.10 -13.92 16.16
CA HIS B 977 28.04 -13.02 16.62
C HIS B 977 28.41 -11.56 16.46
N VAL B 978 29.62 -11.18 16.81
CA VAL B 978 30.00 -9.77 16.77
C VAL B 978 30.10 -9.21 15.35
N LEU B 979 30.80 -9.89 14.43
CA LEU B 979 31.27 -9.26 13.20
C LEU B 979 30.44 -9.57 11.97
N THR B 980 29.59 -10.59 12.01
CA THR B 980 28.72 -10.87 10.87
C THR B 980 27.71 -9.77 10.64
N PHE B 1000 27.41 -13.58 25.66
CA PHE B 1000 28.34 -12.74 24.90
C PHE B 1000 28.11 -11.28 25.23
N SER B 1001 27.93 -10.99 26.52
CA SER B 1001 27.52 -9.65 26.92
C SER B 1001 28.71 -8.73 27.13
N HIS B 1002 29.93 -9.22 26.89
CA HIS B 1002 31.09 -8.38 27.10
C HIS B 1002 31.86 -8.11 25.81
N LEU B 1003 31.55 -8.82 24.72
CA LEU B 1003 32.02 -8.45 23.39
C LEU B 1003 31.05 -7.49 22.72
N CYS B 1004 29.75 -7.78 22.80
CA CYS B 1004 28.68 -6.93 22.30
C CYS B 1004 28.55 -5.64 23.09
N GLN B 1005 29.43 -5.37 24.04
CA GLN B 1005 29.63 -4.05 24.60
C GLN B 1005 30.63 -3.23 23.81
N ARG B 1006 30.91 -3.62 22.57
CA ARG B 1006 31.66 -2.82 21.62
C ARG B 1006 31.01 -2.96 20.25
N SER B 1007 30.98 -1.88 19.49
CA SER B 1007 30.31 -1.89 18.19
C SER B 1007 31.06 -2.82 17.24
N PRO B 1008 30.38 -3.41 16.26
CA PRO B 1008 31.05 -4.42 15.41
C PRO B 1008 32.19 -3.87 14.61
N LYS B 1009 32.16 -2.59 14.27
CA LYS B 1009 33.32 -1.95 13.66
C LYS B 1009 34.47 -1.86 14.65
N GLU B 1010 34.19 -1.65 15.93
CA GLU B 1010 35.25 -1.59 16.92
C GLU B 1010 35.82 -2.98 17.19
N VAL B 1011 34.98 -4.01 17.18
CA VAL B 1011 35.47 -5.37 17.28
C VAL B 1011 36.30 -5.73 16.06
N ALA B 1012 35.93 -5.21 14.89
CA ALA B 1012 36.74 -5.44 13.69
C ALA B 1012 38.08 -4.73 13.78
N VAL B 1013 38.06 -3.45 14.17
CA VAL B 1013 39.27 -2.66 14.29
C VAL B 1013 40.22 -3.26 15.32
N CYS B 1014 39.67 -3.95 16.31
CA CYS B 1014 40.55 -4.61 17.25
C CYS B 1014 40.85 -6.06 16.87
N VAL B 1015 40.18 -6.64 15.87
CA VAL B 1015 40.35 -8.05 15.54
C VAL B 1015 41.07 -8.25 14.21
N VAL B 1016 40.49 -7.76 13.12
CA VAL B 1016 41.12 -7.93 11.81
C VAL B 1016 42.24 -6.94 11.63
N LYS B 1017 42.11 -5.73 12.15
CA LYS B 1017 43.17 -4.76 12.02
C LYS B 1017 44.31 -5.02 12.98
N LEU B 1018 44.07 -4.86 14.28
CA LEU B 1018 45.15 -4.91 15.25
C LEU B 1018 45.51 -6.32 15.67
N LEU B 1019 45.02 -7.35 14.98
CA LEU B 1019 45.48 -8.70 15.26
C LEU B 1019 45.63 -9.48 13.97
N LYS B 1020 45.90 -8.78 12.86
CA LYS B 1020 46.18 -9.46 11.60
C LYS B 1020 47.54 -10.14 11.58
N PRO B 1021 48.62 -9.49 11.99
CA PRO B 1021 49.94 -10.13 11.85
C PRO B 1021 50.17 -11.24 12.86
N LEU B 1022 49.58 -11.12 14.04
CA LEU B 1022 49.73 -12.17 15.05
C LEU B 1022 49.07 -13.47 14.61
N CYS B 1023 47.98 -13.37 13.85
CA CYS B 1023 47.35 -14.54 13.27
C CYS B 1023 48.05 -15.01 12.02
N ASN B 1024 48.51 -14.08 11.18
CA ASN B 1024 49.17 -14.48 9.94
C ASN B 1024 50.50 -15.18 10.20
N HIS B 1025 51.18 -14.82 11.29
CA HIS B 1025 52.45 -15.48 11.61
C HIS B 1025 52.23 -16.93 12.04
N MET B 1026 51.19 -17.18 12.83
CA MET B 1026 50.88 -18.56 13.18
C MET B 1026 50.31 -19.31 11.99
N GLU B 1027 49.71 -18.60 11.03
CA GLU B 1027 49.27 -19.26 9.82
C GLU B 1027 50.46 -19.65 8.94
N ASN B 1028 51.49 -18.82 8.92
CA ASN B 1028 52.70 -19.17 8.20
C ASN B 1028 53.43 -20.32 8.88
N MET B 1029 53.43 -20.35 10.22
CA MET B 1029 54.00 -21.48 10.93
C MET B 1029 53.21 -22.76 10.69
N HIS B 1030 51.89 -22.68 10.59
CA HIS B 1030 51.11 -23.86 10.23
C HIS B 1030 51.33 -24.27 8.78
N ASN B 1031 51.56 -23.30 7.90
CA ASN B 1031 51.92 -23.62 6.52
C ASN B 1031 53.24 -24.36 6.45
N TYR B 1032 54.18 -24.00 7.32
CA TYR B 1032 55.40 -24.76 7.47
C TYR B 1032 55.15 -26.16 8.02
N PHE B 1033 54.30 -26.29 9.03
CA PHE B 1033 54.01 -27.59 9.64
C PHE B 1033 53.19 -28.49 8.72
N GLN B 1034 52.62 -27.93 7.65
CA GLN B 1034 51.94 -28.73 6.65
C GLN B 1034 52.86 -29.16 5.51
N THR B 1035 53.90 -28.38 5.19
CA THR B 1035 54.98 -28.82 4.32
C THR B 1035 55.99 -29.69 5.04
N VAL B 1036 55.66 -30.11 6.26
CA VAL B 1036 56.37 -31.08 7.08
C VAL B 1036 55.34 -32.17 7.30
N ILE B 1037 55.58 -33.06 8.25
CA ILE B 1037 54.55 -34.07 8.53
C ILE B 1037 53.99 -33.85 9.93
N PRO B 1038 53.58 -32.62 10.28
CA PRO B 1038 52.78 -32.39 11.50
C PRO B 1038 51.27 -32.43 11.29
N ASN B 1039 50.79 -32.25 10.07
CA ASN B 1039 49.36 -32.26 9.76
C ASN B 1039 49.00 -33.51 8.97
N GLN B 1040 50.02 -34.15 8.37
CA GLN B 1040 49.85 -35.32 7.51
C GLN B 1040 50.66 -36.52 7.99
N GLY B 1041 51.43 -36.36 9.07
CA GLY B 1041 52.30 -37.44 9.53
C GLY B 1041 51.53 -38.58 10.19
N VAL B 1042 50.47 -38.26 10.92
CA VAL B 1042 49.71 -39.29 11.60
C VAL B 1042 48.78 -40.01 10.65
N VAL B 1043 48.68 -39.53 9.40
CA VAL B 1043 48.04 -40.34 8.37
C VAL B 1043 49.08 -41.20 7.67
N ASP B 1044 50.25 -40.64 7.36
CA ASP B 1044 51.28 -41.37 6.59
C ASP B 1044 52.45 -41.87 7.44
N GLU B 1045 53.19 -40.96 8.08
CA GLU B 1045 54.54 -41.34 8.51
C GLU B 1045 54.85 -41.10 9.98
N SER B 1046 54.44 -39.94 10.53
CA SER B 1046 54.86 -39.54 11.87
C SER B 1046 53.84 -40.03 12.90
N GLY B 1047 53.73 -41.35 12.99
CA GLY B 1047 52.85 -41.99 13.95
C GLY B 1047 53.41 -42.04 15.35
N LEU B 1048 53.75 -40.87 15.90
CA LEU B 1048 54.18 -40.74 17.28
C LEU B 1048 53.30 -39.79 18.06
N ASN B 1049 52.80 -38.73 17.43
CA ASN B 1049 51.83 -37.80 18.03
C ASN B 1049 50.63 -37.77 17.10
N ILE B 1050 49.72 -38.72 17.31
CA ILE B 1050 48.51 -38.83 16.50
C ILE B 1050 47.54 -37.75 16.92
N GLN B 1051 47.42 -37.54 18.22
CA GLN B 1051 46.53 -36.51 18.75
C GLN B 1051 47.19 -35.15 18.80
N GLU B 1052 48.23 -34.92 18.03
CA GLU B 1052 48.74 -33.57 17.81
C GLU B 1052 48.38 -33.04 16.44
N TYR B 1053 48.30 -33.93 15.45
CA TYR B 1053 47.89 -33.53 14.11
C TYR B 1053 46.46 -33.02 14.11
N GLN B 1054 45.57 -33.63 14.90
CA GLN B 1054 44.18 -33.18 14.93
C GLN B 1054 44.09 -31.76 15.46
N LEU B 1055 44.84 -31.47 16.52
CA LEU B 1055 44.80 -30.13 17.09
C LEU B 1055 45.49 -29.12 16.17
N MET B 1056 46.56 -29.55 15.49
CA MET B 1056 47.23 -28.64 14.57
C MET B 1056 46.42 -28.45 13.30
N SER B 1057 45.47 -29.33 13.06
CA SER B 1057 44.53 -29.13 11.95
C SER B 1057 43.42 -28.19 12.34
N SER B 1058 42.83 -28.41 13.52
CA SER B 1058 41.73 -27.57 13.99
C SER B 1058 42.20 -26.14 14.20
N CYS B 1059 43.47 -25.97 14.57
CA CYS B 1059 44.03 -24.63 14.68
C CYS B 1059 44.02 -23.92 13.32
N TYR B 1060 44.49 -24.59 12.27
CA TYR B 1060 44.50 -23.96 10.95
C TYR B 1060 43.09 -23.71 10.46
N HIS B 1061 42.16 -24.63 10.77
CA HIS B 1061 40.77 -24.48 10.35
C HIS B 1061 40.14 -23.26 11.01
N GLN B 1062 40.37 -23.10 12.30
CA GLN B 1062 39.83 -21.94 13.00
C GLN B 1062 40.54 -20.67 12.55
N LEU B 1063 41.79 -20.78 12.12
CA LEU B 1063 42.49 -19.61 11.62
C LEU B 1063 41.91 -19.14 10.29
N LEU B 1064 41.56 -20.09 9.43
CA LEU B 1064 40.99 -19.69 8.15
C LEU B 1064 39.54 -19.23 8.31
N LEU B 1065 38.78 -19.80 9.26
CA LEU B 1065 37.45 -19.27 9.52
C LEU B 1065 37.51 -17.88 10.13
N ALA B 1066 38.57 -17.59 10.89
CA ALA B 1066 38.81 -16.22 11.32
C ALA B 1066 39.14 -15.33 10.13
N PHE B 1067 39.87 -15.87 9.15
CA PHE B 1067 40.22 -15.08 7.97
C PHE B 1067 38.99 -14.79 7.13
N ARG B 1068 38.06 -15.74 7.07
CA ARG B 1068 36.76 -15.46 6.46
C ARG B 1068 36.02 -14.40 7.23
N LEU B 1069 35.64 -14.71 8.48
CA LEU B 1069 34.61 -13.95 9.19
C LEU B 1069 35.05 -12.53 9.50
N LEU B 1070 36.35 -12.25 9.46
CA LEU B 1070 36.85 -10.90 9.56
C LEU B 1070 36.66 -10.11 8.27
N PHE B 1071 36.78 -10.77 7.13
CA PHE B 1071 36.62 -10.15 5.82
C PHE B 1071 35.27 -10.45 5.18
N ALA B 1072 34.75 -11.66 5.38
CA ALA B 1072 33.57 -12.15 4.68
C ALA B 1072 32.26 -11.53 5.14
N TRP B 1073 32.30 -10.41 5.87
CA TRP B 1073 31.08 -9.85 6.40
C TRP B 1073 31.05 -8.36 6.14
N SER B 1074 29.87 -7.79 6.32
CA SER B 1074 29.62 -6.36 6.25
C SER B 1074 30.38 -5.58 7.31
N GLY B 1075 30.95 -6.25 8.33
CA GLY B 1075 31.63 -5.57 9.42
C GLY B 1075 32.82 -4.73 9.00
N PHE B 1076 33.28 -4.91 7.75
CA PHE B 1076 34.30 -4.06 7.12
C PHE B 1076 33.90 -3.52 5.75
N SER B 1077 33.19 -4.28 4.92
CA SER B 1077 33.06 -4.00 3.49
C SER B 1077 31.82 -3.17 3.14
N GLN B 1078 31.65 -2.03 3.77
CA GLN B 1078 30.64 -1.05 3.40
C GLN B 1078 31.35 0.23 2.96
N HIS B 1079 30.60 1.33 2.81
CA HIS B 1079 31.14 2.55 2.20
C HIS B 1079 32.24 3.21 3.01
N GLU B 1080 32.30 2.97 4.32
CA GLU B 1080 33.44 3.45 5.12
C GLU B 1080 34.55 2.42 4.99
N ASN B 1081 35.29 2.49 3.89
CA ASN B 1081 36.21 1.43 3.50
C ASN B 1081 37.67 1.77 3.73
N SER B 1082 37.97 2.80 4.53
CA SER B 1082 39.36 3.05 4.91
C SER B 1082 39.89 1.92 5.77
N ASN B 1083 39.05 1.39 6.66
CA ASN B 1083 39.43 0.23 7.44
C ASN B 1083 39.61 -0.99 6.55
N LEU B 1084 38.91 -1.06 5.42
CA LEU B 1084 39.13 -2.15 4.48
C LEU B 1084 40.54 -2.08 3.91
N LEU B 1085 41.03 -0.88 3.63
CA LEU B 1085 42.41 -0.73 3.19
C LEU B 1085 43.39 -1.06 4.30
N ARG B 1086 43.10 -0.60 5.52
CA ARG B 1086 43.99 -0.87 6.65
C ARG B 1086 44.03 -2.36 6.97
N SER B 1087 42.96 -3.08 6.65
CA SER B 1087 42.94 -4.52 6.82
C SER B 1087 43.57 -5.25 5.65
N ALA B 1088 43.51 -4.68 4.46
CA ALA B 1088 43.97 -5.37 3.26
C ALA B 1088 45.46 -5.20 3.03
N LEU B 1089 46.01 -4.02 3.35
CA LEU B 1089 47.44 -3.78 3.13
C LEU B 1089 48.30 -4.70 3.97
N GLN B 1090 47.86 -5.02 5.18
CA GLN B 1090 48.57 -5.95 6.03
C GLN B 1090 48.52 -7.38 5.50
N VAL B 1091 47.64 -7.66 4.54
CA VAL B 1091 47.57 -9.00 3.97
C VAL B 1091 48.44 -9.05 2.73
N LEU B 1092 48.50 -7.95 1.98
CA LEU B 1092 49.38 -7.89 0.82
C LEU B 1092 50.83 -7.88 1.23
N ALA B 1093 51.19 -7.02 2.19
CA ALA B 1093 52.55 -6.96 2.68
C ALA B 1093 52.86 -7.97 3.76
N ASP B 1094 52.07 -9.04 3.90
CA ASP B 1094 52.31 -10.00 4.96
C ASP B 1094 53.56 -10.82 4.71
N ARG B 1095 53.66 -11.43 3.54
CA ARG B 1095 54.91 -12.02 3.09
C ARG B 1095 55.24 -11.67 1.65
N LEU B 1096 54.33 -11.00 0.94
CA LEU B 1096 54.50 -10.67 -0.46
C LEU B 1096 54.96 -9.25 -0.67
N LYS B 1097 56.26 -8.99 -0.56
CA LYS B 1097 56.90 -7.75 -0.99
C LYS B 1097 56.34 -6.52 -0.28
N PRO B 1098 56.72 -6.28 0.98
CA PRO B 1098 56.21 -5.11 1.69
C PRO B 1098 56.73 -3.77 1.18
N GLY B 1099 56.57 -3.51 -0.13
CA GLY B 1099 56.92 -2.24 -0.72
C GLY B 1099 55.74 -1.70 -1.49
N GLU B 1100 54.66 -2.48 -1.49
CA GLU B 1100 53.39 -2.09 -2.07
C GLU B 1100 52.44 -1.53 -1.02
N THR B 1101 52.94 -0.81 -0.03
CA THR B 1101 52.10 -0.31 1.05
C THR B 1101 51.11 0.72 0.52
N GLU B 1102 51.61 1.74 -0.17
CA GLU B 1102 50.71 2.76 -0.72
C GLU B 1102 50.14 2.36 -2.07
N PHE B 1103 50.09 1.07 -2.40
CA PHE B 1103 49.46 0.64 -3.64
C PHE B 1103 47.99 1.00 -3.64
N LEU B 1104 47.50 1.49 -4.78
CA LEU B 1104 46.16 2.04 -4.84
C LEU B 1104 45.13 0.93 -4.74
N PRO B 1105 43.83 1.28 -4.62
CA PRO B 1105 42.80 0.26 -4.41
C PRO B 1105 42.65 -0.68 -5.59
N LEU B 1106 42.02 -1.83 -5.35
CA LEU B 1106 41.83 -2.94 -6.29
C LEU B 1106 43.13 -3.57 -6.74
N GLU B 1107 44.28 -3.16 -6.19
CA GLU B 1107 45.53 -3.85 -6.37
C GLU B 1107 45.98 -4.58 -5.12
N GLU B 1108 45.59 -4.10 -3.94
CA GLU B 1108 45.89 -4.80 -2.70
C GLU B 1108 45.09 -6.09 -2.59
N LEU B 1109 43.83 -6.06 -3.04
CA LEU B 1109 43.04 -7.26 -3.14
C LEU B 1109 43.66 -8.25 -4.12
N ILE B 1110 44.02 -7.77 -5.31
CA ILE B 1110 44.66 -8.61 -6.32
C ILE B 1110 46.04 -9.09 -5.90
N SER B 1111 46.74 -8.34 -5.05
CA SER B 1111 48.02 -8.81 -4.54
C SER B 1111 47.83 -9.88 -3.48
N GLU B 1112 46.99 -9.62 -2.49
CA GLU B 1112 46.82 -10.56 -1.37
C GLU B 1112 46.20 -11.86 -1.84
N SER B 1113 45.34 -11.80 -2.85
CA SER B 1113 44.76 -13.03 -3.39
C SER B 1113 45.82 -13.94 -3.99
N PHE B 1114 46.90 -13.36 -4.55
CA PHE B 1114 47.97 -14.18 -5.10
C PHE B 1114 48.71 -14.95 -4.02
N GLN B 1115 48.98 -14.29 -2.89
CA GLN B 1115 49.67 -14.98 -1.81
C GLN B 1115 48.77 -16.01 -1.14
N TYR B 1116 47.49 -15.69 -0.98
CA TYR B 1116 46.57 -16.64 -0.37
C TYR B 1116 46.40 -17.87 -1.24
N LEU B 1117 46.20 -17.68 -2.55
CA LEU B 1117 46.10 -18.81 -3.45
C LEU B 1117 47.42 -19.55 -3.57
N LEU B 1118 48.55 -18.86 -3.35
CA LEU B 1118 49.83 -19.53 -3.27
C LEU B 1118 49.93 -20.40 -2.03
N ASN B 1119 49.30 -19.96 -0.94
CA ASN B 1119 49.26 -20.77 0.27
C ASN B 1119 48.38 -21.99 0.06
N PHE B 1120 47.33 -21.85 -0.75
CA PHE B 1120 46.24 -22.83 -0.79
C PHE B 1120 46.72 -24.20 -1.25
N GLN B 1121 47.82 -24.24 -2.01
CA GLN B 1121 48.30 -25.50 -2.56
C GLN B 1121 48.86 -26.43 -1.50
N ALA B 1122 49.11 -25.92 -0.30
CA ALA B 1122 49.53 -26.77 0.79
C ALA B 1122 48.45 -26.92 1.86
N SER B 1123 47.21 -26.56 1.55
CA SER B 1123 46.13 -26.70 2.51
C SER B 1123 45.75 -28.16 2.63
N ILE B 1124 46.46 -28.89 3.49
CA ILE B 1124 46.27 -30.33 3.57
C ILE B 1124 45.68 -30.63 4.93
N PRO B 1125 44.67 -29.90 5.34
CA PRO B 1125 44.09 -30.11 6.66
C PRO B 1125 42.95 -31.12 6.63
N SER B 1126 42.93 -31.96 5.59
CA SER B 1126 41.81 -32.82 5.21
C SER B 1126 40.63 -32.02 4.69
N PHE B 1127 40.91 -30.77 4.29
CA PHE B 1127 40.03 -29.94 3.47
C PHE B 1127 38.66 -29.62 4.05
N GLN B 1128 38.46 -29.87 5.35
CA GLN B 1128 37.34 -29.27 6.02
C GLN B 1128 37.55 -27.77 6.13
N CYS B 1129 38.81 -27.34 6.11
CA CYS B 1129 39.18 -25.94 6.03
C CYS B 1129 39.34 -25.45 4.60
N ALA B 1130 39.46 -26.35 3.62
CA ALA B 1130 39.58 -25.88 2.23
C ALA B 1130 38.23 -25.40 1.72
N PHE B 1131 37.14 -25.95 2.25
CA PHE B 1131 35.83 -25.36 2.03
C PHE B 1131 35.75 -23.96 2.64
N ILE B 1132 36.68 -23.64 3.54
CA ILE B 1132 36.85 -22.26 3.99
C ILE B 1132 38.03 -21.60 3.29
N LEU B 1133 38.98 -22.36 2.74
CA LEU B 1133 40.08 -21.74 1.98
C LEU B 1133 39.61 -21.27 0.61
N THR B 1134 38.43 -21.69 0.18
CA THR B 1134 37.79 -21.07 -0.97
C THR B 1134 36.83 -19.97 -0.54
N GLN B 1135 36.12 -20.20 0.58
CA GLN B 1135 35.14 -19.24 1.05
C GLN B 1135 35.79 -17.97 1.56
N VAL B 1136 37.08 -18.04 1.91
CA VAL B 1136 37.81 -16.85 2.32
C VAL B 1136 38.24 -16.05 1.10
N LEU B 1137 38.90 -16.70 0.15
CA LEU B 1137 39.44 -16.02 -1.02
C LEU B 1137 38.31 -15.44 -1.87
N MET B 1138 37.21 -16.17 -2.01
CA MET B 1138 36.04 -15.67 -2.73
C MET B 1138 35.48 -14.42 -2.05
N ALA B 1139 35.67 -14.33 -0.74
CA ALA B 1139 35.17 -13.19 0.01
C ALA B 1139 36.16 -12.04 0.04
N ILE B 1140 37.39 -12.23 -0.43
CA ILE B 1140 38.38 -11.17 -0.44
C ILE B 1140 38.16 -10.31 -1.68
N SER B 1141 38.14 -10.95 -2.85
CA SER B 1141 37.88 -10.26 -4.11
C SER B 1141 36.40 -9.90 -4.16
N GLU B 1142 36.05 -8.91 -4.97
CA GLU B 1142 34.67 -8.42 -5.00
C GLU B 1142 33.76 -9.37 -5.75
N LYS B 1143 34.02 -9.59 -7.04
CA LYS B 1143 33.22 -10.51 -7.84
C LYS B 1143 34.15 -11.41 -8.64
N PRO B 1144 33.62 -12.26 -9.52
CA PRO B 1144 34.49 -13.15 -10.30
C PRO B 1144 35.16 -12.49 -11.48
N MET B 1145 35.06 -11.17 -11.61
CA MET B 1145 35.51 -10.45 -12.80
C MET B 1145 37.01 -10.41 -12.95
N THR B 1146 37.77 -10.89 -11.98
CA THR B 1146 39.22 -10.85 -12.08
C THR B 1146 39.71 -11.90 -13.07
N GLY B 1147 40.79 -11.56 -13.78
CA GLY B 1147 41.46 -12.56 -14.60
C GLY B 1147 42.10 -13.66 -13.78
N TRP B 1148 42.63 -13.32 -12.62
CA TRP B 1148 43.17 -14.33 -11.71
C TRP B 1148 42.08 -15.17 -11.06
N LYS B 1149 40.84 -14.68 -11.04
CA LYS B 1149 39.72 -15.46 -10.51
C LYS B 1149 39.45 -16.68 -11.38
N ARG B 1150 39.81 -16.59 -12.66
CA ARG B 1150 39.82 -17.77 -13.50
C ARG B 1150 40.76 -18.83 -12.96
N GLU B 1151 41.94 -18.43 -12.45
CA GLU B 1151 42.84 -19.38 -11.83
C GLU B 1151 42.29 -19.85 -10.48
N LYS B 1152 41.49 -19.02 -9.82
CA LYS B 1152 40.82 -19.44 -8.60
C LYS B 1152 39.85 -20.58 -8.87
N MET B 1153 38.89 -20.34 -9.74
CA MET B 1153 37.97 -21.37 -10.19
C MET B 1153 38.68 -22.58 -10.78
N ALA B 1154 39.79 -22.39 -11.50
CA ALA B 1154 40.57 -23.51 -11.99
C ALA B 1154 41.27 -24.22 -10.86
N SER B 1155 41.55 -23.51 -9.77
CA SER B 1155 42.03 -24.20 -8.59
C SER B 1155 40.91 -24.82 -7.79
N LEU B 1156 39.68 -24.31 -7.92
CA LEU B 1156 38.55 -24.93 -7.25
C LEU B 1156 38.30 -26.32 -7.81
N ALA B 1157 38.53 -26.49 -9.11
CA ALA B 1157 38.45 -27.81 -9.70
C ALA B 1157 39.58 -28.70 -9.21
N LYS B 1158 40.75 -28.12 -8.96
CA LYS B 1158 41.84 -28.89 -8.39
C LYS B 1158 41.51 -29.32 -6.97
N GLN B 1159 40.76 -28.50 -6.26
CA GLN B 1159 40.33 -28.85 -4.91
C GLN B 1159 39.28 -29.95 -4.95
N PHE B 1160 38.28 -29.80 -5.83
CA PHE B 1160 37.27 -30.84 -5.97
C PHE B 1160 37.86 -32.14 -6.48
N LEU B 1161 38.96 -32.06 -7.24
CA LEU B 1161 39.70 -33.27 -7.57
C LEU B 1161 40.50 -33.75 -6.37
N CYS B 1162 40.88 -32.84 -5.48
CA CYS B 1162 41.76 -33.22 -4.39
C CYS B 1162 40.99 -33.43 -3.09
N GLN B 1163 40.27 -32.40 -2.61
CA GLN B 1163 39.78 -32.31 -1.22
C GLN B 1163 40.88 -32.70 -0.24
N SER B 1164 41.97 -31.93 -0.29
CA SER B 1164 43.25 -32.26 0.35
C SER B 1164 43.77 -33.62 -0.12
N TRP B 1165 43.74 -33.80 -1.45
CA TRP B 1165 44.28 -34.97 -2.14
C TRP B 1165 43.62 -36.27 -1.66
N MET B 1166 42.33 -36.39 -1.97
CA MET B 1166 41.48 -37.55 -1.67
C MET B 1166 41.24 -37.76 -0.19
N LYS B 1167 41.18 -36.66 0.61
CA LYS B 1167 40.54 -36.55 1.91
C LYS B 1167 40.83 -37.71 2.85
N PRO B 1168 42.03 -37.75 3.47
CA PRO B 1168 42.58 -38.99 4.06
C PRO B 1168 41.72 -39.79 5.04
N GLY B 1169 40.54 -39.28 5.41
CA GLY B 1169 39.62 -40.07 6.22
C GLY B 1169 38.56 -40.73 5.36
N GLY B 1170 38.20 -41.97 5.71
CA GLY B 1170 37.12 -42.65 5.04
C GLY B 1170 35.74 -42.31 5.55
N ASP B 1171 35.65 -41.71 6.74
CA ASP B 1171 34.38 -41.27 7.32
C ASP B 1171 34.33 -39.76 7.49
N ARG B 1172 35.42 -39.06 7.21
CA ARG B 1172 35.51 -37.61 7.34
C ARG B 1172 34.75 -36.87 6.23
N GLU B 1173 34.10 -37.62 5.33
CA GLU B 1173 33.27 -37.00 4.31
C GLU B 1173 31.80 -36.98 4.68
N LYS B 1174 31.43 -37.55 5.83
CA LYS B 1174 30.02 -37.86 6.11
C LYS B 1174 29.17 -36.60 6.25
N GLY B 1175 29.38 -35.83 7.30
CA GLY B 1175 28.42 -34.78 7.64
C GLY B 1175 28.94 -33.37 7.51
N SER B 1176 30.24 -33.18 7.75
CA SER B 1176 30.86 -31.90 7.45
C SER B 1176 30.87 -31.64 5.95
N HIS B 1177 31.45 -32.58 5.19
CA HIS B 1177 31.50 -32.48 3.75
C HIS B 1177 30.14 -32.52 3.08
N PHE B 1178 29.09 -32.95 3.80
CA PHE B 1178 27.75 -32.99 3.23
C PHE B 1178 27.23 -31.60 2.93
N ASN B 1179 27.84 -30.58 3.52
CA ASN B 1179 27.61 -29.21 3.10
C ASN B 1179 28.83 -28.59 2.44
N SER B 1180 30.03 -29.04 2.84
CA SER B 1180 31.25 -28.45 2.31
C SER B 1180 31.40 -28.73 0.82
N ALA B 1181 31.27 -30.00 0.41
CA ALA B 1181 31.37 -30.34 -1.00
C ALA B 1181 30.19 -29.78 -1.77
N LEU B 1182 29.02 -29.69 -1.14
CA LEU B 1182 27.84 -29.16 -1.83
C LEU B 1182 27.94 -27.66 -2.02
N HIS B 1183 28.78 -26.98 -1.25
CA HIS B 1183 29.04 -25.57 -1.49
C HIS B 1183 30.29 -25.32 -2.32
N THR B 1184 31.25 -26.24 -2.31
CA THR B 1184 32.43 -26.07 -3.15
C THR B 1184 32.13 -26.44 -4.59
N LEU B 1185 31.22 -27.39 -4.79
CA LEU B 1185 30.78 -27.72 -6.14
C LEU B 1185 30.07 -26.55 -6.77
N LEU B 1186 29.35 -25.77 -5.98
CA LEU B 1186 28.71 -24.58 -6.50
C LEU B 1186 29.73 -23.53 -6.91
N CYS B 1187 30.91 -23.57 -6.31
CA CYS B 1187 31.98 -22.67 -6.75
C CYS B 1187 32.64 -23.18 -8.02
N VAL B 1188 32.93 -24.48 -8.09
CA VAL B 1188 33.55 -25.06 -9.28
C VAL B 1188 32.62 -25.00 -10.48
N TYR B 1189 31.32 -25.04 -10.25
CA TYR B 1189 30.35 -25.01 -11.34
C TYR B 1189 29.78 -23.61 -11.50
N LEU B 1190 30.08 -22.71 -10.58
CA LEU B 1190 29.75 -21.32 -10.81
C LEU B 1190 30.73 -20.67 -11.76
N GLU B 1191 31.90 -21.26 -11.92
CA GLU B 1191 32.91 -20.80 -12.87
C GLU B 1191 33.87 -21.96 -13.08
N HIS B 1192 34.03 -22.41 -14.33
CA HIS B 1192 35.06 -23.39 -14.65
C HIS B 1192 35.49 -23.14 -16.09
N THR B 1193 36.54 -22.33 -16.26
CA THR B 1193 37.05 -21.92 -17.58
C THR B 1193 35.98 -21.33 -18.48
N ASP B 1194 34.97 -20.71 -17.87
CA ASP B 1194 33.85 -20.04 -18.56
C ASP B 1194 33.04 -20.98 -19.45
N ASN B 1195 33.11 -22.29 -19.23
CA ASN B 1195 32.31 -23.25 -19.98
C ASN B 1195 31.71 -24.28 -19.04
N ILE B 1196 30.57 -23.93 -18.45
CA ILE B 1196 29.90 -24.82 -17.51
C ILE B 1196 29.34 -26.04 -18.21
N LEU B 1197 28.98 -25.87 -19.50
CA LEU B 1197 28.38 -26.96 -20.25
C LEU B 1197 29.39 -28.07 -20.51
N LYS B 1198 30.60 -27.72 -20.94
CA LYS B 1198 31.65 -28.72 -21.01
C LYS B 1198 32.01 -29.22 -19.63
N ALA B 1199 31.90 -28.35 -18.61
CA ALA B 1199 32.23 -28.74 -17.26
C ALA B 1199 31.23 -29.73 -16.69
N ILE B 1200 29.95 -29.39 -16.72
CA ILE B 1200 28.91 -30.26 -16.17
C ILE B 1200 28.89 -31.59 -16.90
N GLU B 1201 29.17 -31.57 -18.19
CA GLU B 1201 29.29 -32.81 -18.95
C GLU B 1201 30.53 -33.59 -18.55
N GLU B 1202 31.60 -32.89 -18.16
CA GLU B 1202 32.79 -33.56 -17.67
C GLU B 1202 32.52 -34.22 -16.32
N ILE B 1203 31.68 -33.59 -15.50
CA ILE B 1203 31.30 -34.19 -14.23
C ILE B 1203 30.34 -35.35 -14.46
N SER B 1204 29.50 -35.27 -15.49
CA SER B 1204 28.60 -36.37 -15.81
C SER B 1204 29.38 -37.58 -16.29
N SER B 1205 30.24 -37.39 -17.28
CA SER B 1205 31.10 -38.49 -17.74
C SER B 1205 32.12 -38.88 -16.69
N VAL B 1206 32.31 -38.03 -15.68
CA VAL B 1206 33.06 -38.45 -14.49
C VAL B 1206 32.17 -39.33 -13.61
N GLY B 1207 30.88 -39.00 -13.50
CA GLY B 1207 29.96 -39.85 -12.79
C GLY B 1207 29.74 -41.20 -13.45
N VAL B 1208 30.06 -41.32 -14.73
CA VAL B 1208 30.09 -42.60 -15.42
C VAL B 1208 31.17 -43.44 -14.76
N PRO B 1209 32.37 -42.90 -14.58
CA PRO B 1209 33.39 -43.62 -13.81
C PRO B 1209 33.08 -43.77 -12.33
N GLU B 1210 32.12 -43.00 -11.81
CA GLU B 1210 31.75 -43.16 -10.41
C GLU B 1210 31.03 -44.49 -10.18
N LEU B 1211 30.50 -45.08 -11.25
CA LEU B 1211 29.91 -46.42 -11.13
C LEU B 1211 31.00 -47.48 -11.16
N ILE B 1212 31.82 -47.50 -12.20
CA ILE B 1212 32.86 -48.51 -12.35
C ILE B 1212 33.96 -48.24 -11.33
N ASN B 1213 34.09 -49.13 -10.34
CA ASN B 1213 35.11 -49.15 -9.30
C ASN B 1213 35.01 -47.98 -8.32
N SER B 1214 34.05 -47.08 -8.53
CA SER B 1214 33.51 -46.17 -7.53
C SER B 1214 34.41 -45.02 -7.08
N ALA B 1215 35.65 -44.94 -7.57
CA ALA B 1215 36.54 -43.85 -7.15
C ALA B 1215 37.68 -43.56 -8.12
N LYS B 1216 37.60 -42.44 -8.83
CA LYS B 1216 38.67 -41.86 -9.63
C LYS B 1216 38.20 -40.52 -10.20
N ASP B 1217 39.16 -39.68 -10.58
CA ASP B 1217 38.96 -38.46 -11.36
C ASP B 1217 37.99 -37.50 -10.67
N GLY B 1218 38.38 -37.11 -9.47
CA GLY B 1218 37.56 -36.24 -8.66
C GLY B 1218 37.14 -36.90 -7.36
N CYS B 1219 37.78 -36.49 -6.26
CA CYS B 1219 37.49 -37.10 -4.98
C CYS B 1219 36.36 -36.39 -4.26
N SER B 1220 35.84 -35.30 -4.82
CA SER B 1220 34.69 -34.64 -4.20
C SER B 1220 33.42 -35.46 -4.30
N SER B 1221 33.35 -36.43 -5.21
CA SER B 1221 32.20 -37.33 -5.26
C SER B 1221 32.65 -38.76 -5.53
N THR B 1222 33.78 -39.16 -4.96
CA THR B 1222 34.36 -40.46 -5.24
C THR B 1222 34.09 -41.49 -4.16
N TYR B 1223 33.16 -41.24 -3.24
CA TYR B 1223 32.76 -42.25 -2.29
C TYR B 1223 32.07 -43.38 -3.03
N PRO B 1224 32.15 -44.63 -2.54
CA PRO B 1224 31.46 -45.73 -3.22
C PRO B 1224 29.96 -45.53 -3.35
N THR B 1225 29.33 -44.86 -2.40
CA THR B 1225 27.96 -44.39 -2.57
C THR B 1225 27.96 -42.95 -3.06
N LEU B 1226 28.77 -42.72 -4.11
CA LEU B 1226 28.77 -41.51 -4.95
C LEU B 1226 28.80 -40.20 -4.16
N SER B 1227 29.35 -40.24 -2.94
CA SER B 1227 29.23 -39.16 -1.97
C SER B 1227 27.77 -38.71 -1.81
N ARG B 1228 26.87 -39.69 -1.78
CA ARG B 1228 25.41 -39.50 -1.70
C ARG B 1228 24.85 -38.68 -2.87
N GLN B 1229 25.64 -38.55 -3.95
CA GLN B 1229 25.28 -37.81 -5.15
C GLN B 1229 24.82 -36.38 -4.82
N THR B 1230 25.62 -35.72 -3.99
CA THR B 1230 25.45 -34.30 -3.73
C THR B 1230 26.09 -33.46 -4.83
N PHE B 1231 27.14 -33.99 -5.46
CA PHE B 1231 27.58 -33.45 -6.73
C PHE B 1231 26.49 -33.54 -7.78
N PRO B 1232 25.62 -34.55 -7.77
CA PRO B 1232 24.50 -34.53 -8.72
C PRO B 1232 23.48 -33.45 -8.42
N VAL B 1233 23.08 -33.31 -7.14
CA VAL B 1233 22.05 -32.34 -6.77
C VAL B 1233 22.52 -30.93 -7.07
N PHE B 1234 23.82 -30.69 -7.02
CA PHE B 1234 24.37 -29.42 -7.44
C PHE B 1234 24.51 -29.33 -8.96
N PHE B 1235 24.89 -30.42 -9.63
CA PHE B 1235 24.99 -30.41 -11.07
C PHE B 1235 23.63 -30.26 -11.75
N ARG B 1236 22.57 -30.76 -11.15
CA ARG B 1236 21.23 -30.60 -11.69
C ARG B 1236 20.65 -29.23 -11.44
N VAL B 1237 21.06 -28.58 -10.35
CA VAL B 1237 20.73 -27.17 -10.18
C VAL B 1237 21.56 -26.33 -11.13
N MET B 1238 22.71 -26.86 -11.56
CA MET B 1238 23.56 -26.11 -12.47
C MET B 1238 23.03 -26.15 -13.90
N MET B 1239 22.50 -27.29 -14.34
CA MET B 1239 22.00 -27.38 -15.71
C MET B 1239 20.76 -26.52 -15.92
N ALA B 1240 19.87 -26.51 -14.93
CA ALA B 1240 18.67 -25.68 -15.03
C ALA B 1240 19.01 -24.20 -14.94
N GLN B 1241 20.14 -23.86 -14.31
CA GLN B 1241 20.59 -22.48 -14.32
C GLN B 1241 21.26 -22.13 -15.64
N LEU B 1242 21.95 -23.09 -16.24
CA LEU B 1242 22.61 -22.85 -17.52
C LEU B 1242 21.58 -22.69 -18.64
N GLU B 1243 20.49 -23.45 -18.57
CA GLU B 1243 19.45 -23.35 -19.57
C GLU B 1243 18.70 -22.02 -19.46
N SER B 1244 18.37 -21.64 -18.23
CA SER B 1244 17.74 -20.33 -18.02
C SER B 1244 18.69 -19.19 -18.32
N SER B 1245 20.00 -19.44 -18.26
CA SER B 1245 20.97 -18.40 -18.61
C SER B 1245 21.01 -18.17 -20.11
N VAL B 1246 20.82 -19.21 -20.90
CA VAL B 1246 20.89 -19.09 -22.37
C VAL B 1246 19.51 -18.67 -22.82
N LYS B 1247 19.26 -17.38 -22.73
CA LYS B 1247 18.02 -16.75 -23.20
C LYS B 1247 18.30 -15.62 -24.18
N SER B 1248 19.35 -14.84 -23.96
CA SER B 1248 19.80 -13.87 -24.93
C SER B 1248 20.64 -14.50 -26.03
N ILE B 1249 21.03 -15.76 -25.86
CA ILE B 1249 21.76 -16.50 -26.89
C ILE B 1249 20.81 -16.75 -28.06
N PRO B 1250 19.57 -17.15 -27.81
CA PRO B 1250 18.55 -17.22 -28.87
C PRO B 1250 17.93 -15.86 -29.14
N ALA B 1251 18.62 -15.07 -29.95
CA ALA B 1251 18.23 -13.68 -30.23
C ALA B 1251 17.39 -13.65 -31.50
N GLY B 1252 16.10 -13.90 -31.34
CA GLY B 1252 15.19 -13.92 -32.48
C GLY B 1252 15.51 -15.06 -33.42
N LYS B 1253 15.29 -14.84 -34.71
CA LYS B 1253 15.68 -15.79 -35.76
C LYS B 1253 16.27 -15.01 -36.91
N PRO B 1254 17.17 -14.07 -36.62
CA PRO B 1254 17.73 -13.21 -37.67
C PRO B 1254 18.66 -13.92 -38.64
N SER B 1255 19.64 -14.65 -38.11
CA SER B 1255 20.69 -15.22 -38.94
C SER B 1255 21.31 -16.40 -38.21
N ASP B 1256 22.47 -16.86 -38.70
CA ASP B 1256 23.20 -17.94 -38.04
C ASP B 1256 23.68 -17.55 -36.64
N SER B 1257 23.83 -16.26 -36.37
CA SER B 1257 24.10 -15.79 -35.01
C SER B 1257 22.94 -16.14 -34.09
N GLY B 1258 21.71 -16.07 -34.61
CA GLY B 1258 20.56 -16.56 -33.88
C GLY B 1258 20.36 -18.05 -33.99
N GLU B 1259 21.21 -18.74 -34.76
CA GLU B 1259 21.05 -20.17 -34.99
C GLU B 1259 22.14 -21.01 -34.33
N VAL B 1260 23.17 -20.37 -33.77
CA VAL B 1260 24.19 -21.10 -33.02
C VAL B 1260 23.65 -21.43 -31.64
N GLN B 1261 22.61 -20.72 -31.22
CA GLN B 1261 21.95 -20.99 -29.96
C GLN B 1261 21.20 -22.32 -29.97
N LEU B 1262 20.75 -22.75 -31.14
CA LEU B 1262 20.16 -24.08 -31.26
C LEU B 1262 21.17 -25.17 -30.92
N GLU B 1263 22.42 -25.01 -31.34
CA GLU B 1263 23.44 -25.98 -30.98
C GLU B 1263 23.69 -25.99 -29.48
N LYS B 1264 23.56 -24.82 -28.84
CA LYS B 1264 23.80 -24.75 -27.40
C LYS B 1264 22.67 -25.40 -26.62
N LEU B 1265 21.43 -25.14 -27.04
CA LEU B 1265 20.30 -25.82 -26.41
C LEU B 1265 20.33 -27.32 -26.69
N LEU B 1266 20.89 -27.70 -27.85
CA LEU B 1266 21.05 -29.12 -28.16
C LEU B 1266 22.09 -29.77 -27.26
N LYS B 1267 23.22 -29.08 -27.01
CA LYS B 1267 24.22 -29.62 -26.11
C LYS B 1267 23.70 -29.67 -24.68
N TRP B 1268 22.90 -28.69 -24.28
CA TRP B 1268 22.27 -28.74 -22.96
C TRP B 1268 21.30 -29.91 -22.86
N ASN B 1269 20.59 -30.21 -23.94
CA ASN B 1269 19.74 -31.39 -23.95
C ASN B 1269 20.56 -32.67 -23.92
N ILE B 1270 21.74 -32.65 -24.56
CA ILE B 1270 22.62 -33.81 -24.54
C ILE B 1270 23.12 -34.05 -23.13
N ALA B 1271 23.45 -32.98 -22.42
CA ALA B 1271 23.88 -33.12 -21.03
C ALA B 1271 22.71 -33.55 -20.15
N VAL B 1272 21.51 -33.05 -20.45
CA VAL B 1272 20.32 -33.46 -19.71
C VAL B 1272 20.06 -34.94 -19.90
N ARG B 1273 20.28 -35.43 -21.12
CA ARG B 1273 20.11 -36.85 -21.41
C ARG B 1273 21.18 -37.68 -20.71
N ASN B 1274 22.42 -37.19 -20.70
CA ASN B 1274 23.50 -37.92 -20.05
C ASN B 1274 23.30 -37.99 -18.55
N PHE B 1275 22.80 -36.91 -17.94
CA PHE B 1275 22.53 -36.93 -16.51
C PHE B 1275 21.32 -37.78 -16.19
N HIS B 1276 20.25 -37.65 -16.98
CA HIS B 1276 19.04 -38.42 -16.78
C HIS B 1276 19.24 -39.91 -17.05
N ILE B 1277 20.22 -40.26 -17.88
CA ILE B 1277 20.51 -41.66 -18.13
C ILE B 1277 21.22 -42.26 -16.93
N LEU B 1278 22.20 -41.55 -16.39
CA LEU B 1278 22.83 -41.99 -15.16
C LEU B 1278 21.91 -41.81 -13.96
N ILE B 1279 20.87 -40.98 -14.09
CA ILE B 1279 19.89 -40.82 -13.02
C ILE B 1279 19.20 -42.14 -12.75
N ASN B 1280 18.74 -42.82 -13.80
CA ASN B 1280 18.17 -44.14 -13.62
C ASN B 1280 19.22 -45.16 -13.21
N LEU B 1281 20.44 -45.03 -13.75
CA LEU B 1281 21.49 -46.00 -13.45
C LEU B 1281 21.93 -45.90 -11.99
N VAL B 1282 22.02 -44.69 -11.47
CA VAL B 1282 22.36 -44.54 -10.05
C VAL B 1282 21.12 -44.67 -9.17
N LYS B 1283 19.92 -44.54 -9.74
CA LYS B 1283 18.71 -44.73 -8.97
C LYS B 1283 18.47 -46.21 -8.73
N VAL B 1284 18.90 -47.06 -9.68
CA VAL B 1284 18.88 -48.50 -9.46
C VAL B 1284 19.86 -48.88 -8.35
N PHE B 1285 20.89 -48.07 -8.14
CA PHE B 1285 21.69 -48.19 -6.93
C PHE B 1285 20.92 -47.63 -5.73
N ASP B 1286 20.51 -46.37 -5.80
CA ASP B 1286 19.77 -45.73 -4.71
C ASP B 1286 19.06 -44.48 -5.23
N SER B 1287 17.81 -44.30 -4.83
CA SER B 1287 17.06 -43.12 -5.23
C SER B 1287 16.25 -42.52 -4.10
N ARG B 1288 16.82 -42.40 -2.90
CA ARG B 1288 16.02 -41.86 -1.78
C ARG B 1288 15.73 -40.38 -1.96
N PRO B 1289 16.68 -39.47 -1.80
CA PRO B 1289 16.41 -38.07 -2.12
C PRO B 1289 16.84 -37.73 -3.54
N VAL B 1290 17.56 -38.67 -4.17
CA VAL B 1290 17.99 -38.49 -5.56
C VAL B 1290 16.77 -38.42 -6.47
N LEU B 1291 15.75 -39.23 -6.18
CA LEU B 1291 14.51 -39.15 -6.95
C LEU B 1291 13.83 -37.80 -6.76
N SER B 1292 13.67 -37.36 -5.51
CA SER B 1292 13.03 -36.08 -5.23
C SER B 1292 13.77 -34.90 -5.82
N ILE B 1293 15.10 -34.98 -5.93
CA ILE B 1293 15.88 -33.98 -6.64
C ILE B 1293 15.67 -34.07 -8.14
N CYS B 1294 15.55 -35.29 -8.66
CA CYS B 1294 15.33 -35.47 -10.09
C CYS B 1294 13.96 -34.97 -10.53
N LEU B 1295 12.98 -34.98 -9.63
CA LEU B 1295 11.67 -34.43 -9.96
C LEU B 1295 11.74 -32.93 -10.15
N LYS B 1296 12.39 -32.22 -9.23
CA LYS B 1296 12.55 -30.78 -9.39
C LYS B 1296 13.46 -30.46 -10.56
N TYR B 1297 14.43 -31.33 -10.84
CA TYR B 1297 15.31 -31.12 -11.99
C TYR B 1297 14.55 -31.25 -13.30
N GLY B 1298 13.69 -32.26 -13.42
CA GLY B 1298 12.88 -32.40 -14.60
C GLY B 1298 11.85 -31.30 -14.74
N ARG B 1299 11.32 -30.83 -13.61
CA ARG B 1299 10.37 -29.72 -13.65
C ARG B 1299 11.05 -28.44 -14.09
N LEU B 1300 12.32 -28.26 -13.74
CA LEU B 1300 13.01 -27.04 -14.11
C LEU B 1300 13.53 -27.09 -15.55
N PHE B 1301 14.10 -28.23 -15.97
CA PHE B 1301 14.66 -28.31 -17.31
C PHE B 1301 13.59 -28.27 -18.38
N VAL B 1302 12.44 -28.91 -18.15
CA VAL B 1302 11.36 -28.88 -19.11
C VAL B 1302 10.74 -27.49 -19.18
N GLU B 1303 10.68 -26.80 -18.04
CA GLU B 1303 10.19 -25.43 -18.04
C GLU B 1303 11.14 -24.50 -18.78
N ALA B 1304 12.44 -24.74 -18.68
CA ALA B 1304 13.40 -23.95 -19.45
C ALA B 1304 13.29 -24.26 -20.94
N PHE B 1305 13.02 -25.52 -21.28
CA PHE B 1305 12.81 -25.88 -22.68
C PHE B 1305 11.54 -25.23 -23.24
N LEU B 1306 10.49 -25.14 -22.42
CA LEU B 1306 9.31 -24.39 -22.81
C LEU B 1306 9.60 -22.89 -22.91
N LYS B 1307 10.53 -22.39 -22.09
CA LYS B 1307 10.93 -20.99 -22.21
C LYS B 1307 11.73 -20.76 -23.49
N LEU B 1308 12.42 -21.79 -23.98
CA LEU B 1308 13.25 -21.66 -25.17
C LEU B 1308 12.59 -22.17 -26.44
N ALA B 1309 11.36 -22.69 -26.33
CA ALA B 1309 10.66 -23.22 -27.51
C ALA B 1309 10.29 -22.12 -28.50
N MET B 1310 10.32 -20.86 -28.06
CA MET B 1310 10.17 -19.71 -28.94
C MET B 1310 11.26 -19.75 -30.00
N PRO B 1311 12.49 -20.12 -29.64
CA PRO B 1311 13.52 -20.36 -30.66
C PRO B 1311 13.44 -21.74 -31.29
N LEU B 1312 12.36 -22.48 -31.07
CA LEU B 1312 12.11 -23.69 -31.85
C LEU B 1312 11.05 -23.44 -32.91
N LEU B 1313 10.02 -22.66 -32.57
CA LEU B 1313 8.97 -22.33 -33.52
C LEU B 1313 9.28 -21.09 -34.36
N ASP B 1314 9.78 -20.02 -33.74
CA ASP B 1314 10.25 -18.88 -34.51
C ASP B 1314 11.46 -19.25 -35.34
N HIS B 1315 12.40 -19.98 -34.75
CA HIS B 1315 13.52 -20.53 -35.49
C HIS B 1315 13.22 -21.98 -35.90
N SER B 1316 12.11 -22.14 -36.60
CA SER B 1316 11.79 -23.37 -37.32
C SER B 1316 12.16 -23.26 -38.79
N PHE B 1317 11.94 -22.09 -39.39
CA PHE B 1317 12.53 -21.79 -40.69
C PHE B 1317 14.01 -21.47 -40.55
N LYS B 1318 14.42 -20.97 -39.37
CA LYS B 1318 15.84 -20.84 -39.07
C LYS B 1318 16.42 -22.15 -38.59
N LYS B 1319 15.57 -23.16 -38.35
CA LYS B 1319 16.00 -24.53 -38.18
C LYS B 1319 16.33 -25.21 -39.50
N HIS B 1320 16.16 -24.49 -40.62
CA HIS B 1320 16.61 -24.91 -41.95
C HIS B 1320 15.92 -26.20 -42.38
N ARG B 1321 14.63 -26.06 -42.71
CA ARG B 1321 13.66 -27.13 -42.97
C ARG B 1321 14.18 -28.32 -43.80
N ASP B 1322 15.18 -28.10 -44.66
CA ASP B 1322 15.87 -29.23 -45.28
C ASP B 1322 16.78 -29.97 -44.31
N ASP B 1323 16.99 -29.43 -43.10
CA ASP B 1323 17.68 -30.12 -42.03
C ASP B 1323 17.04 -29.87 -40.67
N VAL B 1324 15.74 -29.58 -40.62
CA VAL B 1324 15.09 -29.30 -39.35
C VAL B 1324 14.49 -30.53 -38.70
N GLN B 1325 14.59 -31.70 -39.33
CA GLN B 1325 14.12 -32.93 -38.71
C GLN B 1325 15.01 -33.31 -37.52
N SER B 1326 16.28 -33.60 -37.79
CA SER B 1326 17.23 -33.91 -36.74
C SER B 1326 17.49 -32.74 -35.80
N LEU B 1327 17.29 -31.51 -36.27
CA LEU B 1327 17.51 -30.31 -35.48
C LEU B 1327 16.58 -30.24 -34.28
N LEU B 1328 15.27 -30.10 -34.50
CA LEU B 1328 14.35 -30.09 -33.38
C LEU B 1328 14.09 -31.49 -32.86
N LYS B 1329 14.52 -32.53 -33.59
CA LYS B 1329 14.25 -33.89 -33.18
C LYS B 1329 15.07 -34.27 -31.96
N THR B 1330 16.27 -33.70 -31.82
CA THR B 1330 17.15 -34.03 -30.70
C THR B 1330 16.51 -33.71 -29.36
N LEU B 1331 16.15 -32.44 -29.15
CA LEU B 1331 15.53 -32.03 -27.89
C LEU B 1331 14.18 -32.69 -27.69
N GLN B 1332 13.41 -32.86 -28.77
CA GLN B 1332 12.07 -33.42 -28.65
C GLN B 1332 12.09 -34.89 -28.26
N LEU B 1333 12.92 -35.70 -28.93
CA LEU B 1333 13.07 -37.10 -28.53
C LEU B 1333 13.80 -37.26 -27.22
N SER B 1334 14.73 -36.36 -26.88
CA SER B 1334 15.47 -36.44 -25.64
C SER B 1334 14.58 -36.15 -24.43
N THR B 1335 13.82 -35.04 -24.49
CA THR B 1335 12.91 -34.70 -23.40
C THR B 1335 11.87 -35.78 -23.21
N ARG B 1336 11.39 -36.37 -24.30
CA ARG B 1336 10.38 -37.41 -24.21
C ARG B 1336 10.95 -38.69 -23.62
N GLN B 1337 12.13 -39.12 -24.09
CA GLN B 1337 12.72 -40.34 -23.58
C GLN B 1337 13.13 -40.18 -22.12
N LEU B 1338 13.54 -38.97 -21.74
CA LEU B 1338 13.88 -38.71 -20.35
C LEU B 1338 12.63 -38.68 -19.49
N HIS B 1339 11.54 -38.10 -20.00
CA HIS B 1339 10.30 -38.03 -19.24
C HIS B 1339 9.68 -39.39 -19.04
N HIS B 1340 9.77 -40.26 -20.06
CA HIS B 1340 9.40 -41.66 -19.87
C HIS B 1340 10.36 -42.36 -18.91
N MET B 1341 11.62 -41.93 -18.88
CA MET B 1341 12.55 -42.40 -17.86
C MET B 1341 12.33 -41.71 -16.53
N CYS B 1342 11.52 -40.65 -16.48
CA CYS B 1342 11.29 -39.87 -15.27
C CYS B 1342 10.10 -40.37 -14.45
N GLY B 1343 9.47 -41.46 -14.84
CA GLY B 1343 8.26 -41.89 -14.18
C GLY B 1343 8.39 -42.68 -12.89
N HIS B 1344 8.98 -43.88 -13.00
CA HIS B 1344 8.70 -45.00 -12.09
C HIS B 1344 9.39 -44.91 -10.74
N SER B 1345 9.86 -43.74 -10.31
CA SER B 1345 10.52 -43.67 -9.02
C SER B 1345 9.63 -43.06 -7.94
N LYS B 1346 9.10 -41.87 -8.18
CA LYS B 1346 8.31 -41.16 -7.18
C LYS B 1346 6.84 -41.52 -7.35
N ILE B 1347 6.52 -42.80 -7.11
CA ILE B 1347 5.18 -43.32 -7.37
C ILE B 1347 4.61 -44.11 -6.21
N HIS B 1348 5.27 -44.16 -5.05
CA HIS B 1348 4.78 -44.93 -3.92
C HIS B 1348 3.67 -44.19 -3.18
N GLN B 1349 2.55 -43.97 -3.85
CA GLN B 1349 1.39 -43.29 -3.29
C GLN B 1349 0.12 -44.03 -3.68
N ASP B 1350 0.16 -45.36 -3.53
CA ASP B 1350 -0.94 -46.28 -3.86
C ASP B 1350 -1.29 -46.21 -5.35
N LEU B 1351 -0.25 -46.36 -6.18
CA LEU B 1351 -0.36 -46.53 -7.63
C LEU B 1351 -1.08 -45.36 -8.29
N GLY B 1352 -0.67 -44.15 -7.92
CA GLY B 1352 -1.29 -42.95 -8.46
C GLY B 1352 -0.34 -42.10 -9.26
N LEU B 1353 0.95 -42.18 -8.94
CA LEU B 1353 1.96 -41.36 -9.61
C LEU B 1353 2.81 -42.13 -10.61
N THR B 1354 2.36 -43.34 -11.01
CA THR B 1354 3.07 -44.09 -12.04
C THR B 1354 3.07 -43.39 -13.39
N ASN B 1355 2.07 -42.53 -13.64
CA ASN B 1355 2.04 -41.69 -14.83
C ASN B 1355 1.71 -40.23 -14.53
N HIS B 1356 1.74 -39.81 -13.27
CA HIS B 1356 1.56 -38.39 -12.98
C HIS B 1356 2.74 -37.59 -13.51
N VAL B 1357 3.95 -38.15 -13.42
CA VAL B 1357 5.08 -37.60 -14.17
C VAL B 1357 4.80 -37.70 -15.66
N PRO B 1358 4.22 -38.78 -16.18
CA PRO B 1358 3.82 -38.76 -17.59
C PRO B 1358 2.64 -37.84 -17.85
N LEU B 1359 1.83 -37.56 -16.83
CA LEU B 1359 0.78 -36.56 -17.00
C LEU B 1359 1.36 -35.16 -17.18
N LEU B 1360 2.42 -34.85 -16.44
CA LEU B 1360 3.15 -33.61 -16.72
C LEU B 1360 3.87 -33.69 -18.06
N LYS B 1361 4.37 -34.87 -18.41
CA LYS B 1361 5.10 -35.05 -19.67
C LYS B 1361 4.19 -34.88 -20.87
N LYS B 1362 2.88 -35.07 -20.69
CA LYS B 1362 1.93 -34.86 -21.78
C LYS B 1362 1.91 -33.40 -22.22
N SER B 1363 2.21 -32.47 -21.30
CA SER B 1363 2.30 -31.06 -21.68
C SER B 1363 3.48 -30.85 -22.64
N LEU B 1364 4.62 -31.45 -22.33
CA LEU B 1364 5.77 -31.37 -23.22
C LEU B 1364 5.52 -32.10 -24.53
N GLU B 1365 4.81 -33.22 -24.49
CA GLU B 1365 4.49 -33.94 -25.72
C GLU B 1365 3.54 -33.15 -26.59
N GLN B 1366 2.61 -32.42 -25.97
CA GLN B 1366 1.71 -31.57 -26.74
C GLN B 1366 2.44 -30.37 -27.33
N PHE B 1367 3.38 -29.80 -26.57
CA PHE B 1367 4.19 -28.70 -27.10
C PHE B 1367 5.07 -29.19 -28.25
N VAL B 1368 5.56 -30.43 -28.15
CA VAL B 1368 6.35 -31.03 -29.22
C VAL B 1368 5.48 -31.30 -30.44
N TYR B 1369 4.22 -31.67 -30.22
CA TYR B 1369 3.28 -31.82 -31.34
C TYR B 1369 3.03 -30.48 -32.03
N ARG B 1370 2.82 -29.42 -31.25
CA ARG B 1370 2.61 -28.10 -31.83
C ARG B 1370 3.85 -27.60 -32.57
N VAL B 1371 5.03 -27.96 -32.08
CA VAL B 1371 6.26 -27.51 -32.74
C VAL B 1371 6.54 -28.34 -33.98
N LYS B 1372 6.17 -29.63 -33.96
CA LYS B 1372 6.32 -30.48 -35.13
C LYS B 1372 5.37 -30.06 -36.24
N ALA B 1373 4.16 -29.63 -35.86
CA ALA B 1373 3.27 -29.03 -36.84
C ALA B 1373 3.74 -27.62 -37.24
N MET B 1374 4.51 -26.97 -36.37
CA MET B 1374 4.95 -25.62 -36.68
C MET B 1374 6.14 -25.61 -37.63
N LEU B 1375 7.05 -26.57 -37.47
CA LEU B 1375 8.28 -26.61 -38.26
C LEU B 1375 8.04 -26.97 -39.72
#